data_1V8P
#
_entry.id   1V8P
#
_cell.length_a   60.560
_cell.length_b   165.190
_cell.length_c   203.350
_cell.angle_alpha   90.00
_cell.angle_beta   90.00
_cell.angle_gamma   90.00
#
_symmetry.space_group_name_H-M   'P 21 21 21'
#
loop_
_entity.id
_entity.type
_entity.pdbx_description
1 polymer 'hypothetical protein PAE2754'
2 non-polymer 'CHLORIDE ION'
3 water water
#
_entity_poly.entity_id   1
_entity_poly.type   'polypeptide(L)'
_entity_poly.pdbx_seq_one_letter_code
;MSYYHHHHHHDYDIPTTENLYFQGAMAVEYLVDASALYALAAHYDKWIKHREKLAILHLTIYEAGNALWKEARLGRVDWA
AASRHLKKVLSSFKVLEDPPLDEVLRVAVERGLTFYDASYAYVAESSGLVLVTQDRELLAKTKGAIDVETLLVRLAAQ
;
_entity_poly.pdbx_strand_id   A,B,C,D,E,F,G,H,I,J,K,L
#
# COMPACT_ATOMS: atom_id res chain seq x y z
N ALA A 27 -36.32 11.26 -3.64
CA ALA A 27 -35.73 9.90 -3.54
C ALA A 27 -34.27 9.88 -4.01
N VAL A 28 -33.61 8.74 -3.83
CA VAL A 28 -32.20 8.57 -4.22
C VAL A 28 -31.99 7.89 -5.57
N GLU A 29 -31.21 8.54 -6.42
CA GLU A 29 -30.90 8.02 -7.75
C GLU A 29 -29.42 7.66 -7.88
N TYR A 30 -28.55 8.51 -7.33
CA TYR A 30 -27.11 8.26 -7.44
C TYR A 30 -26.36 7.97 -6.14
N LEU A 31 -25.50 6.95 -6.21
CA LEU A 31 -24.65 6.54 -5.10
C LEU A 31 -23.27 7.09 -5.44
N VAL A 32 -22.83 8.07 -4.66
CA VAL A 32 -21.52 8.71 -4.85
C VAL A 32 -20.41 8.14 -3.95
N ASP A 33 -19.30 7.71 -4.55
CA ASP A 33 -18.18 7.18 -3.77
C ASP A 33 -17.23 8.28 -3.31
N ALA A 34 -16.11 7.88 -2.72
CA ALA A 34 -15.14 8.83 -2.19
C ALA A 34 -14.45 9.73 -3.22
N SER A 35 -13.91 9.15 -4.29
CA SER A 35 -13.26 9.97 -5.31
C SER A 35 -14.25 10.99 -5.90
N ALA A 36 -15.50 10.57 -6.08
CA ALA A 36 -16.52 11.46 -6.63
C ALA A 36 -16.93 12.51 -5.60
N LEU A 37 -17.20 12.06 -4.38
CA LEU A 37 -17.60 12.95 -3.27
C LEU A 37 -16.55 14.04 -3.14
N TYR A 38 -15.28 13.65 -3.25
CA TYR A 38 -14.15 14.56 -3.11
C TYR A 38 -14.11 15.67 -4.17
N ALA A 39 -14.44 15.34 -5.41
CA ALA A 39 -14.42 16.33 -6.48
C ALA A 39 -15.65 17.21 -6.30
N LEU A 40 -16.81 16.57 -6.15
CA LEU A 40 -18.06 17.29 -5.98
C LEU A 40 -17.97 18.34 -4.88
N ALA A 41 -17.09 18.12 -3.91
CA ALA A 41 -16.91 19.07 -2.82
C ALA A 41 -16.44 20.44 -3.30
N ALA A 42 -16.11 20.54 -4.58
CA ALA A 42 -15.64 21.82 -5.14
C ALA A 42 -16.72 22.41 -6.03
N HIS A 43 -17.79 21.65 -6.22
CA HIS A 43 -18.94 22.06 -7.02
C HIS A 43 -20.20 22.00 -6.16
N TYR A 44 -20.13 22.63 -4.99
CA TYR A 44 -21.26 22.64 -4.05
C TYR A 44 -22.55 23.18 -4.67
N ASP A 45 -22.48 24.40 -5.20
CA ASP A 45 -23.64 25.04 -5.81
C ASP A 45 -24.29 24.22 -6.93
N LYS A 46 -23.50 23.39 -7.61
CA LYS A 46 -24.03 22.60 -8.71
C LYS A 46 -24.90 21.41 -8.32
N TRP A 47 -24.84 20.97 -7.08
CA TRP A 47 -25.67 19.82 -6.71
C TRP A 47 -26.46 19.89 -5.40
N ILE A 48 -26.27 20.92 -4.56
CA ILE A 48 -27.04 20.92 -3.30
C ILE A 48 -28.53 20.75 -3.53
N LYS A 49 -29.10 21.64 -4.34
CA LYS A 49 -30.51 21.61 -4.67
C LYS A 49 -30.96 20.23 -5.15
N HIS A 50 -30.01 19.37 -5.50
CA HIS A 50 -30.32 18.03 -5.97
C HIS A 50 -29.93 16.95 -4.95
N ARG A 51 -29.49 17.39 -3.76
CA ARG A 51 -29.03 16.49 -2.70
C ARG A 51 -29.90 15.26 -2.44
N GLU A 52 -31.21 15.43 -2.32
CA GLU A 52 -32.10 14.29 -2.04
C GLU A 52 -31.97 13.14 -3.02
N LYS A 53 -31.30 13.39 -4.15
CA LYS A 53 -31.10 12.33 -5.15
C LYS A 53 -29.71 11.71 -4.96
N LEU A 54 -28.96 12.27 -4.01
CA LEU A 54 -27.59 11.85 -3.69
C LEU A 54 -27.37 11.14 -2.32
N ALA A 55 -26.75 9.96 -2.38
CA ALA A 55 -26.44 9.18 -1.16
C ALA A 55 -25.00 8.60 -1.22
N ILE A 56 -24.47 8.23 -0.06
CA ILE A 56 -23.13 7.64 0.04
C ILE A 56 -23.23 6.40 0.89
N LEU A 57 -22.08 5.87 1.29
CA LEU A 57 -22.06 4.72 2.18
C LEU A 57 -21.45 5.28 3.46
N HIS A 58 -21.55 4.52 4.56
CA HIS A 58 -20.93 4.98 5.79
C HIS A 58 -19.44 5.04 5.50
N LEU A 59 -18.99 4.15 4.62
CA LEU A 59 -17.60 4.05 4.20
C LEU A 59 -17.10 5.36 3.63
N THR A 60 -17.95 6.03 2.86
CA THR A 60 -17.58 7.28 2.21
C THR A 60 -17.01 8.30 3.18
N ILE A 61 -17.50 8.29 4.42
CA ILE A 61 -17.01 9.26 5.39
C ILE A 61 -15.54 8.96 5.74
N TYR A 62 -15.25 7.69 6.00
CA TYR A 62 -13.91 7.28 6.38
C TYR A 62 -12.90 7.44 5.24
N GLU A 63 -13.31 7.10 4.03
CA GLU A 63 -12.43 7.26 2.87
C GLU A 63 -12.14 8.74 2.59
N ALA A 64 -13.15 9.59 2.70
CA ALA A 64 -12.91 11.00 2.44
C ALA A 64 -11.91 11.53 3.49
N GLY A 65 -12.22 11.31 4.77
CA GLY A 65 -11.34 11.74 5.84
C GLY A 65 -9.91 11.23 5.66
N ASN A 66 -9.75 10.03 5.12
CA ASN A 66 -8.42 9.48 4.92
C ASN A 66 -7.64 10.14 3.80
N ALA A 67 -8.35 10.77 2.87
CA ALA A 67 -7.71 11.44 1.75
C ALA A 67 -7.23 12.78 2.25
N LEU A 68 -8.05 13.44 3.08
CA LEU A 68 -7.65 14.73 3.60
C LEU A 68 -6.46 14.53 4.53
N TRP A 69 -6.49 13.42 5.27
CA TRP A 69 -5.42 13.11 6.19
C TRP A 69 -4.11 13.02 5.42
N LYS A 70 -4.15 12.34 4.28
CA LYS A 70 -2.96 12.21 3.45
C LYS A 70 -2.46 13.57 3.01
N GLU A 71 -3.37 14.47 2.66
CA GLU A 71 -2.97 15.79 2.24
C GLU A 71 -2.39 16.57 3.41
N ALA A 72 -2.93 16.34 4.59
CA ALA A 72 -2.44 17.04 5.77
C ALA A 72 -1.03 16.52 6.11
N ARG A 73 -0.84 15.23 5.93
CA ARG A 73 0.43 14.58 6.20
C ARG A 73 1.48 15.12 5.26
N LEU A 74 1.05 15.47 4.05
CA LEU A 74 1.97 15.95 3.01
C LEU A 74 2.14 17.46 2.92
N GLY A 75 1.80 18.16 3.98
CA GLY A 75 2.02 19.59 3.97
C GLY A 75 0.87 20.55 3.82
N ARG A 76 -0.34 20.07 3.57
CA ARG A 76 -1.44 20.99 3.41
C ARG A 76 -1.64 21.77 4.70
N VAL A 77 -1.56 23.08 4.59
CA VAL A 77 -1.67 23.99 5.74
C VAL A 77 -3.07 24.20 6.31
N ASP A 78 -4.07 24.32 5.44
CA ASP A 78 -5.44 24.55 5.86
C ASP A 78 -6.24 23.27 6.06
N TRP A 79 -5.63 22.23 6.61
CA TRP A 79 -6.36 20.98 6.78
C TRP A 79 -7.55 21.11 7.74
N ALA A 80 -7.35 21.77 8.87
CA ALA A 80 -8.43 21.93 9.85
C ALA A 80 -9.65 22.59 9.21
N ALA A 81 -9.43 23.71 8.54
CA ALA A 81 -10.51 24.42 7.88
C ALA A 81 -11.15 23.58 6.79
N ALA A 82 -10.32 22.86 6.04
CA ALA A 82 -10.80 22.02 4.95
C ALA A 82 -11.63 20.88 5.50
N SER A 83 -11.27 20.40 6.68
CA SER A 83 -12.00 19.28 7.27
C SER A 83 -13.43 19.69 7.61
N ARG A 84 -13.66 20.96 7.90
CA ARG A 84 -15.02 21.45 8.23
C ARG A 84 -15.93 21.52 7.00
N HIS A 85 -15.35 21.96 5.89
CA HIS A 85 -16.08 22.08 4.62
C HIS A 85 -16.47 20.67 4.16
N LEU A 86 -15.56 19.72 4.39
CA LEU A 86 -15.77 18.32 4.00
C LEU A 86 -16.87 17.72 4.89
N LYS A 87 -16.95 18.21 6.13
CA LYS A 87 -17.95 17.77 7.08
C LYS A 87 -19.32 18.14 6.55
N LYS A 88 -19.46 19.42 6.21
CA LYS A 88 -20.68 19.99 5.66
C LYS A 88 -21.12 19.25 4.40
N VAL A 89 -20.20 19.14 3.43
CA VAL A 89 -20.50 18.44 2.19
C VAL A 89 -21.05 17.05 2.49
N LEU A 90 -20.26 16.24 3.19
CA LEU A 90 -20.66 14.88 3.52
C LEU A 90 -22.03 14.76 4.21
N SER A 91 -22.36 15.76 5.01
CA SER A 91 -23.61 15.78 5.74
C SER A 91 -24.82 16.04 4.85
N SER A 92 -24.58 16.56 3.65
CA SER A 92 -25.68 16.84 2.73
C SER A 92 -26.15 15.59 2.00
N PHE A 93 -25.54 14.44 2.29
CA PHE A 93 -25.89 13.18 1.61
C PHE A 93 -26.56 12.13 2.49
N LYS A 94 -27.57 11.47 1.95
CA LYS A 94 -28.24 10.42 2.68
C LYS A 94 -27.23 9.31 2.80
N VAL A 95 -27.40 8.43 3.80
CA VAL A 95 -26.45 7.35 4.01
C VAL A 95 -27.16 6.00 3.96
N LEU A 96 -26.81 5.18 2.97
CA LEU A 96 -27.40 3.85 2.83
C LEU A 96 -26.92 2.86 3.88
N GLU A 97 -27.69 1.81 4.07
CA GLU A 97 -27.34 0.76 5.01
C GLU A 97 -26.13 0.03 4.48
N ASP A 98 -25.37 -0.58 5.38
CA ASP A 98 -24.19 -1.32 4.97
C ASP A 98 -24.66 -2.59 4.26
N PRO A 99 -23.93 -3.02 3.21
CA PRO A 99 -24.27 -4.22 2.42
C PRO A 99 -23.86 -5.50 3.14
N PRO A 100 -24.37 -6.64 2.66
CA PRO A 100 -23.99 -7.91 3.30
C PRO A 100 -22.56 -8.21 2.90
N LEU A 101 -21.63 -8.07 3.85
CA LEU A 101 -20.21 -8.33 3.61
C LEU A 101 -20.14 -9.54 2.71
N ASP A 102 -21.12 -10.40 2.92
CA ASP A 102 -21.35 -11.64 2.19
C ASP A 102 -21.25 -11.38 0.69
N GLU A 103 -22.27 -10.69 0.18
CA GLU A 103 -22.39 -10.35 -1.23
C GLU A 103 -21.16 -9.67 -1.75
N VAL A 104 -20.98 -8.42 -1.32
CA VAL A 104 -19.85 -7.59 -1.68
C VAL A 104 -18.57 -8.35 -1.98
N LEU A 105 -18.20 -9.26 -1.08
CA LEU A 105 -17.01 -10.04 -1.26
C LEU A 105 -17.02 -10.75 -2.61
N ARG A 106 -18.18 -11.33 -2.95
CA ARG A 106 -18.36 -12.07 -4.20
C ARG A 106 -18.15 -11.14 -5.41
N VAL A 107 -18.80 -9.97 -5.38
CA VAL A 107 -18.65 -9.02 -6.45
C VAL A 107 -17.19 -8.69 -6.67
N ALA A 108 -16.46 -8.52 -5.59
CA ALA A 108 -15.04 -8.17 -5.66
C ALA A 108 -14.16 -9.28 -6.21
N VAL A 109 -14.40 -10.50 -5.76
CA VAL A 109 -13.58 -11.62 -6.25
C VAL A 109 -13.81 -11.80 -7.75
N GLU A 110 -15.06 -11.75 -8.16
CA GLU A 110 -15.43 -11.95 -9.56
C GLU A 110 -15.01 -10.83 -10.49
N ARG A 111 -15.19 -9.59 -10.06
CA ARG A 111 -14.84 -8.45 -10.90
C ARG A 111 -13.47 -7.86 -10.64
N GLY A 112 -12.65 -8.59 -9.88
CA GLY A 112 -11.31 -8.12 -9.57
C GLY A 112 -11.20 -6.74 -8.96
N LEU A 113 -12.11 -6.41 -8.06
CA LEU A 113 -12.08 -5.11 -7.38
C LEU A 113 -11.67 -5.35 -5.94
N THR A 114 -11.45 -4.27 -5.21
CA THR A 114 -11.09 -4.38 -3.80
C THR A 114 -12.43 -4.46 -3.10
N PHE A 115 -12.42 -4.83 -1.83
CA PHE A 115 -13.65 -4.94 -1.07
C PHE A 115 -14.34 -3.55 -0.95
N TYR A 116 -13.56 -2.47 -0.88
CA TYR A 116 -14.14 -1.14 -0.77
C TYR A 116 -14.88 -0.73 -2.06
N ASP A 117 -14.20 -0.81 -3.20
CA ASP A 117 -14.81 -0.46 -4.47
C ASP A 117 -16.00 -1.37 -4.74
N ALA A 118 -15.80 -2.68 -4.59
CA ALA A 118 -16.87 -3.65 -4.83
C ALA A 118 -18.11 -3.28 -4.00
N SER A 119 -17.90 -2.79 -2.79
CA SER A 119 -19.01 -2.38 -1.93
C SER A 119 -19.92 -1.38 -2.63
N TYR A 120 -19.32 -0.50 -3.45
CA TYR A 120 -20.10 0.51 -4.16
C TYR A 120 -20.77 -0.07 -5.40
N ALA A 121 -20.08 -0.98 -6.07
CA ALA A 121 -20.64 -1.61 -7.26
C ALA A 121 -21.89 -2.39 -6.86
N TYR A 122 -21.86 -3.04 -5.69
CA TYR A 122 -22.97 -3.85 -5.20
C TYR A 122 -24.20 -3.04 -4.83
N VAL A 123 -24.01 -2.04 -3.97
CA VAL A 123 -25.12 -1.21 -3.53
C VAL A 123 -25.86 -0.59 -4.71
N ALA A 124 -25.14 0.16 -5.54
CA ALA A 124 -25.74 0.81 -6.71
C ALA A 124 -26.53 -0.19 -7.58
N GLU A 125 -25.90 -1.30 -7.97
CA GLU A 125 -26.59 -2.28 -8.78
C GLU A 125 -27.80 -2.85 -8.03
N SER A 126 -27.54 -3.61 -6.97
CA SER A 126 -28.61 -4.21 -6.17
C SER A 126 -29.69 -3.21 -5.73
N SER A 127 -29.39 -1.92 -5.78
CA SER A 127 -30.35 -0.89 -5.38
C SER A 127 -30.83 -0.07 -6.57
N GLY A 128 -30.50 -0.52 -7.77
CA GLY A 128 -30.90 0.18 -8.99
C GLY A 128 -30.50 1.63 -9.04
N LEU A 129 -29.35 1.94 -8.47
CA LEU A 129 -28.84 3.30 -8.45
C LEU A 129 -27.71 3.45 -9.46
N VAL A 130 -27.41 4.70 -9.84
CA VAL A 130 -26.31 4.94 -10.76
C VAL A 130 -25.06 5.31 -9.96
N LEU A 131 -24.09 4.40 -9.97
CA LEU A 131 -22.84 4.60 -9.25
C LEU A 131 -22.09 5.75 -9.89
N VAL A 132 -21.75 6.74 -9.07
CA VAL A 132 -21.00 7.89 -9.55
C VAL A 132 -19.59 7.76 -8.97
N THR A 133 -18.61 7.55 -9.85
CA THR A 133 -17.23 7.40 -9.43
C THR A 133 -16.22 8.05 -10.36
N GLN A 134 -15.14 8.55 -9.77
CA GLN A 134 -14.10 9.19 -10.54
C GLN A 134 -13.01 8.16 -10.86
N ASP A 135 -13.33 6.89 -10.59
CA ASP A 135 -12.41 5.77 -10.80
C ASP A 135 -12.73 4.98 -12.07
N ARG A 136 -11.87 5.12 -13.06
CA ARG A 136 -12.01 4.42 -14.34
C ARG A 136 -12.29 2.92 -14.18
N GLU A 137 -11.62 2.29 -13.23
CA GLU A 137 -11.80 0.87 -12.99
C GLU A 137 -13.24 0.53 -12.57
N LEU A 138 -13.86 1.42 -11.80
CA LEU A 138 -15.24 1.20 -11.36
C LEU A 138 -16.23 1.60 -12.45
N LEU A 139 -15.91 2.66 -13.19
CA LEU A 139 -16.78 3.12 -14.28
C LEU A 139 -17.01 1.98 -15.24
N ALA A 140 -15.98 1.18 -15.45
CA ALA A 140 -16.05 0.06 -16.36
C ALA A 140 -16.64 -1.25 -15.81
N LYS A 141 -16.62 -1.44 -14.50
CA LYS A 141 -17.13 -2.70 -13.96
C LYS A 141 -18.48 -2.64 -13.26
N THR A 142 -19.14 -1.49 -13.38
CA THR A 142 -20.43 -1.31 -12.75
C THR A 142 -21.45 -0.77 -13.76
N LYS A 143 -22.37 -1.66 -14.14
CA LYS A 143 -23.41 -1.33 -15.10
C LYS A 143 -23.96 0.07 -14.87
N GLY A 144 -23.94 0.89 -15.92
CA GLY A 144 -24.47 2.24 -15.85
C GLY A 144 -23.77 3.26 -14.98
N ALA A 145 -22.55 2.97 -14.53
CA ALA A 145 -21.80 3.91 -13.69
C ALA A 145 -21.31 5.09 -14.55
N ILE A 146 -21.35 6.28 -13.97
CA ILE A 146 -20.95 7.51 -14.65
C ILE A 146 -19.97 8.31 -13.77
N ASP A 147 -19.25 9.27 -14.36
CA ASP A 147 -18.30 10.05 -13.59
C ASP A 147 -18.90 11.35 -13.08
N VAL A 148 -18.09 12.17 -12.42
CA VAL A 148 -18.56 13.44 -11.87
C VAL A 148 -19.14 14.38 -12.90
N GLU A 149 -18.37 14.65 -13.96
CA GLU A 149 -18.81 15.53 -15.04
C GLU A 149 -20.14 15.03 -15.61
N THR A 150 -20.19 13.74 -15.92
CA THR A 150 -21.41 13.14 -16.44
C THR A 150 -22.59 13.46 -15.52
N LEU A 151 -22.42 13.23 -14.22
CA LEU A 151 -23.48 13.50 -13.25
C LEU A 151 -23.87 14.97 -13.24
N LEU A 152 -22.89 15.85 -13.44
CA LEU A 152 -23.15 17.27 -13.43
C LEU A 152 -23.91 17.79 -14.65
N VAL A 153 -23.70 17.16 -15.81
CA VAL A 153 -24.41 17.61 -17.01
C VAL A 153 -25.89 17.26 -16.80
N ARG A 154 -26.14 16.05 -16.30
CA ARG A 154 -27.51 15.60 -16.06
C ARG A 154 -28.27 16.56 -15.14
N LEU A 155 -27.79 16.75 -13.92
CA LEU A 155 -28.45 17.66 -13.00
C LEU A 155 -28.72 19.02 -13.65
N ALA A 156 -27.85 19.42 -14.58
CA ALA A 156 -27.99 20.69 -15.27
C ALA A 156 -29.27 20.67 -16.10
N ALA A 157 -29.54 19.53 -16.71
CA ALA A 157 -30.74 19.33 -17.52
C ALA A 157 -31.99 19.41 -16.66
N GLN A 158 -32.06 18.58 -15.63
CA GLN A 158 -33.22 18.54 -14.73
C GLN A 158 -33.33 19.85 -13.94
N MET B 26 -25.81 3.86 28.38
CA MET B 26 -25.59 2.69 27.47
C MET B 26 -24.96 1.49 28.19
N ALA B 27 -25.31 0.30 27.71
CA ALA B 27 -24.81 -0.95 28.26
C ALA B 27 -23.50 -1.34 27.57
N VAL B 28 -23.19 -0.69 26.45
CA VAL B 28 -21.97 -0.97 25.72
C VAL B 28 -20.73 -0.47 26.49
N GLU B 29 -19.72 -1.32 26.58
CA GLU B 29 -18.47 -1.01 27.29
C GLU B 29 -17.24 -1.06 26.39
N TYR B 30 -17.29 -1.88 25.35
CA TYR B 30 -16.14 -2.02 24.44
C TYR B 30 -16.40 -1.72 22.96
N LEU B 31 -15.44 -1.02 22.35
CA LEU B 31 -15.45 -0.70 20.92
C LEU B 31 -14.39 -1.60 20.33
N VAL B 32 -14.79 -2.53 19.47
CA VAL B 32 -13.88 -3.49 18.85
C VAL B 32 -13.53 -3.05 17.42
N ASP B 33 -12.25 -3.05 17.07
CA ASP B 33 -11.86 -2.64 15.71
C ASP B 33 -11.63 -3.85 14.81
N ALA B 34 -11.22 -3.58 13.56
CA ALA B 34 -11.01 -4.64 12.56
C ALA B 34 -10.04 -5.74 12.98
N SER B 35 -8.90 -5.37 13.55
CA SER B 35 -7.94 -6.38 13.99
C SER B 35 -8.51 -7.12 15.20
N ALA B 36 -9.18 -6.43 16.11
CA ALA B 36 -9.76 -7.09 17.27
C ALA B 36 -10.86 -8.06 16.82
N LEU B 37 -11.83 -7.50 16.09
CA LEU B 37 -12.98 -8.24 15.56
C LEU B 37 -12.54 -9.49 14.81
N TYR B 38 -11.53 -9.37 13.97
CA TYR B 38 -11.02 -10.48 13.16
C TYR B 38 -10.52 -11.65 14.00
N ALA B 39 -9.89 -11.36 15.13
CA ALA B 39 -9.40 -12.41 15.99
C ALA B 39 -10.57 -12.97 16.81
N LEU B 40 -11.41 -12.07 17.31
CA LEU B 40 -12.55 -12.47 18.11
C LEU B 40 -13.41 -13.50 17.43
N ALA B 41 -13.44 -13.47 16.10
CA ALA B 41 -14.27 -14.39 15.34
C ALA B 41 -13.91 -15.87 15.57
N ALA B 42 -12.81 -16.14 16.26
CA ALA B 42 -12.41 -17.53 16.48
C ALA B 42 -12.61 -17.92 17.94
N HIS B 43 -13.29 -17.06 18.68
CA HIS B 43 -13.59 -17.26 20.09
C HIS B 43 -15.05 -16.86 20.27
N TYR B 44 -15.89 -17.27 19.32
CA TYR B 44 -17.30 -16.91 19.37
C TYR B 44 -17.96 -17.13 20.74
N ASP B 45 -17.89 -18.36 21.24
CA ASP B 45 -18.50 -18.72 22.51
C ASP B 45 -18.04 -17.93 23.72
N LYS B 46 -16.80 -17.47 23.70
CA LYS B 46 -16.25 -16.73 24.83
C LYS B 46 -16.81 -15.32 25.05
N TRP B 47 -17.34 -14.68 24.01
CA TRP B 47 -17.89 -13.34 24.16
C TRP B 47 -19.34 -13.18 23.74
N ILE B 48 -19.85 -14.10 22.94
CA ILE B 48 -21.22 -13.99 22.45
C ILE B 48 -22.28 -13.70 23.52
N LYS B 49 -22.02 -14.11 24.75
CA LYS B 49 -22.95 -13.90 25.86
C LYS B 49 -22.83 -12.47 26.41
N HIS B 50 -21.70 -11.81 26.13
CA HIS B 50 -21.47 -10.46 26.62
C HIS B 50 -21.65 -9.41 25.51
N ARG B 51 -22.08 -9.87 24.34
CA ARG B 51 -22.28 -9.04 23.16
C ARG B 51 -22.89 -7.65 23.39
N GLU B 52 -23.91 -7.54 24.23
CA GLU B 52 -24.54 -6.26 24.47
C GLU B 52 -23.62 -5.21 25.07
N LYS B 53 -22.37 -5.60 25.31
CA LYS B 53 -21.37 -4.68 25.86
C LYS B 53 -20.32 -4.38 24.78
N LEU B 54 -20.49 -5.06 23.64
CA LEU B 54 -19.60 -4.96 22.48
C LEU B 54 -20.15 -4.20 21.28
N ALA B 55 -19.43 -3.15 20.87
CA ALA B 55 -19.83 -2.34 19.71
C ALA B 55 -18.68 -2.18 18.72
N ILE B 56 -19.02 -1.79 17.49
CA ILE B 56 -18.05 -1.56 16.41
C ILE B 56 -18.48 -0.28 15.69
N LEU B 57 -17.64 0.21 14.77
CA LEU B 57 -18.00 1.40 13.99
C LEU B 57 -18.50 0.86 12.64
N HIS B 58 -19.12 1.71 11.84
CA HIS B 58 -19.58 1.27 10.51
C HIS B 58 -18.38 0.86 9.65
N LEU B 59 -17.26 1.54 9.86
CA LEU B 59 -16.01 1.28 9.16
C LEU B 59 -15.58 -0.16 9.34
N THR B 60 -15.83 -0.68 10.53
CA THR B 60 -15.43 -2.04 10.89
C THR B 60 -15.85 -3.09 9.88
N ILE B 61 -17.07 -2.94 9.34
CA ILE B 61 -17.62 -3.87 8.36
C ILE B 61 -16.71 -3.94 7.13
N TYR B 62 -16.44 -2.78 6.55
CA TYR B 62 -15.59 -2.69 5.37
C TYR B 62 -14.17 -3.18 5.63
N GLU B 63 -13.54 -2.72 6.70
CA GLU B 63 -12.19 -3.17 7.03
C GLU B 63 -12.10 -4.69 7.13
N ALA B 64 -13.05 -5.31 7.83
CA ALA B 64 -13.04 -6.75 7.98
C ALA B 64 -13.24 -7.47 6.64
N GLY B 65 -14.16 -6.96 5.83
CA GLY B 65 -14.41 -7.53 4.53
C GLY B 65 -13.19 -7.42 3.63
N ASN B 66 -12.44 -6.34 3.79
CA ASN B 66 -11.24 -6.16 2.97
C ASN B 66 -10.15 -7.17 3.37
N ALA B 67 -10.05 -7.47 4.66
CA ALA B 67 -9.06 -8.43 5.14
C ALA B 67 -9.34 -9.84 4.61
N LEU B 68 -10.61 -10.22 4.56
CA LEU B 68 -10.99 -11.53 4.05
C LEU B 68 -10.68 -11.52 2.55
N TRP B 69 -11.06 -10.44 1.88
CA TRP B 69 -10.82 -10.28 0.46
C TRP B 69 -9.34 -10.51 0.11
N LYS B 70 -8.44 -9.87 0.86
CA LYS B 70 -7.01 -10.05 0.60
C LYS B 70 -6.64 -11.52 0.73
N GLU B 71 -7.27 -12.21 1.68
CA GLU B 71 -6.97 -13.62 1.90
C GLU B 71 -7.42 -14.48 0.72
N ALA B 72 -8.54 -14.10 0.13
CA ALA B 72 -9.07 -14.84 -1.01
C ALA B 72 -8.18 -14.55 -2.21
N ARG B 73 -7.84 -13.27 -2.39
CA ARG B 73 -6.96 -12.88 -3.48
C ARG B 73 -5.69 -13.67 -3.38
N LEU B 74 -5.34 -14.09 -2.17
CA LEU B 74 -4.11 -14.85 -1.97
C LEU B 74 -4.26 -16.35 -1.96
N GLY B 75 -5.38 -16.85 -2.45
CA GLY B 75 -5.57 -18.30 -2.50
C GLY B 75 -6.31 -18.97 -1.37
N ARG B 76 -7.17 -18.22 -0.67
CA ARG B 76 -7.92 -18.84 0.40
C ARG B 76 -9.16 -19.50 -0.20
N VAL B 77 -9.14 -20.83 -0.26
CA VAL B 77 -10.23 -21.60 -0.84
C VAL B 77 -11.58 -21.42 -0.13
N ASP B 78 -11.59 -21.64 1.18
CA ASP B 78 -12.82 -21.54 1.97
C ASP B 78 -13.31 -20.12 2.23
N TRP B 79 -13.12 -19.23 1.26
CA TRP B 79 -13.53 -17.83 1.45
C TRP B 79 -15.02 -17.60 1.34
N ALA B 80 -15.71 -18.46 0.60
CA ALA B 80 -17.15 -18.32 0.45
C ALA B 80 -17.81 -18.55 1.80
N ALA B 81 -17.53 -19.71 2.40
CA ALA B 81 -18.07 -20.08 3.70
C ALA B 81 -17.60 -19.12 4.80
N ALA B 82 -16.32 -18.77 4.76
CA ALA B 82 -15.77 -17.87 5.77
C ALA B 82 -16.44 -16.50 5.77
N SER B 83 -16.84 -16.02 4.60
CA SER B 83 -17.48 -14.70 4.55
C SER B 83 -18.81 -14.74 5.29
N ARG B 84 -19.42 -15.92 5.32
CA ARG B 84 -20.70 -16.09 6.01
C ARG B 84 -20.53 -16.09 7.53
N HIS B 85 -19.45 -16.70 7.99
CA HIS B 85 -19.16 -16.74 9.42
C HIS B 85 -18.87 -15.32 9.91
N LEU B 86 -18.19 -14.54 9.07
CA LEU B 86 -17.82 -13.17 9.39
C LEU B 86 -19.04 -12.28 9.48
N LYS B 87 -19.99 -12.52 8.58
CA LYS B 87 -21.24 -11.75 8.56
C LYS B 87 -21.95 -11.96 9.89
N LYS B 88 -22.09 -13.22 10.28
CA LYS B 88 -22.74 -13.57 11.53
C LYS B 88 -22.02 -12.88 12.68
N VAL B 89 -20.69 -13.04 12.74
CA VAL B 89 -19.90 -12.40 13.78
C VAL B 89 -20.22 -10.92 13.86
N LEU B 90 -20.09 -10.20 12.75
CA LEU B 90 -20.36 -8.78 12.72
C LEU B 90 -21.80 -8.45 13.13
N SER B 91 -22.74 -9.36 12.86
CA SER B 91 -24.13 -9.08 13.20
C SER B 91 -24.39 -9.07 14.71
N SER B 92 -23.52 -9.72 15.49
CA SER B 92 -23.67 -9.75 16.95
C SER B 92 -23.32 -8.43 17.65
N PHE B 93 -22.60 -7.55 16.95
CA PHE B 93 -22.19 -6.28 17.54
C PHE B 93 -23.17 -5.13 17.31
N LYS B 94 -23.20 -4.18 18.24
CA LYS B 94 -24.06 -3.01 18.07
C LYS B 94 -23.15 -2.06 17.27
N VAL B 95 -23.74 -1.23 16.42
CA VAL B 95 -22.97 -0.31 15.60
C VAL B 95 -23.12 1.14 16.04
N LEU B 96 -22.01 1.75 16.41
CA LEU B 96 -22.04 3.14 16.87
C LEU B 96 -22.22 4.13 15.74
N GLU B 97 -22.66 5.33 16.09
CA GLU B 97 -22.85 6.39 15.12
C GLU B 97 -21.49 6.87 14.63
N ASP B 98 -21.48 7.43 13.42
CA ASP B 98 -20.25 7.92 12.80
C ASP B 98 -19.73 9.15 13.53
N PRO B 99 -18.40 9.21 13.75
CA PRO B 99 -17.77 10.34 14.44
C PRO B 99 -17.65 11.53 13.50
N PRO B 100 -17.47 12.74 14.06
CA PRO B 100 -17.32 13.96 13.27
C PRO B 100 -15.97 13.92 12.54
N LEU B 101 -15.97 14.17 11.23
CA LEU B 101 -14.74 14.12 10.47
C LEU B 101 -13.65 15.06 11.00
N ASP B 102 -14.02 16.30 11.29
CA ASP B 102 -13.03 17.25 11.79
C ASP B 102 -12.36 16.83 13.09
N GLU B 103 -13.09 16.11 13.95
CA GLU B 103 -12.55 15.64 15.23
C GLU B 103 -11.56 14.50 15.02
N VAL B 104 -11.97 13.52 14.21
CA VAL B 104 -11.14 12.36 13.92
C VAL B 104 -9.82 12.79 13.26
N LEU B 105 -9.89 13.83 12.43
CA LEU B 105 -8.71 14.31 11.73
C LEU B 105 -7.76 14.96 12.72
N ARG B 106 -8.30 15.69 13.68
CA ARG B 106 -7.47 16.35 14.68
C ARG B 106 -6.64 15.30 15.43
N VAL B 107 -7.28 14.21 15.80
CA VAL B 107 -6.62 13.13 16.51
C VAL B 107 -5.61 12.41 15.63
N ALA B 108 -5.96 12.18 14.38
CA ALA B 108 -5.07 11.49 13.46
C ALA B 108 -3.80 12.29 13.26
N VAL B 109 -3.92 13.61 13.18
CA VAL B 109 -2.77 14.46 12.96
C VAL B 109 -1.90 14.64 14.20
N GLU B 110 -2.53 14.74 15.35
CA GLU B 110 -1.81 14.94 16.60
C GLU B 110 -1.10 13.70 17.15
N ARG B 111 -1.66 12.52 16.92
CA ARG B 111 -1.06 11.29 17.44
C ARG B 111 -0.35 10.43 16.40
N GLY B 112 -0.31 10.91 15.16
CA GLY B 112 0.37 10.15 14.12
C GLY B 112 -0.33 8.85 13.74
N LEU B 113 -1.66 8.89 13.68
CA LEU B 113 -2.43 7.72 13.31
C LEU B 113 -3.14 7.98 11.98
N THR B 114 -3.56 6.89 11.33
CA THR B 114 -4.28 6.97 10.08
C THR B 114 -5.66 7.47 10.45
N PHE B 115 -6.43 7.90 9.46
CA PHE B 115 -7.78 8.40 9.75
C PHE B 115 -8.61 7.24 10.24
N TYR B 116 -8.42 6.08 9.62
CA TYR B 116 -9.17 4.90 10.04
C TYR B 116 -8.91 4.57 11.50
N ASP B 117 -7.65 4.45 11.89
CA ASP B 117 -7.27 4.15 13.25
C ASP B 117 -7.77 5.26 14.18
N ALA B 118 -7.55 6.52 13.78
CA ALA B 118 -7.96 7.66 14.59
C ALA B 118 -9.44 7.61 14.93
N SER B 119 -10.24 7.02 14.04
CA SER B 119 -11.67 6.92 14.27
C SER B 119 -11.94 6.20 15.58
N TYR B 120 -11.38 5.01 15.70
CA TYR B 120 -11.55 4.21 16.89
C TYR B 120 -11.03 4.90 18.16
N ALA B 121 -9.89 5.58 18.03
CA ALA B 121 -9.32 6.25 19.17
C ALA B 121 -10.29 7.30 19.66
N TYR B 122 -10.76 8.14 18.75
CA TYR B 122 -11.70 9.20 19.12
C TYR B 122 -13.01 8.68 19.68
N VAL B 123 -13.66 7.73 19.00
CA VAL B 123 -14.94 7.25 19.50
C VAL B 123 -14.81 6.61 20.87
N ALA B 124 -13.89 5.66 21.02
CA ALA B 124 -13.67 5.00 22.30
C ALA B 124 -13.48 6.00 23.43
N GLU B 125 -12.46 6.85 23.31
CA GLU B 125 -12.18 7.84 24.33
C GLU B 125 -13.33 8.84 24.50
N SER B 126 -13.98 9.17 23.39
CA SER B 126 -15.07 10.15 23.39
C SER B 126 -16.32 9.63 24.09
N SER B 127 -16.58 8.33 23.91
CA SER B 127 -17.74 7.66 24.46
C SER B 127 -17.49 6.95 25.80
N GLY B 128 -16.27 7.05 26.32
CA GLY B 128 -15.96 6.40 27.58
C GLY B 128 -15.89 4.89 27.47
N LEU B 129 -15.59 4.38 26.28
CA LEU B 129 -15.49 2.94 26.09
C LEU B 129 -14.03 2.55 26.10
N VAL B 130 -13.81 1.24 26.17
CA VAL B 130 -12.49 0.67 26.15
C VAL B 130 -12.30 0.16 24.74
N LEU B 131 -11.29 0.71 24.05
CA LEU B 131 -10.99 0.32 22.68
C LEU B 131 -10.27 -1.02 22.70
N VAL B 132 -10.80 -1.98 21.95
CA VAL B 132 -10.15 -3.29 21.88
C VAL B 132 -9.51 -3.38 20.50
N THR B 133 -8.19 -3.33 20.46
CA THR B 133 -7.45 -3.38 19.22
C THR B 133 -6.29 -4.36 19.34
N GLN B 134 -5.87 -4.90 18.21
CA GLN B 134 -4.75 -5.83 18.21
C GLN B 134 -3.53 -5.08 17.68
N ASP B 135 -3.70 -3.78 17.46
CA ASP B 135 -2.65 -2.92 16.94
C ASP B 135 -1.86 -2.21 18.03
N ARG B 136 -0.60 -2.61 18.20
CA ARG B 136 0.28 -2.04 19.22
C ARG B 136 0.27 -0.51 19.14
N GLU B 137 0.32 0.01 17.92
CA GLU B 137 0.32 1.44 17.74
C GLU B 137 -0.91 2.08 18.39
N LEU B 138 -2.09 1.54 18.11
CA LEU B 138 -3.32 2.07 18.70
C LEU B 138 -3.41 1.85 20.21
N LEU B 139 -2.89 0.72 20.71
CA LEU B 139 -2.90 0.47 22.14
C LEU B 139 -2.13 1.58 22.83
N ALA B 140 -0.89 1.76 22.41
CA ALA B 140 -0.05 2.78 23.01
C ALA B 140 -0.62 4.18 22.90
N LYS B 141 -1.43 4.44 21.88
CA LYS B 141 -1.96 5.79 21.70
C LYS B 141 -3.41 6.05 22.08
N THR B 142 -4.12 5.04 22.58
CA THR B 142 -5.51 5.23 22.97
C THR B 142 -5.66 4.95 24.46
N LYS B 143 -6.01 5.98 25.21
CA LYS B 143 -6.17 5.83 26.66
C LYS B 143 -7.16 4.74 27.01
N GLY B 144 -6.64 3.70 27.68
CA GLY B 144 -7.46 2.59 28.12
C GLY B 144 -7.57 1.44 27.16
N ALA B 145 -6.99 1.58 25.97
CA ALA B 145 -7.09 0.51 24.99
C ALA B 145 -6.50 -0.81 25.48
N ILE B 146 -7.08 -1.93 25.06
CA ILE B 146 -6.56 -3.23 25.45
C ILE B 146 -6.64 -4.20 24.27
N ASP B 147 -5.99 -5.35 24.38
CA ASP B 147 -6.04 -6.32 23.31
C ASP B 147 -7.10 -7.37 23.57
N VAL B 148 -7.31 -8.22 22.58
CA VAL B 148 -8.32 -9.27 22.64
C VAL B 148 -8.17 -10.23 23.80
N GLU B 149 -6.92 -10.57 24.11
CA GLU B 149 -6.63 -11.49 25.21
C GLU B 149 -7.10 -10.81 26.50
N THR B 150 -6.71 -9.54 26.68
CA THR B 150 -7.11 -8.80 27.86
C THR B 150 -8.63 -8.64 27.95
N LEU B 151 -9.29 -8.60 26.80
CA LEU B 151 -10.73 -8.46 26.79
C LEU B 151 -11.35 -9.74 27.29
N LEU B 152 -10.85 -10.87 26.82
CA LEU B 152 -11.40 -12.15 27.20
C LEU B 152 -11.26 -12.40 28.71
N VAL B 153 -10.07 -12.20 29.27
CA VAL B 153 -9.89 -12.44 30.69
C VAL B 153 -10.89 -11.60 31.51
N ARG B 154 -11.15 -10.37 31.08
CA ARG B 154 -12.11 -9.51 31.78
C ARG B 154 -13.52 -10.07 31.73
N LEU B 155 -13.98 -10.44 30.55
CA LEU B 155 -15.32 -10.99 30.40
C LEU B 155 -15.41 -12.28 31.20
N ALA B 156 -14.26 -12.95 31.34
CA ALA B 156 -14.19 -14.20 32.07
C ALA B 156 -14.55 -14.01 33.54
N ALA B 157 -14.23 -12.83 34.06
CA ALA B 157 -14.51 -12.52 35.45
C ALA B 157 -15.96 -12.09 35.66
N GLN B 158 -16.86 -12.50 34.78
CA GLN B 158 -18.27 -12.11 34.89
C GLN B 158 -19.26 -13.11 34.28
N GLY C 24 29.24 3.02 -3.85
CA GLY C 24 29.02 3.68 -5.19
C GLY C 24 29.54 5.10 -5.25
N ALA C 25 28.65 6.06 -5.55
CA ALA C 25 29.02 7.46 -5.62
C ALA C 25 29.36 8.00 -4.23
N MET C 26 29.62 9.31 -4.12
CA MET C 26 29.98 9.89 -2.83
C MET C 26 29.85 11.41 -2.77
N ALA C 27 29.26 12.00 -3.80
CA ALA C 27 29.06 13.45 -3.81
C ALA C 27 27.60 13.66 -3.37
N VAL C 28 26.97 12.58 -2.92
CA VAL C 28 25.59 12.63 -2.49
C VAL C 28 25.45 13.21 -1.09
N GLU C 29 24.55 14.19 -0.94
CA GLU C 29 24.29 14.85 0.34
C GLU C 29 22.82 14.63 0.75
N TYR C 30 21.95 14.42 -0.24
CA TYR C 30 20.55 14.21 0.07
C TYR C 30 19.90 12.92 -0.43
N LEU C 31 19.01 12.36 0.39
CA LEU C 31 18.24 11.19 0.05
C LEU C 31 16.82 11.74 -0.16
N VAL C 32 16.29 11.58 -1.37
CA VAL C 32 14.96 12.10 -1.71
C VAL C 32 13.92 10.98 -1.74
N ASP C 33 12.75 11.22 -1.13
CA ASP C 33 11.72 10.18 -1.14
C ASP C 33 10.60 10.49 -2.15
N ALA C 34 9.70 9.54 -2.34
CA ALA C 34 8.61 9.67 -3.30
C ALA C 34 7.83 10.97 -3.21
N SER C 35 7.43 11.37 -1.99
CA SER C 35 6.67 12.60 -1.88
C SER C 35 7.48 13.81 -2.30
N ALA C 36 8.78 13.83 -1.98
CA ALA C 36 9.65 14.95 -2.36
C ALA C 36 9.94 14.93 -3.85
N LEU C 37 10.33 13.76 -4.33
CA LEU C 37 10.63 13.54 -5.73
C LEU C 37 9.46 14.09 -6.53
N TYR C 38 8.25 13.76 -6.10
CA TYR C 38 7.06 14.23 -6.78
C TYR C 38 6.99 15.76 -6.84
N ALA C 39 7.31 16.44 -5.75
CA ALA C 39 7.27 17.91 -5.77
C ALA C 39 8.37 18.43 -6.70
N LEU C 40 9.57 17.89 -6.53
CA LEU C 40 10.72 18.28 -7.34
C LEU C 40 10.47 18.14 -8.85
N ALA C 41 9.65 17.17 -9.23
CA ALA C 41 9.36 16.93 -10.64
C ALA C 41 8.96 18.18 -11.40
N ALA C 42 8.44 19.18 -10.69
CA ALA C 42 8.01 20.43 -11.31
C ALA C 42 8.96 21.58 -11.02
N HIS C 43 10.21 21.26 -10.68
CA HIS C 43 11.20 22.28 -10.38
C HIS C 43 12.55 21.85 -10.94
N TYR C 44 12.52 21.12 -12.05
CA TYR C 44 13.73 20.62 -12.70
C TYR C 44 14.91 21.58 -12.65
N ASP C 45 14.73 22.77 -13.23
CA ASP C 45 15.78 23.80 -13.29
C ASP C 45 16.52 24.11 -12.00
N LYS C 46 15.75 24.30 -10.93
CA LYS C 46 16.31 24.65 -9.63
C LYS C 46 17.25 23.61 -9.00
N TRP C 47 17.22 22.37 -9.49
CA TRP C 47 18.09 21.35 -8.92
C TRP C 47 18.88 20.48 -9.91
N ILE C 48 18.50 20.52 -11.18
CA ILE C 48 19.18 19.71 -12.19
C ILE C 48 20.72 19.81 -12.11
N LYS C 49 21.24 21.03 -12.00
CA LYS C 49 22.69 21.21 -11.93
C LYS C 49 23.30 20.80 -10.61
N HIS C 50 22.48 20.22 -9.73
CA HIS C 50 22.96 19.77 -8.41
C HIS C 50 22.71 18.26 -8.29
N ARG C 51 22.10 17.69 -9.32
CA ARG C 51 21.77 16.27 -9.33
C ARG C 51 22.77 15.32 -8.68
N GLU C 52 24.07 15.56 -8.83
CA GLU C 52 25.01 14.63 -8.23
C GLU C 52 24.88 14.63 -6.70
N LYS C 53 24.21 15.64 -6.17
CA LYS C 53 24.01 15.74 -4.74
C LYS C 53 22.80 14.98 -4.21
N LEU C 54 21.86 14.66 -5.10
CA LEU C 54 20.65 13.94 -4.71
C LEU C 54 20.61 12.47 -5.07
N ALA C 55 19.97 11.68 -4.23
CA ALA C 55 19.81 10.26 -4.46
C ALA C 55 18.44 9.78 -4.00
N ILE C 56 18.08 8.57 -4.44
CA ILE C 56 16.81 7.93 -4.12
C ILE C 56 17.15 6.49 -3.84
N LEU C 57 16.15 5.71 -3.45
CA LEU C 57 16.35 4.30 -3.21
C LEU C 57 15.63 3.62 -4.38
N HIS C 58 15.83 2.33 -4.59
CA HIS C 58 15.11 1.67 -5.68
C HIS C 58 13.62 1.83 -5.40
N LEU C 59 13.24 1.67 -4.13
CA LEU C 59 11.84 1.78 -3.70
C LEU C 59 11.19 3.05 -4.23
N THR C 60 11.95 4.11 -4.35
CA THR C 60 11.43 5.39 -4.81
C THR C 60 10.78 5.30 -6.19
N ILE C 61 11.40 4.52 -7.08
CA ILE C 61 10.90 4.34 -8.43
C ILE C 61 9.48 3.82 -8.42
N TYR C 62 9.23 2.77 -7.64
CA TYR C 62 7.90 2.18 -7.55
C TYR C 62 6.89 3.10 -6.86
N GLU C 63 7.30 3.77 -5.80
CA GLU C 63 6.38 4.67 -5.10
C GLU C 63 5.94 5.84 -5.97
N ALA C 64 6.86 6.39 -6.76
CA ALA C 64 6.48 7.51 -7.65
C ALA C 64 5.52 6.96 -8.67
N GLY C 65 5.83 5.77 -9.18
CA GLY C 65 4.95 5.13 -10.16
C GLY C 65 3.56 4.89 -9.62
N ASN C 66 3.48 4.31 -8.44
CA ASN C 66 2.20 4.02 -7.82
C ASN C 66 1.37 5.27 -7.62
N ALA C 67 2.03 6.40 -7.39
CA ALA C 67 1.31 7.65 -7.20
C ALA C 67 0.70 8.12 -8.53
N LEU C 68 1.50 8.07 -9.60
CA LEU C 68 1.03 8.50 -10.92
C LEU C 68 -0.10 7.55 -11.32
N TRP C 69 0.06 6.28 -10.99
CA TRP C 69 -0.92 5.27 -11.28
C TRP C 69 -2.27 5.68 -10.70
N LYS C 70 -2.29 6.08 -9.42
CA LYS C 70 -3.55 6.48 -8.78
C LYS C 70 -4.19 7.67 -9.48
N GLU C 71 -3.38 8.57 -10.01
CA GLU C 71 -3.95 9.72 -10.68
C GLU C 71 -4.60 9.25 -11.97
N ALA C 72 -3.94 8.34 -12.67
CA ALA C 72 -4.48 7.82 -13.92
C ALA C 72 -5.79 7.12 -13.65
N ARG C 73 -5.83 6.36 -12.57
CA ARG C 73 -7.03 5.63 -12.18
C ARG C 73 -8.18 6.58 -11.93
N LEU C 74 -7.85 7.78 -11.47
CA LEU C 74 -8.87 8.77 -11.17
C LEU C 74 -9.13 9.73 -12.32
N GLY C 75 -8.67 9.38 -13.51
CA GLY C 75 -8.95 10.22 -14.67
C GLY C 75 -7.96 11.26 -15.15
N ARG C 76 -6.67 11.10 -14.84
CA ARG C 76 -5.70 12.07 -15.33
C ARG C 76 -5.56 11.78 -16.82
N VAL C 77 -5.87 12.77 -17.64
CA VAL C 77 -5.81 12.61 -19.09
C VAL C 77 -4.43 12.25 -19.62
N ASP C 78 -3.42 13.05 -19.25
CA ASP C 78 -2.05 12.89 -19.72
C ASP C 78 -1.13 11.93 -18.97
N TRP C 79 -1.68 10.93 -18.30
CA TRP C 79 -0.83 10.00 -17.57
C TRP C 79 0.39 9.47 -18.34
N ALA C 80 0.19 9.08 -19.60
CA ALA C 80 1.29 8.54 -20.42
C ALA C 80 2.41 9.57 -20.61
N ALA C 81 2.06 10.78 -21.06
CA ALA C 81 3.05 11.83 -21.25
C ALA C 81 3.72 12.09 -19.91
N ALA C 82 2.91 12.27 -18.87
CA ALA C 82 3.42 12.49 -17.54
C ALA C 82 4.34 11.35 -17.05
N SER C 83 4.06 10.12 -17.48
CA SER C 83 4.88 8.99 -17.05
C SER C 83 6.26 9.06 -17.68
N ARG C 84 6.33 9.64 -18.89
CA ARG C 84 7.60 9.78 -19.59
C ARG C 84 8.42 10.85 -18.90
N HIS C 85 7.76 11.91 -18.49
CA HIS C 85 8.44 12.99 -17.80
C HIS C 85 8.97 12.46 -16.47
N LEU C 86 8.09 11.87 -15.66
CA LEU C 86 8.44 11.32 -14.35
C LEU C 86 9.64 10.39 -14.50
N LYS C 87 9.69 9.68 -15.61
CA LYS C 87 10.77 8.74 -15.89
C LYS C 87 12.12 9.45 -16.02
N LYS C 88 12.13 10.54 -16.79
CA LYS C 88 13.35 11.32 -17.02
C LYS C 88 13.83 11.90 -15.69
N VAL C 89 12.89 12.45 -14.94
CA VAL C 89 13.19 13.02 -13.63
C VAL C 89 13.88 11.97 -12.78
N LEU C 90 13.34 10.76 -12.74
CA LEU C 90 13.94 9.70 -11.93
C LEU C 90 15.31 9.28 -12.43
N SER C 91 15.53 9.36 -13.74
CA SER C 91 16.82 8.95 -14.28
C SER C 91 17.95 9.87 -13.82
N SER C 92 17.60 11.09 -13.41
CA SER C 92 18.59 12.06 -12.97
C SER C 92 19.23 11.80 -11.61
N PHE C 93 18.64 10.90 -10.83
CA PHE C 93 19.12 10.60 -9.48
C PHE C 93 19.99 9.39 -9.35
N LYS C 94 20.89 9.44 -8.37
CA LYS C 94 21.78 8.34 -8.05
C LYS C 94 20.90 7.42 -7.21
N VAL C 95 21.04 6.11 -7.41
CA VAL C 95 20.23 5.16 -6.67
C VAL C 95 21.12 4.43 -5.68
N LEU C 96 20.75 4.48 -4.40
CA LEU C 96 21.53 3.81 -3.38
C LEU C 96 21.15 2.35 -3.30
N GLU C 97 21.93 1.57 -2.56
CA GLU C 97 21.69 0.15 -2.40
C GLU C 97 20.54 -0.06 -1.44
N ASP C 98 19.91 -1.21 -1.50
CA ASP C 98 18.83 -1.49 -0.58
C ASP C 98 19.40 -1.71 0.81
N PRO C 99 18.69 -1.20 1.83
CA PRO C 99 19.05 -1.31 3.25
C PRO C 99 18.82 -2.73 3.77
N PRO C 100 19.41 -3.07 4.93
CA PRO C 100 19.22 -4.40 5.52
C PRO C 100 17.78 -4.47 5.98
N LEU C 101 17.04 -5.51 5.60
CA LEU C 101 15.64 -5.56 6.03
C LEU C 101 15.44 -5.42 7.55
N ASP C 102 16.10 -6.27 8.32
CA ASP C 102 15.98 -6.27 9.79
C ASP C 102 16.20 -4.91 10.48
N GLU C 103 17.21 -4.16 10.04
CA GLU C 103 17.49 -2.85 10.61
C GLU C 103 16.26 -1.97 10.41
N VAL C 104 15.83 -1.86 9.17
CA VAL C 104 14.67 -1.05 8.83
C VAL C 104 13.44 -1.46 9.65
N LEU C 105 13.17 -2.75 9.72
CA LEU C 105 12.00 -3.21 10.47
C LEU C 105 12.07 -2.67 11.88
N ARG C 106 13.26 -2.69 12.46
CA ARG C 106 13.40 -2.20 13.81
C ARG C 106 13.10 -0.71 13.90
N VAL C 107 13.61 0.07 12.95
CA VAL C 107 13.34 1.51 12.94
C VAL C 107 11.84 1.72 12.78
N ALA C 108 11.22 0.88 11.95
CA ALA C 108 9.77 0.96 11.71
C ALA C 108 9.02 0.81 13.02
N VAL C 109 9.29 -0.27 13.72
CA VAL C 109 8.66 -0.56 14.99
C VAL C 109 8.93 0.50 16.05
N GLU C 110 10.19 0.89 16.19
CA GLU C 110 10.60 1.88 17.18
C GLU C 110 10.00 3.27 17.04
N ARG C 111 9.99 3.82 15.83
CA ARG C 111 9.45 5.16 15.64
C ARG C 111 8.00 5.18 15.15
N GLY C 112 7.38 4.01 15.03
CA GLY C 112 6.00 3.98 14.57
C GLY C 112 5.87 4.52 13.14
N LEU C 113 6.61 3.91 12.22
CA LEU C 113 6.58 4.28 10.82
C LEU C 113 6.26 3.04 10.02
N THR C 114 5.84 3.22 8.77
CA THR C 114 5.58 2.08 7.91
C THR C 114 6.96 1.58 7.55
N PHE C 115 7.05 0.33 7.09
CA PHE C 115 8.35 -0.18 6.69
C PHE C 115 8.89 0.67 5.52
N TYR C 116 8.01 1.14 4.67
CA TYR C 116 8.45 1.94 3.52
C TYR C 116 9.09 3.23 3.98
N ASP C 117 8.39 4.02 4.78
CA ASP C 117 8.95 5.27 5.29
C ASP C 117 10.21 5.03 6.14
N ALA C 118 10.28 3.91 6.87
CA ALA C 118 11.45 3.62 7.71
C ALA C 118 12.69 3.32 6.88
N SER C 119 12.49 2.88 5.64
CA SER C 119 13.61 2.59 4.76
C SER C 119 14.36 3.90 4.52
N TYR C 120 13.60 4.98 4.39
CA TYR C 120 14.17 6.30 4.18
C TYR C 120 14.89 6.87 5.41
N ALA C 121 14.26 6.76 6.57
CA ALA C 121 14.84 7.25 7.81
C ALA C 121 16.17 6.53 8.10
N TYR C 122 16.15 5.21 7.96
CA TYR C 122 17.34 4.41 8.22
C TYR C 122 18.52 4.74 7.30
N VAL C 123 18.27 4.84 5.99
CA VAL C 123 19.32 5.11 5.03
C VAL C 123 19.90 6.49 5.20
N ALA C 124 19.03 7.47 5.42
CA ALA C 124 19.52 8.84 5.60
C ALA C 124 20.41 8.94 6.83
N GLU C 125 19.89 8.49 7.97
CA GLU C 125 20.64 8.54 9.22
C GLU C 125 21.87 7.62 9.25
N SER C 126 21.79 6.47 8.59
CA SER C 126 22.92 5.54 8.56
C SER C 126 24.06 6.03 7.71
N SER C 127 23.74 6.83 6.71
CA SER C 127 24.74 7.34 5.80
C SER C 127 25.09 8.78 6.05
N GLY C 128 24.46 9.41 7.02
CA GLY C 128 24.75 10.80 7.28
C GLY C 128 24.32 11.60 6.05
N LEU C 129 23.11 11.35 5.59
CA LEU C 129 22.57 12.07 4.44
C LEU C 129 21.38 12.85 4.96
N VAL C 130 20.98 13.90 4.25
CA VAL C 130 19.82 14.68 4.68
C VAL C 130 18.61 14.15 3.95
N LEU C 131 17.63 13.68 4.70
CA LEU C 131 16.42 13.15 4.08
C LEU C 131 15.53 14.30 3.61
N VAL C 132 15.16 14.29 2.33
CA VAL C 132 14.24 15.30 1.84
C VAL C 132 12.91 14.56 1.65
N THR C 133 11.88 15.02 2.34
CA THR C 133 10.57 14.39 2.29
C THR C 133 9.50 15.47 2.45
N GLN C 134 8.30 15.15 2.00
CA GLN C 134 7.22 16.11 2.09
C GLN C 134 6.27 15.68 3.21
N ASP C 135 6.53 14.49 3.76
CA ASP C 135 5.72 13.87 4.84
C ASP C 135 6.08 14.41 6.24
N ARG C 136 5.16 15.14 6.85
CA ARG C 136 5.37 15.74 8.17
C ARG C 136 5.82 14.73 9.21
N GLU C 137 5.22 13.55 9.22
CA GLU C 137 5.58 12.53 10.18
C GLU C 137 7.06 12.16 10.00
N LEU C 138 7.50 11.95 8.76
CA LEU C 138 8.90 11.59 8.53
C LEU C 138 9.85 12.72 8.97
N LEU C 139 9.49 13.95 8.61
CA LEU C 139 10.31 15.09 9.00
C LEU C 139 10.50 15.06 10.51
N ALA C 140 9.45 14.67 11.23
CA ALA C 140 9.51 14.64 12.68
C ALA C 140 10.42 13.56 13.24
N LYS C 141 10.36 12.36 12.68
CA LYS C 141 11.13 11.26 13.20
C LYS C 141 12.46 10.95 12.53
N THR C 142 12.88 11.82 11.61
CA THR C 142 14.14 11.63 10.92
C THR C 142 15.04 12.83 11.15
N LYS C 143 16.09 12.63 11.93
CA LYS C 143 17.04 13.67 12.28
C LYS C 143 17.69 14.31 11.08
N GLY C 144 17.55 15.63 10.98
CA GLY C 144 18.14 16.36 9.87
C GLY C 144 17.29 16.46 8.63
N ALA C 145 16.08 15.87 8.66
CA ALA C 145 15.20 15.89 7.49
C ALA C 145 14.59 17.23 7.19
N ILE C 146 14.53 17.53 5.90
CA ILE C 146 13.98 18.80 5.43
C ILE C 146 12.93 18.54 4.36
N ASP C 147 12.16 19.57 4.02
CA ASP C 147 11.17 19.42 2.99
C ASP C 147 11.76 20.01 1.71
N VAL C 148 11.05 19.86 0.59
CA VAL C 148 11.53 20.35 -0.69
C VAL C 148 11.89 21.82 -0.75
N GLU C 149 11.10 22.65 -0.10
CA GLU C 149 11.35 24.10 -0.08
C GLU C 149 12.70 24.40 0.59
N THR C 150 12.95 23.73 1.70
CA THR C 150 14.19 23.90 2.43
C THR C 150 15.35 23.43 1.56
N LEU C 151 15.11 22.35 0.82
CA LEU C 151 16.16 21.83 -0.05
C LEU C 151 16.47 22.85 -1.13
N LEU C 152 15.44 23.41 -1.75
CA LEU C 152 15.65 24.38 -2.80
C LEU C 152 16.44 25.61 -2.35
N VAL C 153 16.11 26.16 -1.18
CA VAL C 153 16.87 27.31 -0.74
C VAL C 153 18.34 26.95 -0.58
N ARG C 154 18.64 25.86 0.13
CA ARG C 154 20.02 25.46 0.34
C ARG C 154 20.79 25.31 -0.96
N LEU C 155 20.11 24.93 -2.03
CA LEU C 155 20.79 24.75 -3.32
C LEU C 155 21.00 26.10 -3.99
N ALA C 156 20.00 26.96 -3.90
CA ALA C 156 20.07 28.30 -4.50
C ALA C 156 21.32 29.02 -4.01
N ALA C 157 21.79 28.65 -2.82
CA ALA C 157 22.96 29.29 -2.24
C ALA C 157 24.19 28.41 -2.31
N GLN C 158 24.56 28.03 -3.53
CA GLN C 158 25.73 27.18 -3.78
C GLN C 158 25.69 26.63 -5.21
N MET D 26 22.55 -22.18 -13.30
CA MET D 26 22.76 -20.77 -13.72
C MET D 26 21.69 -20.38 -14.75
N ALA D 27 21.42 -19.08 -14.85
CA ALA D 27 20.42 -18.53 -15.77
C ALA D 27 19.04 -18.50 -15.12
N VAL D 28 18.49 -17.30 -14.96
CA VAL D 28 17.18 -17.09 -14.36
C VAL D 28 15.99 -17.63 -15.16
N GLU D 29 15.07 -18.29 -14.47
CA GLU D 29 13.87 -18.83 -15.10
C GLU D 29 12.59 -18.30 -14.46
N TYR D 30 12.62 -18.03 -13.16
CA TYR D 30 11.44 -17.51 -12.47
C TYR D 30 11.65 -16.18 -11.77
N LEU D 31 10.61 -15.35 -11.83
CA LEU D 31 10.58 -14.06 -11.14
C LEU D 31 9.59 -14.28 -10.01
N VAL D 32 10.04 -14.15 -8.78
CA VAL D 32 9.20 -14.37 -7.59
C VAL D 32 8.71 -13.05 -6.97
N ASP D 33 7.40 -12.91 -6.73
CA ASP D 33 6.92 -11.68 -6.13
C ASP D 33 6.85 -11.85 -4.61
N ALA D 34 6.42 -10.80 -3.92
CA ALA D 34 6.38 -10.79 -2.45
C ALA D 34 5.55 -11.87 -1.75
N SER D 35 4.35 -12.16 -2.25
CA SER D 35 3.52 -13.16 -1.61
C SER D 35 4.05 -14.56 -1.87
N ALA D 36 4.77 -14.71 -2.98
CA ALA D 36 5.36 -16.00 -3.33
C ALA D 36 6.57 -16.20 -2.45
N LEU D 37 7.34 -15.13 -2.28
CA LEU D 37 8.55 -15.18 -1.49
C LEU D 37 8.13 -15.54 -0.08
N TYR D 38 7.08 -14.89 0.39
CA TYR D 38 6.56 -15.15 1.73
C TYR D 38 6.21 -16.61 1.91
N ALA D 39 5.49 -17.17 0.94
CA ALA D 39 5.11 -18.56 1.02
C ALA D 39 6.39 -19.40 1.00
N LEU D 40 7.28 -19.11 0.05
CA LEU D 40 8.54 -19.85 -0.10
C LEU D 40 9.47 -19.88 1.12
N ALA D 41 9.45 -18.81 1.92
CA ALA D 41 10.32 -18.74 3.07
C ALA D 41 10.14 -19.93 4.01
N ALA D 42 9.04 -20.67 3.84
CA ALA D 42 8.78 -21.82 4.70
C ALA D 42 9.16 -23.15 4.07
N HIS D 43 9.80 -23.13 2.91
CA HIS D 43 10.20 -24.37 2.23
C HIS D 43 11.65 -24.27 1.78
N TYR D 44 12.39 -23.37 2.43
CA TYR D 44 13.79 -23.13 2.13
C TYR D 44 14.49 -24.31 1.45
N ASP D 45 14.63 -25.41 2.20
CA ASP D 45 15.29 -26.63 1.74
C ASP D 45 14.85 -27.13 0.37
N LYS D 46 13.55 -27.09 0.12
CA LYS D 46 13.01 -27.56 -1.14
C LYS D 46 13.47 -26.79 -2.38
N TRP D 47 13.98 -25.58 -2.23
CA TRP D 47 14.38 -24.82 -3.41
C TRP D 47 15.77 -24.15 -3.45
N ILE D 48 16.42 -23.95 -2.31
CA ILE D 48 17.74 -23.30 -2.32
C ILE D 48 18.71 -23.88 -3.34
N LYS D 49 18.69 -25.19 -3.49
CA LYS D 49 19.59 -25.82 -4.46
C LYS D 49 19.25 -25.36 -5.88
N HIS D 50 18.07 -24.79 -6.06
CA HIS D 50 17.63 -24.30 -7.37
C HIS D 50 17.68 -22.76 -7.43
N ARG D 51 18.22 -22.15 -6.38
CA ARG D 51 18.31 -20.69 -6.28
C ARG D 51 18.83 -19.97 -7.53
N GLU D 52 19.57 -20.65 -8.40
CA GLU D 52 20.11 -20.01 -9.59
C GLU D 52 19.03 -19.66 -10.61
N LYS D 53 17.90 -20.36 -10.56
CA LYS D 53 16.81 -20.11 -11.50
C LYS D 53 15.83 -19.05 -10.97
N LEU D 54 16.06 -18.60 -9.75
CA LEU D 54 15.16 -17.63 -9.11
C LEU D 54 15.60 -16.18 -9.02
N ALA D 55 14.64 -15.27 -9.13
CA ALA D 55 14.94 -13.85 -9.05
C ALA D 55 13.77 -13.05 -8.46
N ILE D 56 14.07 -11.81 -8.11
CA ILE D 56 13.07 -10.89 -7.55
C ILE D 56 13.35 -9.53 -8.12
N LEU D 57 12.57 -8.55 -7.72
CA LEU D 57 12.79 -7.17 -8.15
C LEU D 57 13.26 -6.45 -6.88
N HIS D 58 13.79 -5.26 -7.00
CA HIS D 58 14.20 -4.52 -5.81
C HIS D 58 12.96 -4.33 -4.93
N LEU D 59 11.83 -4.12 -5.58
CA LEU D 59 10.56 -3.91 -4.93
C LEU D 59 10.17 -4.98 -3.90
N THR D 60 10.40 -6.25 -4.24
CA THR D 60 10.02 -7.38 -3.38
C THR D 60 10.54 -7.25 -1.93
N ILE D 61 11.79 -6.81 -1.80
CA ILE D 61 12.43 -6.61 -0.51
C ILE D 61 11.54 -5.74 0.37
N TYR D 62 11.14 -4.59 -0.15
CA TYR D 62 10.28 -3.67 0.59
C TYR D 62 8.90 -4.23 0.91
N GLU D 63 8.28 -4.88 -0.09
CA GLU D 63 6.95 -5.46 0.08
C GLU D 63 6.98 -6.57 1.12
N ALA D 64 8.05 -7.36 1.13
CA ALA D 64 8.17 -8.44 2.10
C ALA D 64 8.32 -7.78 3.47
N GLY D 65 9.12 -6.73 3.50
CA GLY D 65 9.32 -6.01 4.73
C GLY D 65 8.04 -5.41 5.27
N ASN D 66 7.29 -4.73 4.42
CA ASN D 66 6.03 -4.12 4.85
C ASN D 66 5.04 -5.16 5.36
N ALA D 67 5.05 -6.35 4.77
CA ALA D 67 4.17 -7.41 5.21
C ALA D 67 4.63 -7.92 6.59
N LEU D 68 5.94 -8.05 6.78
CA LEU D 68 6.41 -8.51 8.08
C LEU D 68 6.06 -7.44 9.11
N TRP D 69 6.17 -6.18 8.69
CA TRP D 69 5.88 -5.04 9.54
C TRP D 69 4.45 -5.05 10.03
N LYS D 70 3.49 -5.29 9.14
CA LYS D 70 2.09 -5.33 9.54
C LYS D 70 1.84 -6.40 10.60
N GLU D 71 2.58 -7.49 10.51
CA GLU D 71 2.45 -8.58 11.47
C GLU D 71 2.95 -8.14 12.85
N ALA D 72 4.10 -7.48 12.90
CA ALA D 72 4.67 -7.01 14.15
C ALA D 72 3.76 -5.95 14.78
N ARG D 73 3.02 -5.27 13.93
CA ARG D 73 2.10 -4.22 14.34
C ARG D 73 0.90 -4.83 15.03
N LEU D 74 0.53 -6.03 14.58
CA LEU D 74 -0.63 -6.69 15.13
C LEU D 74 -0.29 -7.72 16.19
N GLY D 75 0.92 -7.64 16.73
CA GLY D 75 1.27 -8.56 17.79
C GLY D 75 2.31 -9.65 17.61
N ARG D 76 2.82 -9.85 16.40
CA ARG D 76 3.82 -10.91 16.24
C ARG D 76 4.98 -10.67 17.20
N VAL D 77 5.19 -11.63 18.08
CA VAL D 77 6.25 -11.55 19.08
C VAL D 77 7.67 -11.73 18.53
N ASP D 78 7.90 -12.79 17.76
CA ASP D 78 9.24 -13.04 17.20
C ASP D 78 9.52 -12.27 15.92
N TRP D 79 8.98 -11.06 15.78
CA TRP D 79 9.20 -10.29 14.56
C TRP D 79 10.67 -10.11 14.24
N ALA D 80 11.47 -9.89 15.26
CA ALA D 80 12.91 -9.69 15.11
C ALA D 80 13.59 -10.91 14.50
N ALA D 81 13.38 -12.07 15.13
CA ALA D 81 13.99 -13.30 14.63
C ALA D 81 13.49 -13.56 13.23
N ALA D 82 12.18 -13.41 13.05
CA ALA D 82 11.55 -13.61 11.75
C ALA D 82 12.15 -12.65 10.74
N SER D 83 12.47 -11.43 11.18
CA SER D 83 13.04 -10.42 10.30
C SER D 83 14.40 -10.85 9.79
N ARG D 84 15.15 -11.57 10.62
CA ARG D 84 16.47 -12.04 10.22
C ARG D 84 16.33 -13.15 9.20
N HIS D 85 15.38 -14.05 9.42
CA HIS D 85 15.12 -15.17 8.53
C HIS D 85 14.63 -14.72 7.14
N LEU D 86 13.79 -13.69 7.11
CA LEU D 86 13.28 -13.18 5.84
C LEU D 86 14.46 -12.62 5.05
N LYS D 87 15.35 -11.96 5.78
CA LYS D 87 16.55 -11.37 5.19
C LYS D 87 17.40 -12.44 4.53
N LYS D 88 17.54 -13.58 5.22
CA LYS D 88 18.31 -14.70 4.71
C LYS D 88 17.65 -15.29 3.47
N VAL D 89 16.32 -15.41 3.51
CA VAL D 89 15.59 -15.95 2.37
C VAL D 89 15.74 -15.05 1.14
N LEU D 90 15.55 -13.75 1.33
CA LEU D 90 15.68 -12.79 0.24
C LEU D 90 17.09 -12.68 -0.32
N SER D 91 18.08 -13.03 0.50
CA SER D 91 19.48 -12.93 0.06
C SER D 91 19.79 -14.04 -0.91
N SER D 92 18.96 -15.08 -0.90
CA SER D 92 19.14 -16.24 -1.75
C SER D 92 18.81 -15.98 -3.21
N PHE D 93 18.04 -14.92 -3.47
CA PHE D 93 17.62 -14.61 -4.83
C PHE D 93 18.43 -13.60 -5.62
N LYS D 94 18.42 -13.79 -6.94
CA LYS D 94 19.07 -12.87 -7.85
C LYS D 94 18.07 -11.70 -7.96
N VAL D 95 18.59 -10.48 -8.10
CA VAL D 95 17.76 -9.27 -8.18
C VAL D 95 17.84 -8.62 -9.56
N LEU D 96 16.69 -8.49 -10.23
CA LEU D 96 16.67 -7.91 -11.56
C LEU D 96 16.66 -6.38 -11.60
N GLU D 97 17.00 -5.83 -12.76
CA GLU D 97 17.01 -4.39 -12.94
C GLU D 97 15.59 -3.89 -12.84
N ASP D 98 15.40 -2.61 -12.53
CA ASP D 98 14.08 -2.04 -12.44
C ASP D 98 13.51 -1.86 -13.87
N PRO D 99 12.21 -2.13 -14.05
CA PRO D 99 11.53 -2.00 -15.35
C PRO D 99 11.34 -0.51 -15.58
N PRO D 100 11.12 -0.07 -16.82
CA PRO D 100 10.93 1.37 -16.97
C PRO D 100 9.54 1.74 -16.44
N LEU D 101 9.49 2.75 -15.58
CA LEU D 101 8.22 3.22 -15.01
C LEU D 101 7.22 3.42 -16.16
N ASP D 102 7.78 3.90 -17.26
CA ASP D 102 7.07 4.18 -18.51
C ASP D 102 6.09 3.05 -18.88
N GLU D 103 6.67 1.89 -19.19
CA GLU D 103 5.95 0.70 -19.60
C GLU D 103 5.04 0.09 -18.53
N VAL D 104 5.57 -0.07 -17.34
CA VAL D 104 4.79 -0.64 -16.25
C VAL D 104 3.45 0.06 -16.08
N LEU D 105 3.46 1.39 -16.14
CA LEU D 105 2.22 2.15 -15.97
C LEU D 105 1.21 1.73 -17.03
N ARG D 106 1.69 1.58 -18.27
CA ARG D 106 0.84 1.17 -19.38
C ARG D 106 0.18 -0.17 -19.06
N VAL D 107 0.98 -1.14 -18.62
CA VAL D 107 0.47 -2.45 -18.27
C VAL D 107 -0.52 -2.37 -17.10
N ALA D 108 -0.27 -1.50 -16.16
CA ALA D 108 -1.16 -1.36 -15.01
C ALA D 108 -2.51 -0.80 -15.45
N VAL D 109 -2.47 0.23 -16.30
CA VAL D 109 -3.66 0.87 -16.80
C VAL D 109 -4.47 -0.05 -17.72
N GLU D 110 -3.76 -0.84 -18.52
CA GLU D 110 -4.40 -1.75 -19.44
C GLU D 110 -4.97 -3.02 -18.87
N ARG D 111 -4.40 -3.51 -17.78
CA ARG D 111 -4.88 -4.76 -17.21
C ARG D 111 -5.58 -4.62 -15.87
N GLY D 112 -5.83 -3.40 -15.42
CA GLY D 112 -6.49 -3.22 -14.14
C GLY D 112 -5.69 -3.63 -12.90
N LEU D 113 -4.36 -3.60 -13.02
CA LEU D 113 -3.48 -3.96 -11.92
C LEU D 113 -2.92 -2.69 -11.25
N THR D 114 -2.36 -2.84 -10.05
CA THR D 114 -1.73 -1.74 -9.34
C THR D 114 -0.35 -1.60 -10.00
N PHE D 115 0.34 -0.49 -9.76
CA PHE D 115 1.67 -0.32 -10.33
C PHE D 115 2.60 -1.39 -9.77
N TYR D 116 2.40 -1.76 -8.50
CA TYR D 116 3.24 -2.79 -7.91
C TYR D 116 3.13 -4.14 -8.61
N ASP D 117 1.92 -4.67 -8.67
CA ASP D 117 1.71 -5.94 -9.34
C ASP D 117 2.12 -5.87 -10.81
N ALA D 118 1.78 -4.76 -11.46
CA ALA D 118 2.09 -4.58 -12.88
C ALA D 118 3.59 -4.68 -13.17
N SER D 119 4.43 -4.26 -12.23
CA SER D 119 5.88 -4.33 -12.42
C SER D 119 6.31 -5.77 -12.63
N TYR D 120 5.72 -6.69 -11.87
CA TYR D 120 6.06 -8.09 -11.97
C TYR D 120 5.58 -8.70 -13.28
N ALA D 121 4.34 -8.39 -13.64
CA ALA D 121 3.77 -8.89 -14.88
C ALA D 121 4.64 -8.43 -16.04
N TYR D 122 4.93 -7.13 -16.10
CA TYR D 122 5.74 -6.57 -17.18
C TYR D 122 7.12 -7.22 -17.32
N VAL D 123 7.87 -7.29 -16.23
CA VAL D 123 9.21 -7.88 -16.27
C VAL D 123 9.18 -9.36 -16.63
N ALA D 124 8.21 -10.08 -16.10
CA ALA D 124 8.10 -11.51 -16.39
C ALA D 124 7.83 -11.75 -17.88
N GLU D 125 6.77 -11.15 -18.41
CA GLU D 125 6.45 -11.35 -19.82
C GLU D 125 7.53 -10.84 -20.78
N SER D 126 7.96 -9.59 -20.61
CA SER D 126 8.99 -9.04 -21.50
C SER D 126 10.35 -9.73 -21.36
N SER D 127 10.59 -10.41 -20.25
CA SER D 127 11.87 -11.08 -20.04
C SER D 127 11.72 -12.57 -20.28
N GLY D 128 10.55 -12.97 -20.78
CA GLY D 128 10.32 -14.38 -21.02
C GLY D 128 10.58 -15.21 -19.77
N LEU D 129 10.05 -14.79 -18.63
CA LEU D 129 10.23 -15.54 -17.38
C LEU D 129 8.90 -16.01 -16.84
N VAL D 130 8.94 -17.01 -15.96
CA VAL D 130 7.73 -17.53 -15.35
C VAL D 130 7.50 -16.74 -14.05
N LEU D 131 6.38 -16.04 -13.96
CA LEU D 131 6.03 -15.27 -12.77
C LEU D 131 5.41 -16.12 -11.66
N VAL D 132 6.14 -16.34 -10.56
CA VAL D 132 5.58 -17.09 -9.45
C VAL D 132 4.92 -16.10 -8.49
N THR D 133 3.60 -16.20 -8.34
CA THR D 133 2.86 -15.32 -7.45
C THR D 133 1.82 -16.14 -6.70
N GLN D 134 1.25 -15.57 -5.65
CA GLN D 134 0.26 -16.29 -4.87
C GLN D 134 -1.06 -15.55 -5.06
N ASP D 135 -0.97 -14.44 -5.76
CA ASP D 135 -2.13 -13.61 -6.06
C ASP D 135 -2.92 -14.29 -7.18
N ARG D 136 -4.25 -14.21 -7.09
CA ARG D 136 -5.14 -14.81 -8.07
C ARG D 136 -5.31 -13.87 -9.26
N GLU D 137 -5.21 -12.57 -9.00
CA GLU D 137 -5.36 -11.60 -10.06
C GLU D 137 -4.17 -11.72 -11.03
N LEU D 138 -2.97 -11.76 -10.47
CA LEU D 138 -1.76 -11.88 -11.26
C LEU D 138 -1.70 -13.18 -12.06
N LEU D 139 -1.92 -14.30 -11.40
CA LEU D 139 -1.88 -15.57 -12.11
C LEU D 139 -2.76 -15.51 -13.35
N ALA D 140 -3.90 -14.86 -13.21
CA ALA D 140 -4.85 -14.76 -14.32
C ALA D 140 -4.52 -13.69 -15.36
N LYS D 141 -3.77 -12.66 -14.97
CA LYS D 141 -3.44 -11.60 -15.92
C LYS D 141 -1.99 -11.64 -16.41
N THR D 142 -1.26 -12.66 -16.01
CA THR D 142 0.13 -12.81 -16.43
C THR D 142 0.33 -14.13 -17.16
N LYS D 143 0.71 -14.03 -18.42
CA LYS D 143 0.92 -15.19 -19.26
C LYS D 143 2.07 -16.08 -18.81
N GLY D 144 1.72 -17.28 -18.34
CA GLY D 144 2.73 -18.24 -17.90
C GLY D 144 2.90 -18.26 -16.39
N ALA D 145 2.15 -17.43 -15.69
CA ALA D 145 2.26 -17.36 -14.24
C ALA D 145 1.78 -18.61 -13.50
N ILE D 146 2.54 -19.02 -12.50
CA ILE D 146 2.22 -20.18 -11.70
C ILE D 146 2.24 -19.80 -10.22
N ASP D 147 1.86 -20.72 -9.34
CA ASP D 147 1.89 -20.41 -7.93
C ASP D 147 3.05 -21.15 -7.27
N VAL D 148 3.32 -20.83 -6.01
CA VAL D 148 4.44 -21.44 -5.27
C VAL D 148 4.45 -22.97 -5.36
N GLU D 149 3.29 -23.57 -5.13
CA GLU D 149 3.13 -25.01 -5.19
C GLU D 149 3.56 -25.56 -6.54
N THR D 150 3.01 -24.96 -7.60
CA THR D 150 3.33 -25.36 -8.96
C THR D 150 4.84 -25.26 -9.15
N LEU D 151 5.43 -24.17 -8.68
CA LEU D 151 6.87 -23.98 -8.79
C LEU D 151 7.61 -25.14 -8.11
N LEU D 152 7.10 -25.56 -6.96
CA LEU D 152 7.75 -26.63 -6.23
C LEU D 152 7.79 -27.95 -7.00
N VAL D 153 6.65 -28.36 -7.56
CA VAL D 153 6.62 -29.60 -8.32
C VAL D 153 7.61 -29.52 -9.48
N ARG D 154 7.60 -28.39 -10.19
CA ARG D 154 8.51 -28.20 -11.31
C ARG D 154 9.98 -28.31 -10.89
N LEU D 155 10.31 -27.78 -9.72
CA LEU D 155 11.70 -27.86 -9.25
C LEU D 155 12.06 -29.26 -8.79
N ALA D 156 11.15 -29.92 -8.09
CA ALA D 156 11.42 -31.27 -7.62
C ALA D 156 11.60 -32.25 -8.77
N ALA D 157 11.05 -31.90 -9.94
CA ALA D 157 11.16 -32.77 -11.12
C ALA D 157 12.48 -32.52 -11.86
N GLN D 158 13.51 -32.13 -11.13
CA GLN D 158 14.80 -31.85 -11.75
C GLN D 158 15.94 -32.29 -10.82
N ALA E 27 8.30 -56.09 -50.40
CA ALA E 27 7.56 -54.83 -50.70
C ALA E 27 6.15 -54.88 -50.14
N VAL E 28 5.61 -53.71 -49.79
CA VAL E 28 4.26 -53.58 -49.24
C VAL E 28 3.15 -53.76 -50.27
N GLU E 29 2.13 -54.54 -49.90
CA GLU E 29 0.97 -54.78 -50.77
C GLU E 29 -0.31 -54.35 -50.05
N TYR E 30 -0.30 -54.46 -48.73
CA TYR E 30 -1.49 -54.12 -47.94
C TYR E 30 -1.37 -53.03 -46.89
N LEU E 31 -2.41 -52.20 -46.83
CA LEU E 31 -2.53 -51.13 -45.85
C LEU E 31 -3.64 -51.57 -44.89
N VAL E 32 -3.26 -51.82 -43.64
CA VAL E 32 -4.17 -52.27 -42.58
C VAL E 32 -4.60 -51.09 -41.68
N ASP E 33 -5.91 -50.98 -41.45
CA ASP E 33 -6.42 -49.90 -40.59
C ASP E 33 -6.59 -50.40 -39.13
N ALA E 34 -7.11 -49.54 -38.27
CA ALA E 34 -7.25 -49.91 -36.86
C ALA E 34 -8.23 -51.06 -36.57
N SER E 35 -9.34 -51.11 -37.28
CA SER E 35 -10.29 -52.18 -37.04
C SER E 35 -9.70 -53.54 -37.43
N ALA E 36 -9.00 -53.58 -38.56
CA ALA E 36 -8.37 -54.80 -39.06
C ALA E 36 -7.19 -55.18 -38.16
N LEU E 37 -6.38 -54.19 -37.79
CA LEU E 37 -5.22 -54.42 -36.94
C LEU E 37 -5.69 -55.07 -35.66
N TYR E 38 -6.79 -54.56 -35.09
CA TYR E 38 -7.32 -55.14 -33.87
C TYR E 38 -7.66 -56.61 -34.09
N ALA E 39 -8.32 -56.91 -35.21
CA ALA E 39 -8.71 -58.28 -35.54
C ALA E 39 -7.49 -59.20 -35.65
N LEU E 40 -6.51 -58.80 -36.44
CA LEU E 40 -5.31 -59.60 -36.65
C LEU E 40 -4.48 -59.87 -35.39
N ALA E 41 -4.63 -59.04 -34.37
CA ALA E 41 -3.87 -59.22 -33.12
C ALA E 41 -4.07 -60.62 -32.50
N ALA E 42 -5.11 -61.31 -32.93
CA ALA E 42 -5.42 -62.63 -32.41
C ALA E 42 -5.19 -63.70 -33.49
N HIS E 43 -4.35 -63.37 -34.47
CA HIS E 43 -4.02 -64.29 -35.57
C HIS E 43 -2.54 -64.15 -35.92
N TYR E 44 -1.79 -63.53 -35.01
CA TYR E 44 -0.35 -63.32 -35.15
C TYR E 44 0.29 -64.39 -36.03
N ASP E 45 0.34 -65.61 -35.50
CA ASP E 45 0.95 -66.75 -36.17
C ASP E 45 0.50 -66.94 -37.62
N LYS E 46 -0.69 -66.49 -37.96
CA LYS E 46 -1.14 -66.67 -39.32
C LYS E 46 -0.68 -65.60 -40.32
N TRP E 47 0.14 -64.65 -39.88
CA TRP E 47 0.60 -63.60 -40.80
C TRP E 47 1.98 -62.95 -40.60
N ILE E 48 2.63 -63.16 -39.45
CA ILE E 48 3.95 -62.55 -39.25
C ILE E 48 4.90 -62.88 -40.39
N LYS E 49 4.77 -64.09 -40.92
CA LYS E 49 5.60 -64.54 -42.02
C LYS E 49 5.34 -63.75 -43.31
N HIS E 50 4.31 -62.93 -43.29
CA HIS E 50 3.95 -62.09 -44.44
C HIS E 50 4.00 -60.64 -44.00
N ARG E 51 4.59 -60.41 -42.82
CA ARG E 51 4.69 -59.05 -42.28
C ARG E 51 5.21 -58.04 -43.29
N GLU E 52 6.14 -58.49 -44.15
CA GLU E 52 6.74 -57.63 -45.17
C GLU E 52 5.77 -57.02 -46.18
N LYS E 53 4.57 -57.58 -46.30
CA LYS E 53 3.58 -57.07 -47.25
C LYS E 53 2.54 -56.18 -46.58
N LEU E 54 2.64 -56.08 -45.25
CA LEU E 54 1.68 -55.29 -44.46
C LEU E 54 2.22 -53.99 -43.87
N ALA E 55 1.45 -52.92 -44.03
CA ALA E 55 1.82 -51.62 -43.48
C ALA E 55 0.61 -50.93 -42.85
N ILE E 56 0.88 -49.96 -41.98
CA ILE E 56 -0.18 -49.21 -41.34
C ILE E 56 0.15 -47.73 -41.49
N LEU E 57 -0.70 -46.87 -40.97
CA LEU E 57 -0.44 -45.45 -41.02
C LEU E 57 0.02 -45.13 -39.61
N HIS E 58 0.66 -43.99 -39.43
CA HIS E 58 1.05 -43.59 -38.10
C HIS E 58 -0.24 -43.48 -37.28
N LEU E 59 -1.32 -43.09 -37.96
CA LEU E 59 -2.63 -42.96 -37.31
C LEU E 59 -3.01 -44.23 -36.56
N THR E 60 -2.87 -45.35 -37.27
CA THR E 60 -3.21 -46.65 -36.75
C THR E 60 -2.76 -46.93 -35.31
N ILE E 61 -1.54 -46.54 -34.97
CA ILE E 61 -1.02 -46.75 -33.63
C ILE E 61 -1.91 -46.08 -32.58
N TYR E 62 -2.31 -44.85 -32.87
CA TYR E 62 -3.14 -44.08 -31.96
C TYR E 62 -4.57 -44.58 -31.91
N GLU E 63 -5.13 -44.94 -33.06
CA GLU E 63 -6.48 -45.44 -33.08
C GLU E 63 -6.54 -46.74 -32.27
N ALA E 64 -5.55 -47.60 -32.45
CA ALA E 64 -5.51 -48.85 -31.72
C ALA E 64 -5.42 -48.57 -30.22
N GLY E 65 -4.50 -47.69 -29.86
CA GLY E 65 -4.32 -47.35 -28.45
C GLY E 65 -5.57 -46.81 -27.82
N ASN E 66 -6.25 -45.93 -28.54
CA ASN E 66 -7.48 -45.31 -28.05
C ASN E 66 -8.58 -46.35 -27.78
N ALA E 67 -8.65 -47.37 -28.62
CA ALA E 67 -9.64 -48.42 -28.47
C ALA E 67 -9.33 -49.23 -27.20
N LEU E 68 -8.05 -49.52 -26.98
CA LEU E 68 -7.62 -50.27 -25.81
C LEU E 68 -7.89 -49.49 -24.54
N TRP E 69 -7.79 -48.17 -24.66
CA TRP E 69 -8.02 -47.28 -23.54
C TRP E 69 -9.50 -47.32 -23.16
N LYS E 70 -10.39 -47.42 -24.14
CA LYS E 70 -11.82 -47.47 -23.85
C LYS E 70 -12.14 -48.75 -23.08
N GLU E 71 -11.49 -49.85 -23.46
CA GLU E 71 -11.70 -51.12 -22.78
C GLU E 71 -11.24 -50.99 -21.35
N ALA E 72 -10.07 -50.38 -21.16
CA ALA E 72 -9.54 -50.19 -19.82
C ALA E 72 -10.51 -49.31 -19.03
N ARG E 73 -11.06 -48.30 -19.68
CA ARG E 73 -11.99 -47.39 -19.01
C ARG E 73 -13.20 -48.14 -18.51
N LEU E 74 -13.65 -49.10 -19.30
CA LEU E 74 -14.83 -49.87 -18.97
C LEU E 74 -14.62 -51.14 -18.16
N GLY E 75 -13.45 -51.28 -17.54
CA GLY E 75 -13.22 -52.44 -16.71
C GLY E 75 -12.20 -53.49 -17.10
N ARG E 76 -11.78 -53.56 -18.36
CA ARG E 76 -10.83 -54.59 -18.72
C ARG E 76 -9.69 -54.63 -17.72
N VAL E 77 -9.59 -55.77 -17.04
CA VAL E 77 -8.61 -55.98 -16.01
C VAL E 77 -7.18 -56.12 -16.49
N ASP E 78 -7.01 -56.68 -17.69
CA ASP E 78 -5.68 -56.91 -18.24
C ASP E 78 -5.24 -55.93 -19.32
N TRP E 79 -5.43 -54.63 -19.09
CA TRP E 79 -5.03 -53.66 -20.10
C TRP E 79 -3.52 -53.46 -20.18
N ALA E 80 -2.83 -53.61 -19.06
CA ALA E 80 -1.38 -53.44 -19.06
C ALA E 80 -0.74 -54.55 -19.90
N ALA E 81 -1.12 -55.79 -19.61
CA ALA E 81 -0.60 -56.90 -20.39
C ALA E 81 -1.06 -56.69 -21.84
N ALA E 82 -2.37 -56.55 -22.00
CA ALA E 82 -2.97 -56.36 -23.31
C ALA E 82 -2.24 -55.34 -24.18
N SER E 83 -1.81 -54.23 -23.58
CA SER E 83 -1.11 -53.20 -24.34
C SER E 83 0.30 -53.64 -24.73
N ARG E 84 0.95 -54.38 -23.85
CA ARG E 84 2.30 -54.87 -24.13
C ARG E 84 2.21 -55.77 -25.36
N HIS E 85 1.12 -56.52 -25.45
CA HIS E 85 0.89 -57.42 -26.57
C HIS E 85 0.55 -56.63 -27.83
N LEU E 86 -0.24 -55.58 -27.68
CA LEU E 86 -0.66 -54.76 -28.82
C LEU E 86 0.57 -54.09 -29.43
N LYS E 87 1.45 -53.62 -28.55
CA LYS E 87 2.68 -52.94 -28.95
C LYS E 87 3.55 -53.82 -29.85
N LYS E 88 3.57 -55.11 -29.54
CA LYS E 88 4.34 -56.09 -30.31
C LYS E 88 3.71 -56.36 -31.67
N VAL E 89 2.39 -56.34 -31.73
CA VAL E 89 1.66 -56.58 -32.98
C VAL E 89 1.87 -55.42 -33.94
N LEU E 90 1.87 -54.20 -33.40
CA LEU E 90 2.06 -53.00 -34.22
C LEU E 90 3.48 -52.88 -34.76
N SER E 91 4.46 -53.18 -33.90
CA SER E 91 5.89 -53.11 -34.26
C SER E 91 6.25 -54.10 -35.37
N SER E 92 5.28 -54.95 -35.73
CA SER E 92 5.49 -55.93 -36.78
C SER E 92 5.14 -55.39 -38.16
N PHE E 93 4.54 -54.20 -38.20
CA PHE E 93 4.12 -53.61 -39.46
C PHE E 93 4.99 -52.46 -39.98
N LYS E 94 4.99 -52.32 -41.30
CA LYS E 94 5.72 -51.25 -41.94
C LYS E 94 4.84 -50.00 -41.78
N VAL E 95 5.44 -48.87 -41.44
CA VAL E 95 4.65 -47.65 -41.27
C VAL E 95 4.86 -46.68 -42.43
N LEU E 96 3.81 -46.44 -43.20
CA LEU E 96 3.88 -45.55 -44.35
C LEU E 96 3.99 -44.08 -43.95
N GLU E 97 4.12 -43.22 -44.95
CA GLU E 97 4.22 -41.77 -44.78
C GLU E 97 2.87 -41.16 -44.58
N ASP E 98 2.80 -40.09 -43.80
CA ASP E 98 1.54 -39.39 -43.56
C ASP E 98 1.09 -38.76 -44.89
N PRO E 99 -0.19 -38.86 -45.22
CA PRO E 99 -0.73 -38.29 -46.46
C PRO E 99 -0.80 -36.78 -46.39
N PRO E 100 -1.15 -36.13 -47.50
CA PRO E 100 -1.28 -34.68 -47.56
C PRO E 100 -2.67 -34.35 -47.05
N LEU E 101 -2.78 -33.67 -45.91
CA LEU E 101 -4.08 -33.32 -45.31
C LEU E 101 -5.01 -32.84 -46.42
N ASP E 102 -4.40 -32.03 -47.26
CA ASP E 102 -4.97 -31.43 -48.45
C ASP E 102 -5.97 -32.39 -49.16
N GLU E 103 -5.41 -33.49 -49.65
CA GLU E 103 -6.12 -34.52 -50.39
C GLU E 103 -7.09 -35.37 -49.56
N VAL E 104 -6.62 -35.86 -48.42
CA VAL E 104 -7.45 -36.65 -47.56
C VAL E 104 -8.79 -35.94 -47.31
N LEU E 105 -8.72 -34.63 -47.07
CA LEU E 105 -9.93 -33.85 -46.84
C LEU E 105 -10.84 -33.88 -48.07
N ARG E 106 -10.25 -34.00 -49.25
CA ARG E 106 -11.04 -34.04 -50.48
C ARG E 106 -11.85 -35.35 -50.53
N VAL E 107 -11.18 -36.46 -50.25
CA VAL E 107 -11.81 -37.77 -50.27
C VAL E 107 -12.89 -37.92 -49.20
N ALA E 108 -12.70 -37.32 -48.04
CA ALA E 108 -13.68 -37.43 -46.98
C ALA E 108 -14.93 -36.61 -47.31
N VAL E 109 -14.74 -35.39 -47.79
CA VAL E 109 -15.87 -34.54 -48.15
C VAL E 109 -16.64 -35.17 -49.30
N GLU E 110 -15.93 -35.68 -50.29
CA GLU E 110 -16.56 -36.25 -51.47
C GLU E 110 -17.25 -37.59 -51.27
N ARG E 111 -16.69 -38.41 -50.38
CA ARG E 111 -17.24 -39.73 -50.12
C ARG E 111 -17.99 -39.90 -48.79
N GLY E 112 -18.26 -38.81 -48.09
CA GLY E 112 -18.98 -38.92 -46.84
C GLY E 112 -18.23 -39.76 -45.81
N LEU E 113 -16.90 -39.70 -45.83
CA LEU E 113 -16.12 -40.44 -44.86
C LEU E 113 -15.56 -39.45 -43.85
N THR E 114 -15.18 -39.96 -42.68
CA THR E 114 -14.58 -39.11 -41.67
C THR E 114 -13.17 -38.81 -42.20
N PHE E 115 -12.53 -37.76 -41.70
CA PHE E 115 -11.19 -37.44 -42.14
C PHE E 115 -10.28 -38.62 -41.83
N TYR E 116 -10.52 -39.28 -40.71
CA TYR E 116 -9.71 -40.42 -40.30
C TYR E 116 -9.85 -41.59 -41.26
N ASP E 117 -11.08 -41.96 -41.57
CA ASP E 117 -11.32 -43.05 -42.50
C ASP E 117 -10.80 -42.70 -43.92
N ALA E 118 -10.96 -41.45 -44.34
CA ALA E 118 -10.47 -41.06 -45.67
C ALA E 118 -8.96 -41.21 -45.73
N SER E 119 -8.28 -41.02 -44.61
CA SER E 119 -6.82 -41.16 -44.60
C SER E 119 -6.37 -42.52 -45.13
N TYR E 120 -7.18 -43.55 -44.88
CA TYR E 120 -6.84 -44.88 -45.34
C TYR E 120 -7.29 -45.09 -46.78
N ALA E 121 -8.45 -44.51 -47.12
CA ALA E 121 -8.95 -44.62 -48.49
C ALA E 121 -7.96 -43.97 -49.44
N TYR E 122 -7.58 -42.73 -49.14
CA TYR E 122 -6.64 -42.01 -49.99
C TYR E 122 -5.28 -42.70 -50.11
N VAL E 123 -4.62 -42.96 -49.00
CA VAL E 123 -3.31 -43.59 -49.06
C VAL E 123 -3.27 -44.89 -49.84
N ALA E 124 -4.20 -45.79 -49.56
CA ALA E 124 -4.26 -47.08 -50.23
C ALA E 124 -4.52 -46.95 -51.74
N GLU E 125 -5.51 -46.16 -52.13
CA GLU E 125 -5.78 -46.02 -53.56
C GLU E 125 -4.60 -45.35 -54.27
N SER E 126 -4.20 -44.17 -53.78
CA SER E 126 -3.12 -43.41 -54.40
C SER E 126 -1.79 -44.16 -54.43
N SER E 127 -1.66 -45.20 -53.63
CA SER E 127 -0.40 -45.95 -53.61
C SER E 127 -0.46 -47.30 -54.30
N GLY E 128 -1.65 -47.63 -54.82
CA GLY E 128 -1.83 -48.91 -55.48
C GLY E 128 -1.77 -50.06 -54.49
N LEU E 129 -2.24 -49.83 -53.26
CA LEU E 129 -2.23 -50.88 -52.25
C LEU E 129 -3.63 -51.43 -52.00
N VAL E 130 -3.71 -52.62 -51.39
CA VAL E 130 -5.01 -53.22 -51.08
C VAL E 130 -5.34 -52.85 -49.65
N LEU E 131 -6.44 -52.14 -49.47
CA LEU E 131 -6.86 -51.71 -48.14
C LEU E 131 -7.54 -52.83 -47.35
N VAL E 132 -6.93 -53.23 -46.23
CA VAL E 132 -7.49 -54.26 -45.36
C VAL E 132 -8.24 -53.51 -44.26
N THR E 133 -9.57 -53.55 -44.29
CA THR E 133 -10.39 -52.87 -43.31
C THR E 133 -11.54 -53.73 -42.77
N GLN E 134 -11.93 -53.47 -41.53
CA GLN E 134 -13.02 -54.20 -40.93
C GLN E 134 -14.29 -53.34 -40.97
N ASP E 135 -14.20 -52.18 -41.60
CA ASP E 135 -15.34 -51.27 -41.71
C ASP E 135 -16.06 -51.37 -43.06
N ARG E 136 -17.35 -51.70 -43.01
CA ARG E 136 -18.18 -51.85 -44.22
C ARG E 136 -18.36 -50.56 -45.03
N GLU E 137 -18.13 -49.43 -44.40
CA GLU E 137 -18.27 -48.15 -45.07
C GLU E 137 -17.02 -47.98 -45.93
N LEU E 138 -15.87 -48.28 -45.34
CA LEU E 138 -14.61 -48.19 -46.05
C LEU E 138 -14.56 -49.24 -47.15
N LEU E 139 -14.78 -50.51 -46.80
CA LEU E 139 -14.76 -51.55 -47.83
C LEU E 139 -15.55 -51.08 -49.04
N ALA E 140 -16.73 -50.54 -48.79
CA ALA E 140 -17.61 -50.08 -49.86
C ALA E 140 -17.12 -48.83 -50.60
N LYS E 141 -16.33 -48.00 -49.93
CA LYS E 141 -15.90 -46.78 -50.59
C LYS E 141 -14.43 -46.72 -50.98
N THR E 142 -13.74 -47.84 -50.85
CA THR E 142 -12.33 -47.92 -51.23
C THR E 142 -12.14 -49.00 -52.29
N LYS E 143 -11.67 -48.58 -53.46
CA LYS E 143 -11.43 -49.49 -54.55
C LYS E 143 -10.54 -50.66 -54.15
N GLY E 144 -11.07 -51.87 -54.31
CA GLY E 144 -10.30 -53.06 -54.01
C GLY E 144 -10.01 -53.37 -52.55
N ALA E 145 -10.80 -52.82 -51.64
CA ALA E 145 -10.58 -53.08 -50.21
C ALA E 145 -11.13 -54.45 -49.80
N ILE E 146 -10.48 -55.10 -48.84
CA ILE E 146 -10.91 -56.40 -48.36
C ILE E 146 -10.88 -56.45 -46.83
N ASP E 147 -11.62 -57.38 -46.24
CA ASP E 147 -11.64 -57.51 -44.78
C ASP E 147 -10.56 -58.48 -44.31
N VAL E 148 -10.37 -58.54 -42.99
CA VAL E 148 -9.33 -59.41 -42.42
C VAL E 148 -9.42 -60.87 -42.86
N GLU E 149 -10.63 -61.37 -43.02
CA GLU E 149 -10.82 -62.75 -43.45
C GLU E 149 -10.20 -62.93 -44.84
N THR E 150 -10.69 -62.15 -45.81
CA THR E 150 -10.18 -62.22 -47.17
C THR E 150 -8.65 -62.09 -47.20
N LEU E 151 -8.10 -61.27 -46.32
CA LEU E 151 -6.64 -61.12 -46.29
C LEU E 151 -6.01 -62.44 -45.84
N LEU E 152 -6.55 -63.01 -44.75
CA LEU E 152 -6.05 -64.25 -44.19
C LEU E 152 -6.02 -65.41 -45.18
N VAL E 153 -7.04 -65.53 -46.04
CA VAL E 153 -7.06 -66.60 -47.01
C VAL E 153 -5.99 -66.36 -48.07
N ARG E 154 -5.89 -65.12 -48.56
CA ARG E 154 -4.90 -64.80 -49.59
C ARG E 154 -3.49 -65.14 -49.14
N LEU E 155 -3.18 -64.82 -47.89
CA LEU E 155 -1.87 -65.10 -47.34
C LEU E 155 -1.58 -66.61 -47.28
N ALA E 156 -2.55 -67.40 -46.85
CA ALA E 156 -2.38 -68.84 -46.76
C ALA E 156 -2.19 -69.41 -48.18
N ALA E 157 -2.85 -68.78 -49.14
CA ALA E 157 -2.79 -69.18 -50.55
C ALA E 157 -1.45 -68.80 -51.19
N GLN E 158 -0.75 -67.84 -50.58
CA GLN E 158 0.55 -67.37 -51.07
C GLN E 158 1.65 -68.28 -50.53
N PRO F 15 6.54 -38.76 -17.83
CA PRO F 15 6.30 -39.46 -16.54
C PRO F 15 7.61 -39.97 -15.92
N THR F 16 8.68 -39.91 -16.73
CA THR F 16 10.02 -40.35 -16.34
C THR F 16 10.99 -39.83 -17.40
N THR F 17 11.84 -38.87 -17.05
CA THR F 17 12.78 -38.32 -18.03
C THR F 17 13.72 -39.34 -18.65
N GLU F 18 13.25 -39.92 -19.76
CA GLU F 18 13.99 -40.90 -20.54
C GLU F 18 14.09 -40.19 -21.89
N ASN F 19 14.96 -39.19 -21.91
CA ASN F 19 15.18 -38.35 -23.08
C ASN F 19 15.61 -38.96 -24.42
N LEU F 20 14.62 -39.10 -25.31
CA LEU F 20 14.85 -39.62 -26.65
C LEU F 20 14.91 -38.42 -27.60
N TYR F 21 14.68 -37.23 -27.04
CA TYR F 21 14.74 -35.99 -27.81
C TYR F 21 16.11 -35.93 -28.46
N PHE F 22 17.15 -36.14 -27.67
CA PHE F 22 18.52 -36.15 -28.17
C PHE F 22 18.56 -37.40 -29.05
N GLN F 23 19.19 -37.31 -30.22
CA GLN F 23 19.26 -38.43 -31.15
C GLN F 23 17.91 -38.61 -31.84
N GLY F 24 17.72 -37.74 -32.91
CA GLY F 24 16.57 -37.56 -33.83
C GLY F 24 15.96 -36.17 -33.67
N ALA F 25 16.82 -35.09 -33.68
CA ALA F 25 16.47 -33.66 -33.49
C ALA F 25 16.50 -33.27 -31.99
N MET F 26 17.10 -32.08 -31.59
CA MET F 26 17.20 -31.71 -30.14
C MET F 26 17.07 -30.19 -29.82
N ALA F 27 17.04 -29.32 -30.84
CA ALA F 27 16.90 -27.85 -30.72
C ALA F 27 15.44 -27.50 -30.48
N VAL F 28 14.63 -28.58 -30.45
CA VAL F 28 13.20 -28.52 -30.22
C VAL F 28 12.96 -28.20 -28.74
N GLU F 29 12.05 -27.25 -28.49
CA GLU F 29 11.71 -26.82 -27.14
C GLU F 29 10.22 -26.91 -26.82
N TYR F 30 9.36 -27.04 -27.82
CA TYR F 30 7.93 -27.10 -27.55
C TYR F 30 7.18 -28.18 -28.32
N LEU F 31 6.30 -28.90 -27.63
CA LEU F 31 5.45 -29.90 -28.29
C LEU F 31 4.10 -29.21 -28.45
N VAL F 32 3.63 -29.10 -29.69
CA VAL F 32 2.36 -28.46 -29.98
C VAL F 32 1.28 -29.49 -30.30
N ASP F 33 0.05 -29.30 -29.79
CA ASP F 33 -1.04 -30.21 -30.08
C ASP F 33 -2.02 -29.59 -31.08
N ALA F 34 -3.03 -30.35 -31.51
CA ALA F 34 -3.98 -29.89 -32.52
C ALA F 34 -4.70 -28.60 -32.17
N SER F 35 -5.23 -28.50 -30.96
CA SER F 35 -5.92 -27.28 -30.60
C SER F 35 -4.96 -26.09 -30.60
N ALA F 36 -3.72 -26.33 -30.17
CA ALA F 36 -2.73 -25.25 -30.15
C ALA F 36 -2.39 -24.90 -31.60
N LEU F 37 -1.97 -25.92 -32.35
CA LEU F 37 -1.62 -25.77 -33.76
C LEU F 37 -2.73 -24.96 -34.45
N TYR F 38 -3.97 -25.34 -34.21
CA TYR F 38 -5.09 -24.66 -34.84
C TYR F 38 -4.99 -23.14 -34.68
N ALA F 39 -4.88 -22.69 -33.44
CA ALA F 39 -4.81 -21.26 -33.15
C ALA F 39 -3.55 -20.61 -33.74
N LEU F 40 -2.39 -21.23 -33.52
CA LEU F 40 -1.13 -20.70 -34.05
C LEU F 40 -1.20 -20.45 -35.56
N ALA F 41 -2.14 -21.13 -36.21
CA ALA F 41 -2.28 -21.00 -37.65
C ALA F 41 -2.57 -19.57 -38.08
N ALA F 42 -3.21 -18.78 -37.21
CA ALA F 42 -3.55 -17.41 -37.54
C ALA F 42 -2.56 -16.40 -36.98
N HIS F 43 -1.35 -16.88 -36.71
CA HIS F 43 -0.29 -16.03 -36.17
C HIS F 43 1.04 -16.38 -36.82
N TYR F 44 0.95 -17.04 -37.97
CA TYR F 44 2.10 -17.48 -38.74
C TYR F 44 3.39 -16.65 -38.52
N ASP F 45 3.31 -15.37 -38.82
CA ASP F 45 4.45 -14.46 -38.70
C ASP F 45 5.07 -14.41 -37.31
N LYS F 46 4.22 -14.26 -36.30
CA LYS F 46 4.70 -14.18 -34.94
C LYS F 46 5.61 -15.34 -34.48
N TRP F 47 5.54 -16.48 -35.17
CA TRP F 47 6.34 -17.63 -34.75
C TRP F 47 7.12 -18.38 -35.81
N ILE F 48 6.83 -18.13 -37.09
CA ILE F 48 7.50 -18.85 -38.17
C ILE F 48 9.02 -18.93 -38.08
N LYS F 49 9.68 -17.83 -37.72
CA LYS F 49 11.14 -17.81 -37.61
C LYS F 49 11.67 -18.65 -36.44
N HIS F 50 10.78 -19.03 -35.54
CA HIS F 50 11.16 -19.84 -34.39
C HIS F 50 10.90 -21.32 -34.63
N ARG F 51 10.32 -21.62 -35.79
CA ARG F 51 9.97 -22.99 -36.18
C ARG F 51 10.87 -24.12 -35.67
N GLU F 52 12.18 -23.95 -35.71
CA GLU F 52 13.11 -25.00 -35.25
C GLU F 52 12.88 -25.42 -33.80
N LYS F 53 12.12 -24.61 -33.07
CA LYS F 53 11.82 -24.89 -31.67
C LYS F 53 10.47 -25.56 -31.46
N LEU F 54 9.72 -25.74 -32.53
CA LEU F 54 8.39 -26.34 -32.43
C LEU F 54 8.25 -27.71 -33.08
N ALA F 55 7.64 -28.64 -32.35
CA ALA F 55 7.42 -29.97 -32.89
C ALA F 55 5.98 -30.42 -32.68
N ILE F 56 5.56 -31.43 -33.45
CA ILE F 56 4.23 -32.02 -33.34
C ILE F 56 4.42 -33.51 -33.39
N LEU F 57 3.32 -34.24 -33.30
CA LEU F 57 3.37 -35.69 -33.38
C LEU F 57 2.70 -36.03 -34.72
N HIS F 58 2.91 -37.24 -35.22
CA HIS F 58 2.22 -37.62 -36.46
C HIS F 58 0.70 -37.51 -36.23
N LEU F 59 0.28 -37.80 -34.99
CA LEU F 59 -1.14 -37.75 -34.63
C LEU F 59 -1.76 -36.37 -34.91
N THR F 60 -0.98 -35.30 -34.71
CA THR F 60 -1.42 -33.92 -34.91
C THR F 60 -1.96 -33.62 -36.31
N ILE F 61 -1.34 -34.19 -37.34
CA ILE F 61 -1.80 -33.96 -38.70
C ILE F 61 -3.26 -34.41 -38.82
N TYR F 62 -3.55 -35.62 -38.32
CA TYR F 62 -4.89 -36.18 -38.39
C TYR F 62 -5.95 -35.44 -37.57
N GLU F 63 -5.59 -34.99 -36.37
CA GLU F 63 -6.52 -34.23 -35.55
C GLU F 63 -6.81 -32.87 -36.18
N ALA F 64 -5.76 -32.21 -36.68
CA ALA F 64 -5.97 -30.93 -37.31
C ALA F 64 -6.91 -31.15 -38.49
N GLY F 65 -6.63 -32.17 -39.29
CA GLY F 65 -7.49 -32.48 -40.42
C GLY F 65 -8.91 -32.81 -40.00
N ASN F 66 -9.05 -33.69 -39.00
CA ASN F 66 -10.39 -34.03 -38.55
C ASN F 66 -11.17 -32.80 -38.11
N ALA F 67 -10.49 -31.81 -37.55
CA ALA F 67 -11.12 -30.57 -37.10
C ALA F 67 -11.64 -29.68 -38.26
N LEU F 68 -10.87 -29.61 -39.36
CA LEU F 68 -11.31 -28.81 -40.52
C LEU F 68 -12.41 -29.60 -41.21
N TRP F 69 -12.30 -30.92 -41.21
CA TRP F 69 -13.31 -31.77 -41.83
C TRP F 69 -14.69 -31.48 -41.25
N LYS F 70 -14.78 -31.38 -39.93
CA LYS F 70 -16.04 -31.10 -39.23
C LYS F 70 -16.61 -29.73 -39.57
N GLU F 71 -15.74 -28.77 -39.82
CA GLU F 71 -16.19 -27.44 -40.16
C GLU F 71 -16.71 -27.52 -41.58
N ALA F 72 -16.02 -28.27 -42.42
CA ALA F 72 -16.47 -28.42 -43.78
C ALA F 72 -17.86 -29.05 -43.73
N ARG F 73 -17.96 -30.19 -43.06
CA ARG F 73 -19.23 -30.91 -42.89
C ARG F 73 -20.34 -30.00 -42.38
N LEU F 74 -19.97 -28.95 -41.63
CA LEU F 74 -20.93 -28.02 -41.07
C LEU F 74 -21.16 -26.74 -41.89
N GLY F 75 -20.78 -26.75 -43.16
CA GLY F 75 -21.02 -25.59 -44.01
C GLY F 75 -19.88 -24.66 -44.37
N ARG F 76 -18.70 -24.82 -43.76
CA ARG F 76 -17.61 -23.91 -44.09
C ARG F 76 -17.36 -23.82 -45.60
N VAL F 77 -17.46 -22.61 -46.15
CA VAL F 77 -17.29 -22.40 -47.60
C VAL F 77 -15.88 -22.57 -48.18
N ASP F 78 -14.86 -22.07 -47.51
CA ASP F 78 -13.49 -22.17 -48.02
C ASP F 78 -12.68 -23.34 -47.52
N TRP F 79 -13.34 -24.42 -47.13
CA TRP F 79 -12.59 -25.56 -46.61
C TRP F 79 -11.35 -25.95 -47.41
N ALA F 80 -11.49 -26.04 -48.73
CA ALA F 80 -10.36 -26.42 -49.59
C ALA F 80 -9.19 -25.44 -49.50
N ALA F 81 -9.48 -24.15 -49.56
CA ALA F 81 -8.44 -23.14 -49.46
C ALA F 81 -7.79 -23.22 -48.09
N ALA F 82 -8.64 -23.38 -47.08
CA ALA F 82 -8.19 -23.47 -45.70
C ALA F 82 -7.29 -24.67 -45.50
N SER F 83 -7.67 -25.79 -46.11
CA SER F 83 -6.87 -27.01 -45.96
C SER F 83 -5.46 -26.83 -46.49
N ARG F 84 -5.29 -25.97 -47.48
CA ARG F 84 -3.97 -25.75 -48.06
C ARG F 84 -3.11 -24.96 -47.09
N HIS F 85 -3.75 -24.01 -46.43
CA HIS F 85 -3.07 -23.19 -45.44
C HIS F 85 -2.68 -24.06 -44.24
N LEU F 86 -3.59 -24.92 -43.81
CA LEU F 86 -3.33 -25.81 -42.67
C LEU F 86 -2.13 -26.69 -42.97
N LYS F 87 -2.08 -27.22 -44.20
CA LYS F 87 -1.01 -28.07 -44.65
C LYS F 87 0.30 -27.29 -44.61
N LYS F 88 0.25 -26.04 -45.07
CA LYS F 88 1.41 -25.17 -45.08
C LYS F 88 1.90 -25.07 -43.65
N VAL F 89 1.03 -24.59 -42.77
CA VAL F 89 1.34 -24.45 -41.35
C VAL F 89 1.97 -25.74 -40.81
N LEU F 90 1.26 -26.86 -40.93
CA LEU F 90 1.78 -28.15 -40.44
C LEU F 90 3.17 -28.51 -40.96
N SER F 91 3.48 -28.19 -42.21
CA SER F 91 4.80 -28.53 -42.77
C SER F 91 5.94 -27.75 -42.09
N SER F 92 5.60 -26.65 -41.44
CA SER F 92 6.58 -25.81 -40.76
C SER F 92 7.13 -26.50 -39.53
N PHE F 93 6.45 -27.54 -39.08
CA PHE F 93 6.87 -28.25 -37.87
C PHE F 93 7.70 -29.49 -38.03
N LYS F 94 8.48 -29.76 -36.99
CA LYS F 94 9.34 -30.91 -36.90
C LYS F 94 8.42 -31.98 -36.29
N VAL F 95 8.42 -33.19 -36.85
CA VAL F 95 7.57 -34.26 -36.36
C VAL F 95 8.35 -35.26 -35.51
N LEU F 96 7.97 -35.41 -34.25
CA LEU F 96 8.67 -36.34 -33.38
C LEU F 96 8.19 -37.76 -33.62
N GLU F 97 8.97 -38.74 -33.17
CA GLU F 97 8.59 -40.14 -33.35
C GLU F 97 7.41 -40.50 -32.48
N ASP F 98 6.68 -41.55 -32.88
CA ASP F 98 5.52 -42.01 -32.11
C ASP F 98 5.95 -42.59 -30.77
N PRO F 99 5.20 -42.31 -29.71
CA PRO F 99 5.47 -42.79 -28.34
C PRO F 99 5.14 -44.28 -28.18
N PRO F 100 5.73 -44.92 -27.17
CA PRO F 100 5.45 -46.34 -26.93
C PRO F 100 4.00 -46.42 -26.46
N LEU F 101 3.20 -47.29 -27.08
CA LEU F 101 1.79 -47.39 -26.71
C LEU F 101 1.54 -47.78 -25.25
N ASP F 102 2.33 -48.70 -24.73
CA ASP F 102 2.14 -49.14 -23.34
C ASP F 102 2.30 -47.97 -22.37
N GLU F 103 3.32 -47.15 -22.61
CA GLU F 103 3.63 -45.98 -21.78
C GLU F 103 2.51 -44.97 -21.75
N VAL F 104 2.02 -44.60 -22.93
CA VAL F 104 0.95 -43.64 -23.03
C VAL F 104 -0.28 -44.15 -22.32
N LEU F 105 -0.76 -45.32 -22.74
CA LEU F 105 -1.93 -45.90 -22.14
C LEU F 105 -1.89 -45.75 -20.62
N ARG F 106 -0.75 -46.10 -20.03
CA ARG F 106 -0.61 -46.00 -18.58
C ARG F 106 -0.85 -44.59 -18.07
N VAL F 107 -0.34 -43.59 -18.79
CA VAL F 107 -0.52 -42.20 -18.39
C VAL F 107 -1.98 -41.82 -18.52
N ALA F 108 -2.63 -42.29 -19.58
CA ALA F 108 -4.05 -42.00 -19.82
C ALA F 108 -4.87 -42.56 -18.66
N VAL F 109 -4.65 -43.85 -18.38
CA VAL F 109 -5.34 -44.52 -17.29
C VAL F 109 -5.07 -43.81 -15.96
N GLU F 110 -3.80 -43.50 -15.69
CA GLU F 110 -3.44 -42.82 -14.45
C GLU F 110 -3.94 -41.39 -14.30
N ARG F 111 -3.97 -40.63 -15.39
CA ARG F 111 -4.40 -39.25 -15.27
C ARG F 111 -5.80 -38.93 -15.73
N GLY F 112 -6.51 -39.91 -16.26
CA GLY F 112 -7.86 -39.64 -16.74
C GLY F 112 -7.83 -38.80 -18.00
N LEU F 113 -6.96 -39.18 -18.93
CA LEU F 113 -6.85 -38.49 -20.20
C LEU F 113 -7.09 -39.54 -21.25
N THR F 114 -7.59 -39.11 -22.41
CA THR F 114 -7.82 -40.06 -23.49
C THR F 114 -6.45 -40.52 -23.94
N PHE F 115 -6.38 -41.60 -24.72
CA PHE F 115 -5.08 -42.06 -25.21
C PHE F 115 -4.45 -40.91 -26.05
N TYR F 116 -5.27 -40.25 -26.86
CA TYR F 116 -4.81 -39.15 -27.70
C TYR F 116 -4.12 -38.03 -26.90
N ASP F 117 -4.78 -37.55 -25.84
CA ASP F 117 -4.20 -36.49 -25.04
C ASP F 117 -2.98 -36.92 -24.23
N ALA F 118 -2.98 -38.16 -23.74
CA ALA F 118 -1.87 -38.68 -22.96
C ALA F 118 -0.58 -38.69 -23.82
N SER F 119 -0.72 -39.00 -25.11
CA SER F 119 0.45 -39.01 -26.01
C SER F 119 1.23 -37.69 -25.86
N TYR F 120 0.54 -36.56 -25.93
CA TYR F 120 1.20 -35.27 -25.81
C TYR F 120 1.78 -35.05 -24.41
N ALA F 121 1.01 -35.34 -23.38
CA ALA F 121 1.51 -35.17 -22.02
C ALA F 121 2.73 -36.06 -21.85
N TYR F 122 2.61 -37.30 -22.31
CA TYR F 122 3.70 -38.25 -22.19
C TYR F 122 4.96 -37.78 -22.91
N VAL F 123 4.84 -37.46 -24.20
CA VAL F 123 5.99 -37.02 -24.96
C VAL F 123 6.62 -35.75 -24.40
N ALA F 124 5.79 -34.82 -23.96
CA ALA F 124 6.30 -33.56 -23.43
C ALA F 124 7.17 -33.78 -22.18
N GLU F 125 6.65 -34.51 -21.20
CA GLU F 125 7.40 -34.77 -19.98
C GLU F 125 8.60 -35.71 -20.23
N SER F 126 8.36 -36.81 -20.92
CA SER F 126 9.43 -37.75 -21.26
C SER F 126 10.63 -37.07 -21.92
N SER F 127 10.34 -36.23 -22.91
CA SER F 127 11.38 -35.53 -23.68
C SER F 127 11.79 -34.15 -23.18
N GLY F 128 11.27 -33.73 -22.04
CA GLY F 128 11.63 -32.43 -21.50
C GLY F 128 11.18 -31.22 -22.31
N LEU F 129 9.99 -31.29 -22.90
CA LEU F 129 9.46 -30.17 -23.70
C LEU F 129 8.32 -29.44 -23.00
N VAL F 130 8.05 -28.22 -23.44
CA VAL F 130 6.94 -27.46 -22.91
C VAL F 130 5.78 -27.70 -23.87
N LEU F 131 4.77 -28.43 -23.39
CA LEU F 131 3.60 -28.75 -24.19
C LEU F 131 2.74 -27.52 -24.37
N VAL F 132 2.51 -27.14 -25.62
CA VAL F 132 1.65 -26.00 -25.92
C VAL F 132 0.27 -26.59 -26.30
N THR F 133 -0.76 -26.19 -25.57
CA THR F 133 -2.12 -26.68 -25.80
C THR F 133 -3.18 -25.68 -25.42
N GLN F 134 -4.36 -25.83 -26.01
CA GLN F 134 -5.45 -24.93 -25.71
C GLN F 134 -6.45 -25.65 -24.80
N ASP F 135 -6.16 -26.92 -24.50
CA ASP F 135 -7.01 -27.75 -23.64
C ASP F 135 -6.77 -27.52 -22.14
N ARG F 136 -7.70 -26.85 -21.47
CA ARG F 136 -7.58 -26.57 -20.04
C ARG F 136 -7.17 -27.80 -19.25
N GLU F 137 -7.63 -28.98 -19.67
CA GLU F 137 -7.33 -30.23 -18.98
C GLU F 137 -5.87 -30.66 -19.14
N LEU F 138 -5.38 -30.70 -20.38
CA LEU F 138 -3.99 -31.05 -20.60
C LEU F 138 -3.10 -29.98 -19.98
N LEU F 139 -3.64 -28.78 -19.82
CA LEU F 139 -2.87 -27.69 -19.22
C LEU F 139 -2.71 -27.94 -17.73
N ALA F 140 -3.72 -28.52 -17.11
CA ALA F 140 -3.68 -28.80 -15.68
C ALA F 140 -3.08 -30.16 -15.34
N LYS F 141 -2.90 -31.02 -16.34
CA LYS F 141 -2.38 -32.34 -16.07
C LYS F 141 -1.01 -32.62 -16.65
N THR F 142 -0.43 -31.63 -17.32
CA THR F 142 0.90 -31.77 -17.91
C THR F 142 1.80 -30.71 -17.28
N LYS F 143 2.89 -31.15 -16.69
CA LYS F 143 3.81 -30.24 -16.03
C LYS F 143 4.49 -29.34 -17.02
N GLY F 144 4.50 -28.05 -16.72
CA GLY F 144 5.14 -27.06 -17.56
C GLY F 144 4.40 -26.72 -18.84
N ALA F 145 3.13 -27.11 -18.92
CA ALA F 145 2.34 -26.84 -20.10
C ALA F 145 1.87 -25.40 -20.15
N ILE F 146 1.76 -24.85 -21.34
CA ILE F 146 1.34 -23.46 -21.49
C ILE F 146 0.39 -23.36 -22.68
N ASP F 147 -0.34 -22.25 -22.75
CA ASP F 147 -1.25 -22.06 -23.85
C ASP F 147 -0.54 -21.31 -24.99
N VAL F 148 -1.22 -21.15 -26.12
CA VAL F 148 -0.65 -20.50 -27.30
C VAL F 148 -0.23 -19.08 -26.97
N GLU F 149 -1.11 -18.38 -26.27
CA GLU F 149 -0.86 -17.00 -25.89
C GLU F 149 0.48 -16.88 -25.13
N THR F 150 0.72 -17.81 -24.21
CA THR F 150 1.94 -17.75 -23.45
C THR F 150 3.13 -18.04 -24.35
N LEU F 151 3.00 -19.02 -25.23
CA LEU F 151 4.08 -19.36 -26.14
C LEU F 151 4.52 -18.15 -26.98
N LEU F 152 3.55 -17.35 -27.43
CA LEU F 152 3.86 -16.18 -28.23
C LEU F 152 4.64 -15.13 -27.44
N VAL F 153 4.31 -14.89 -26.16
CA VAL F 153 5.07 -13.89 -25.42
C VAL F 153 6.53 -14.35 -25.22
N ARG F 154 6.72 -15.64 -24.93
CA ARG F 154 8.07 -16.16 -24.73
C ARG F 154 8.89 -16.01 -26.00
N LEU F 155 8.22 -16.10 -27.15
CA LEU F 155 8.91 -15.96 -28.42
C LEU F 155 9.12 -14.48 -28.73
N ALA F 156 8.24 -13.63 -28.22
CA ALA F 156 8.34 -12.19 -28.44
C ALA F 156 9.57 -11.63 -27.72
N ALA F 157 10.00 -12.31 -26.68
CA ALA F 157 11.18 -11.92 -25.93
C ALA F 157 12.22 -13.02 -26.17
N GLN F 158 12.31 -13.45 -27.42
CA GLN F 158 13.24 -14.50 -27.81
C GLN F 158 14.26 -13.95 -28.81
N MET G 26 -41.52 -41.59 -7.22
CA MET G 26 -41.58 -43.05 -7.54
C MET G 26 -40.56 -43.84 -6.70
N ALA G 27 -40.29 -45.07 -7.13
CA ALA G 27 -39.38 -45.94 -6.43
C ALA G 27 -38.05 -46.19 -7.15
N VAL G 28 -37.56 -45.22 -7.91
CA VAL G 28 -36.30 -45.42 -8.60
C VAL G 28 -35.19 -45.21 -7.60
N GLU G 29 -34.20 -46.09 -7.61
CA GLU G 29 -33.07 -46.00 -6.70
C GLU G 29 -31.75 -45.94 -7.48
N TYR G 30 -31.76 -46.49 -8.68
CA TYR G 30 -30.55 -46.50 -9.48
C TYR G 30 -30.70 -45.83 -10.84
N LEU G 31 -29.62 -45.17 -11.26
CA LEU G 31 -29.57 -44.56 -12.57
C LEU G 31 -28.52 -45.36 -13.31
N VAL G 32 -28.94 -45.97 -14.42
CA VAL G 32 -28.06 -46.79 -15.24
C VAL G 32 -27.60 -46.08 -16.52
N ASP G 33 -26.28 -46.00 -16.72
CA ASP G 33 -25.74 -45.35 -17.91
C ASP G 33 -25.54 -46.35 -19.04
N ALA G 34 -25.16 -45.84 -20.21
CA ALA G 34 -24.97 -46.69 -21.37
C ALA G 34 -24.03 -47.90 -21.18
N SER G 35 -22.91 -47.76 -20.47
CA SER G 35 -22.03 -48.93 -20.30
C SER G 35 -22.65 -49.99 -19.40
N ALA G 36 -23.38 -49.55 -18.36
CA ALA G 36 -24.03 -50.46 -17.43
C ALA G 36 -25.18 -51.17 -18.14
N LEU G 37 -26.00 -50.39 -18.85
CA LEU G 37 -27.13 -50.96 -19.58
C LEU G 37 -26.62 -52.05 -20.49
N TYR G 38 -25.48 -51.79 -21.14
CA TYR G 38 -24.89 -52.74 -22.08
C TYR G 38 -24.47 -54.05 -21.41
N ALA G 39 -23.90 -53.95 -20.21
CA ALA G 39 -23.49 -55.13 -19.47
C ALA G 39 -24.75 -55.86 -18.91
N LEU G 40 -25.78 -55.10 -18.56
CA LEU G 40 -27.00 -55.66 -18.02
C LEU G 40 -27.77 -56.45 -19.05
N ALA G 41 -27.69 -56.03 -20.30
CA ALA G 41 -28.42 -56.67 -21.38
C ALA G 41 -28.23 -58.20 -21.42
N ALA G 42 -27.13 -58.69 -20.87
CA ALA G 42 -26.87 -60.13 -20.85
C ALA G 42 -27.24 -60.79 -19.53
N HIS G 43 -28.04 -60.10 -18.71
CA HIS G 43 -28.46 -60.64 -17.42
C HIS G 43 -29.92 -60.29 -17.18
N TYR G 44 -30.68 -60.26 -18.26
CA TYR G 44 -32.09 -59.93 -18.19
C TYR G 44 -32.84 -60.53 -17.00
N ASP G 45 -32.82 -61.86 -16.85
CA ASP G 45 -33.50 -62.55 -15.74
C ASP G 45 -33.18 -62.01 -14.37
N LYS G 46 -31.90 -61.83 -14.11
CA LYS G 46 -31.43 -61.35 -12.82
C LYS G 46 -31.94 -60.01 -12.32
N TRP G 47 -32.36 -59.12 -13.21
CA TRP G 47 -32.82 -57.81 -12.72
C TRP G 47 -34.22 -57.37 -13.15
N ILE G 48 -34.74 -57.97 -14.21
CA ILE G 48 -36.06 -57.59 -14.71
C ILE G 48 -37.16 -57.47 -13.66
N LYS G 49 -37.08 -58.25 -12.59
CA LYS G 49 -38.07 -58.20 -11.52
C LYS G 49 -37.94 -56.94 -10.66
N HIS G 50 -36.73 -56.38 -10.58
CA HIS G 50 -36.48 -55.18 -9.79
C HIS G 50 -36.41 -53.92 -10.67
N ARG G 51 -36.97 -54.04 -11.87
CA ARG G 51 -36.99 -52.97 -12.87
C ARG G 51 -37.55 -51.59 -12.49
N GLU G 52 -38.61 -51.52 -11.70
CA GLU G 52 -39.18 -50.23 -11.32
C GLU G 52 -38.24 -49.41 -10.43
N LYS G 53 -37.07 -49.97 -10.14
CA LYS G 53 -36.07 -49.31 -9.31
C LYS G 53 -34.92 -48.81 -10.17
N LEU G 54 -34.95 -49.21 -11.44
CA LEU G 54 -33.92 -48.83 -12.39
C LEU G 54 -34.38 -47.74 -13.38
N ALA G 55 -33.56 -46.72 -13.54
CA ALA G 55 -33.87 -45.63 -14.46
C ALA G 55 -32.69 -45.29 -15.39
N ILE G 56 -33.00 -44.63 -16.50
CA ILE G 56 -31.98 -44.17 -17.46
C ILE G 56 -32.36 -42.77 -17.92
N LEU G 57 -31.50 -42.18 -18.74
CA LEU G 57 -31.77 -40.86 -19.27
C LEU G 57 -32.16 -41.00 -20.73
N HIS G 58 -32.76 -39.98 -21.33
CA HIS G 58 -33.11 -40.10 -22.73
C HIS G 58 -31.81 -40.33 -23.50
N LEU G 59 -30.73 -39.76 -22.99
CA LEU G 59 -29.42 -39.88 -23.58
C LEU G 59 -29.03 -41.35 -23.73
N THR G 60 -29.33 -42.15 -22.70
CA THR G 60 -28.99 -43.57 -22.69
C THR G 60 -29.46 -44.32 -23.93
N ILE G 61 -30.65 -43.99 -24.42
CA ILE G 61 -31.18 -44.67 -25.60
C ILE G 61 -30.29 -44.47 -26.83
N TYR G 62 -29.87 -43.22 -27.06
CA TYR G 62 -29.02 -42.90 -28.20
C TYR G 62 -27.59 -43.43 -28.07
N GLU G 63 -27.06 -43.42 -26.86
CA GLU G 63 -25.71 -43.91 -26.62
C GLU G 63 -25.61 -45.42 -26.83
N ALA G 64 -26.66 -46.14 -26.41
CA ALA G 64 -26.70 -47.59 -26.57
C ALA G 64 -26.82 -47.87 -28.04
N GLY G 65 -27.61 -47.04 -28.72
CA GLY G 65 -27.82 -47.16 -30.15
C GLY G 65 -26.54 -46.94 -30.95
N ASN G 66 -25.78 -45.91 -30.61
CA ASN G 66 -24.55 -45.61 -31.34
C ASN G 66 -23.58 -46.75 -31.16
N ALA G 67 -23.62 -47.36 -29.98
CA ALA G 67 -22.74 -48.48 -29.66
C ALA G 67 -23.01 -49.72 -30.51
N LEU G 68 -24.28 -50.04 -30.75
CA LEU G 68 -24.63 -51.21 -31.55
C LEU G 68 -24.32 -50.86 -33.01
N TRP G 69 -24.56 -49.61 -33.38
CA TRP G 69 -24.27 -49.15 -34.72
C TRP G 69 -22.77 -49.35 -35.04
N LYS G 70 -21.90 -49.05 -34.09
CA LYS G 70 -20.46 -49.19 -34.28
C LYS G 70 -20.09 -50.64 -34.54
N GLU G 71 -20.85 -51.56 -33.97
CA GLU G 71 -20.56 -52.98 -34.16
C GLU G 71 -21.08 -53.40 -35.51
N ALA G 72 -22.23 -52.86 -35.90
CA ALA G 72 -22.79 -53.18 -37.20
C ALA G 72 -21.80 -52.71 -38.26
N ARG G 73 -21.23 -51.52 -38.05
CA ARG G 73 -20.27 -50.93 -38.98
C ARG G 73 -19.03 -51.78 -39.13
N LEU G 74 -18.64 -52.46 -38.05
CA LEU G 74 -17.46 -53.29 -38.05
C LEU G 74 -17.68 -54.77 -38.32
N GLY G 75 -18.79 -55.09 -38.96
CA GLY G 75 -19.03 -56.48 -39.30
C GLY G 75 -19.88 -57.38 -38.41
N ARG G 76 -20.77 -56.80 -37.59
CA ARG G 76 -21.61 -57.65 -36.78
C ARG G 76 -22.76 -58.10 -37.67
N VAL G 77 -22.95 -59.40 -37.78
CA VAL G 77 -23.98 -59.99 -38.64
C VAL G 77 -25.41 -59.89 -38.12
N ASP G 78 -25.60 -60.26 -36.86
CA ASP G 78 -26.93 -60.26 -36.25
C ASP G 78 -27.34 -58.91 -35.69
N TRP G 79 -26.93 -57.83 -36.37
CA TRP G 79 -27.24 -56.49 -35.88
C TRP G 79 -28.72 -56.11 -35.83
N ALA G 80 -29.52 -56.64 -36.73
CA ALA G 80 -30.95 -56.34 -36.74
C ALA G 80 -31.66 -57.00 -35.55
N ALA G 81 -31.35 -58.27 -35.32
CA ALA G 81 -31.93 -59.00 -34.21
C ALA G 81 -31.48 -58.34 -32.90
N ALA G 82 -30.19 -58.02 -32.81
CA ALA G 82 -29.66 -57.38 -31.63
C ALA G 82 -30.41 -56.07 -31.36
N SER G 83 -30.62 -55.28 -32.40
CA SER G 83 -31.30 -54.01 -32.22
C SER G 83 -32.65 -54.19 -31.52
N ARG G 84 -33.35 -55.27 -31.85
CA ARG G 84 -34.64 -55.55 -31.27
C ARG G 84 -34.51 -55.96 -29.81
N HIS G 85 -33.50 -56.77 -29.53
CA HIS G 85 -33.26 -57.21 -28.16
C HIS G 85 -32.90 -56.01 -27.28
N LEU G 86 -32.08 -55.11 -27.83
CA LEU G 86 -31.62 -53.92 -27.11
C LEU G 86 -32.79 -52.97 -26.89
N LYS G 87 -33.68 -52.91 -27.88
CA LYS G 87 -34.86 -52.05 -27.76
C LYS G 87 -35.75 -52.53 -26.61
N LYS G 88 -35.76 -53.84 -26.38
CA LYS G 88 -36.56 -54.46 -25.33
C LYS G 88 -35.96 -54.19 -23.95
N VAL G 89 -34.65 -54.36 -23.85
CA VAL G 89 -33.97 -54.12 -22.59
C VAL G 89 -34.13 -52.67 -22.18
N LEU G 90 -34.06 -51.75 -23.13
CA LEU G 90 -34.20 -50.33 -22.83
C LEU G 90 -35.61 -49.96 -22.37
N SER G 91 -36.62 -50.60 -22.95
CA SER G 91 -38.01 -50.28 -22.58
C SER G 91 -38.35 -50.71 -21.15
N SER G 92 -37.50 -51.54 -20.57
CA SER G 92 -37.71 -52.04 -19.22
C SER G 92 -37.45 -51.00 -18.15
N PHE G 93 -36.73 -49.94 -18.53
CA PHE G 93 -36.35 -48.89 -17.59
C PHE G 93 -37.24 -47.64 -17.61
N LYS G 94 -37.26 -46.95 -16.49
CA LYS G 94 -38.01 -45.71 -16.42
C LYS G 94 -37.00 -44.72 -16.97
N VAL G 95 -37.50 -43.65 -17.58
CA VAL G 95 -36.66 -42.62 -18.17
C VAL G 95 -36.90 -41.32 -17.42
N LEU G 96 -35.87 -40.79 -16.77
CA LEU G 96 -36.00 -39.55 -16.01
C LEU G 96 -36.02 -38.36 -16.95
N GLU G 97 -36.39 -37.20 -16.44
CA GLU G 97 -36.42 -36.01 -17.27
C GLU G 97 -35.01 -35.54 -17.56
N ASP G 98 -34.86 -34.74 -18.62
CA ASP G 98 -33.55 -34.19 -18.99
C ASP G 98 -33.18 -33.16 -17.93
N PRO G 99 -31.90 -33.13 -17.51
CA PRO G 99 -31.37 -32.20 -16.49
C PRO G 99 -31.16 -30.80 -17.06
N PRO G 100 -30.89 -29.81 -16.18
CA PRO G 100 -30.65 -28.44 -16.60
C PRO G 100 -29.27 -28.41 -17.26
N LEU G 101 -29.19 -27.92 -18.49
CA LEU G 101 -27.93 -27.88 -19.19
C LEU G 101 -26.83 -27.10 -18.45
N ASP G 102 -27.22 -26.03 -17.76
CA ASP G 102 -26.24 -25.22 -17.04
C ASP G 102 -25.61 -25.98 -15.85
N GLU G 103 -26.42 -26.75 -15.14
CA GLU G 103 -25.96 -27.53 -13.98
C GLU G 103 -25.00 -28.64 -14.39
N VAL G 104 -25.38 -29.37 -15.44
CA VAL G 104 -24.57 -30.46 -15.96
C VAL G 104 -23.20 -29.97 -16.45
N LEU G 105 -23.20 -28.83 -17.11
CA LEU G 105 -21.97 -28.24 -17.65
C LEU G 105 -21.00 -27.88 -16.53
N ARG G 106 -21.54 -27.31 -15.45
CA ARG G 106 -20.72 -26.93 -14.31
C ARG G 106 -19.95 -28.17 -13.84
N VAL G 107 -20.68 -29.26 -13.64
CA VAL G 107 -20.06 -30.51 -13.19
C VAL G 107 -18.97 -30.98 -14.14
N ALA G 108 -19.28 -30.98 -15.44
CA ALA G 108 -18.31 -31.44 -16.43
C ALA G 108 -17.03 -30.63 -16.36
N VAL G 109 -17.16 -29.31 -16.23
CA VAL G 109 -15.99 -28.45 -16.15
C VAL G 109 -15.21 -28.64 -14.86
N GLU G 110 -15.90 -28.61 -13.72
CA GLU G 110 -15.26 -28.77 -12.43
C GLU G 110 -14.65 -30.15 -12.21
N ARG G 111 -15.28 -31.21 -12.75
CA ARG G 111 -14.76 -32.56 -12.55
C ARG G 111 -13.96 -33.22 -13.68
N GLY G 112 -13.81 -32.55 -14.81
CA GLY G 112 -13.05 -33.15 -15.89
C GLY G 112 -13.75 -34.30 -16.58
N LEU G 113 -15.06 -34.18 -16.75
CA LEU G 113 -15.84 -35.21 -17.43
C LEU G 113 -16.43 -34.61 -18.70
N THR G 114 -16.86 -35.47 -19.62
CA THR G 114 -17.51 -34.99 -20.83
C THR G 114 -18.87 -34.52 -20.36
N PHE G 115 -19.60 -33.80 -21.22
CA PHE G 115 -20.93 -33.34 -20.87
C PHE G 115 -21.88 -34.56 -20.73
N TYR G 116 -21.61 -35.61 -21.51
CA TYR G 116 -22.42 -36.81 -21.45
C TYR G 116 -22.27 -37.55 -20.12
N ASP G 117 -21.03 -37.75 -19.66
CA ASP G 117 -20.80 -38.45 -18.39
C ASP G 117 -21.28 -37.59 -17.23
N ALA G 118 -21.10 -36.28 -17.37
CA ALA G 118 -21.52 -35.34 -16.33
C ALA G 118 -23.03 -35.45 -16.15
N SER G 119 -23.74 -35.73 -17.24
CA SER G 119 -25.20 -35.87 -17.19
C SER G 119 -25.63 -36.91 -16.15
N TYR G 120 -24.96 -38.05 -16.13
CA TYR G 120 -25.29 -39.12 -15.18
C TYR G 120 -24.82 -38.84 -13.75
N ALA G 121 -23.67 -38.18 -13.62
CA ALA G 121 -23.15 -37.83 -12.30
C ALA G 121 -24.08 -36.79 -11.67
N TYR G 122 -24.46 -35.77 -12.45
CA TYR G 122 -25.33 -34.74 -11.92
C TYR G 122 -26.71 -35.24 -11.53
N VAL G 123 -27.31 -36.07 -12.37
CA VAL G 123 -28.64 -36.58 -12.09
C VAL G 123 -28.66 -37.55 -10.90
N ALA G 124 -27.69 -38.46 -10.83
CA ALA G 124 -27.64 -39.43 -9.73
C ALA G 124 -27.50 -38.72 -8.39
N GLU G 125 -26.56 -37.78 -8.31
CA GLU G 125 -26.35 -37.04 -7.07
C GLU G 125 -27.49 -36.08 -6.79
N SER G 126 -27.91 -35.34 -7.81
CA SER G 126 -28.99 -34.38 -7.65
C SER G 126 -30.30 -34.99 -7.16
N SER G 127 -30.53 -36.25 -7.52
CA SER G 127 -31.76 -36.92 -7.14
C SER G 127 -31.53 -37.97 -6.07
N GLY G 128 -30.31 -38.03 -5.55
CA GLY G 128 -30.01 -39.01 -4.52
C GLY G 128 -30.15 -40.43 -5.02
N LEU G 129 -29.78 -40.70 -6.26
CA LEU G 129 -29.86 -42.07 -6.79
C LEU G 129 -28.47 -42.65 -6.78
N VAL G 130 -28.34 -43.95 -7.04
CA VAL G 130 -27.04 -44.58 -7.10
C VAL G 130 -26.77 -44.82 -8.57
N LEU G 131 -25.64 -44.30 -9.04
CA LEU G 131 -25.29 -44.42 -10.44
C LEU G 131 -24.67 -45.79 -10.71
N VAL G 132 -25.21 -46.52 -11.68
CA VAL G 132 -24.62 -47.80 -12.03
C VAL G 132 -23.91 -47.52 -13.36
N THR G 133 -22.58 -47.66 -13.34
CA THR G 133 -21.76 -47.44 -14.51
C THR G 133 -20.58 -48.41 -14.53
N GLN G 134 -20.10 -48.72 -15.73
CA GLN G 134 -18.99 -49.63 -15.88
C GLN G 134 -17.74 -48.78 -16.15
N ASP G 135 -17.93 -47.48 -16.17
CA ASP G 135 -16.85 -46.53 -16.41
C ASP G 135 -16.10 -46.21 -15.11
N ARG G 136 -14.85 -46.66 -15.01
CA ARG G 136 -14.02 -46.42 -13.82
C ARG G 136 -13.89 -44.94 -13.48
N GLU G 137 -13.95 -44.09 -14.50
CA GLU G 137 -13.85 -42.66 -14.28
C GLU G 137 -15.09 -42.13 -13.56
N LEU G 138 -16.26 -42.49 -14.07
CA LEU G 138 -17.51 -42.05 -13.45
C LEU G 138 -17.65 -42.64 -12.05
N LEU G 139 -17.22 -43.88 -11.87
CA LEU G 139 -17.30 -44.53 -10.56
C LEU G 139 -16.55 -43.67 -9.55
N ALA G 140 -15.32 -43.33 -9.90
CA ALA G 140 -14.46 -42.54 -9.04
C ALA G 140 -14.89 -41.08 -8.86
N LYS G 141 -15.59 -40.50 -9.84
CA LYS G 141 -16.00 -39.11 -9.73
C LYS G 141 -17.46 -38.90 -9.32
N THR G 142 -18.16 -39.99 -9.00
CA THR G 142 -19.55 -39.88 -8.58
C THR G 142 -19.79 -40.49 -7.22
N LYS G 143 -20.40 -39.72 -6.32
CA LYS G 143 -20.68 -40.24 -4.99
C LYS G 143 -21.74 -41.33 -5.06
N GLY G 144 -21.41 -42.48 -4.46
CA GLY G 144 -22.33 -43.60 -4.43
C GLY G 144 -22.38 -44.53 -5.62
N ALA G 145 -21.69 -44.18 -6.70
CA ALA G 145 -21.69 -44.99 -7.91
C ALA G 145 -21.12 -46.38 -7.70
N ILE G 146 -21.72 -47.39 -8.33
CA ILE G 146 -21.22 -48.74 -8.22
C ILE G 146 -21.27 -49.35 -9.63
N ASP G 147 -20.72 -50.55 -9.80
CA ASP G 147 -20.73 -51.18 -11.12
C ASP G 147 -21.87 -52.17 -11.26
N VAL G 148 -21.98 -52.76 -12.44
CA VAL G 148 -23.04 -53.72 -12.71
C VAL G 148 -22.97 -54.87 -11.74
N GLU G 149 -21.79 -55.46 -11.61
CA GLU G 149 -21.60 -56.59 -10.71
C GLU G 149 -22.15 -56.28 -9.32
N THR G 150 -21.78 -55.11 -8.79
CA THR G 150 -22.25 -54.67 -7.47
C THR G 150 -23.78 -54.56 -7.44
N LEU G 151 -24.36 -53.92 -8.45
CA LEU G 151 -25.80 -53.76 -8.53
C LEU G 151 -26.48 -55.14 -8.47
N LEU G 152 -25.97 -56.06 -9.28
CA LEU G 152 -26.53 -57.40 -9.35
C LEU G 152 -26.50 -58.15 -8.03
N VAL G 153 -25.39 -58.04 -7.29
CA VAL G 153 -25.34 -58.72 -6.00
C VAL G 153 -26.30 -58.03 -5.05
N ARG G 154 -26.57 -56.75 -5.28
CA ARG G 154 -27.51 -56.00 -4.44
C ARG G 154 -28.95 -56.45 -4.72
N LEU G 155 -29.25 -56.71 -5.97
CA LEU G 155 -30.59 -57.13 -6.34
C LEU G 155 -30.85 -58.56 -5.92
N ALA G 156 -29.78 -59.35 -5.84
CA ALA G 156 -29.87 -60.76 -5.46
C ALA G 156 -30.57 -60.91 -4.11
N ALA G 157 -30.10 -60.13 -3.14
CA ALA G 157 -30.63 -60.15 -1.79
C ALA G 157 -32.02 -59.54 -1.64
N GLN G 158 -32.92 -59.77 -2.60
CA GLN G 158 -34.28 -59.25 -2.48
C GLN G 158 -35.21 -59.61 -3.62
N ALA H 27 -48.95 -26.62 -34.26
CA ALA H 27 -48.52 -27.87 -34.95
C ALA H 27 -47.06 -27.76 -35.44
N VAL H 28 -46.26 -28.76 -35.08
CA VAL H 28 -44.86 -28.80 -35.45
C VAL H 28 -44.65 -29.03 -36.95
N GLU H 29 -43.76 -28.24 -37.53
CA GLU H 29 -43.44 -28.32 -38.96
C GLU H 29 -42.00 -28.77 -39.20
N TYR H 30 -41.07 -28.30 -38.36
CA TYR H 30 -39.66 -28.62 -38.51
C TYR H 30 -38.98 -29.32 -37.32
N LEU H 31 -38.01 -30.18 -37.62
CA LEU H 31 -37.23 -30.87 -36.60
C LEU H 31 -35.83 -30.27 -36.70
N VAL H 32 -35.40 -29.64 -35.62
CA VAL H 32 -34.09 -28.99 -35.58
C VAL H 32 -33.03 -29.85 -34.89
N ASP H 33 -31.88 -30.05 -35.54
CA ASP H 33 -30.82 -30.84 -34.92
C ASP H 33 -29.87 -29.93 -34.12
N ALA H 34 -28.83 -30.53 -33.55
CA ALA H 34 -27.90 -29.78 -32.71
C ALA H 34 -27.11 -28.69 -33.44
N SER H 35 -26.61 -28.98 -34.65
CA SER H 35 -25.85 -27.96 -35.38
C SER H 35 -26.76 -26.80 -35.76
N ALA H 36 -28.00 -27.07 -36.15
CA ALA H 36 -28.93 -26.02 -36.51
C ALA H 36 -29.30 -25.18 -35.28
N LEU H 37 -29.66 -25.87 -34.21
CA LEU H 37 -30.03 -25.25 -32.93
C LEU H 37 -28.93 -24.33 -32.45
N TYR H 38 -27.68 -24.78 -32.55
CA TYR H 38 -26.53 -24.00 -32.11
C TYR H 38 -26.44 -22.68 -32.88
N ALA H 39 -26.65 -22.75 -34.20
CA ALA H 39 -26.61 -21.56 -35.04
C ALA H 39 -27.80 -20.65 -34.76
N LEU H 40 -28.98 -21.23 -34.60
CA LEU H 40 -30.18 -20.44 -34.33
C LEU H 40 -30.10 -19.69 -33.01
N ALA H 41 -29.18 -20.09 -32.14
CA ALA H 41 -29.05 -19.46 -30.83
C ALA H 41 -28.62 -18.01 -30.94
N ALA H 42 -28.19 -17.60 -32.14
CA ALA H 42 -27.75 -16.24 -32.36
C ALA H 42 -28.88 -15.37 -32.93
N HIS H 43 -29.86 -16.01 -33.55
CA HIS H 43 -31.00 -15.32 -34.15
C HIS H 43 -32.29 -15.58 -33.37
N TYR H 44 -32.21 -15.50 -32.06
CA TYR H 44 -33.36 -15.73 -31.20
C TYR H 44 -34.61 -14.97 -31.66
N ASP H 45 -34.48 -13.66 -31.80
CA ASP H 45 -35.59 -12.79 -32.21
C ASP H 45 -36.36 -13.27 -33.43
N LYS H 46 -35.63 -13.61 -34.48
CA LYS H 46 -36.22 -14.07 -35.72
C LYS H 46 -37.17 -15.27 -35.59
N TRP H 47 -36.98 -16.14 -34.60
CA TRP H 47 -37.84 -17.31 -34.51
C TRP H 47 -38.71 -17.64 -33.28
N ILE H 48 -38.58 -16.93 -32.16
CA ILE H 48 -39.40 -17.29 -31.01
C ILE H 48 -40.89 -17.25 -31.32
N LYS H 49 -41.25 -16.35 -32.24
CA LYS H 49 -42.61 -16.15 -32.69
C LYS H 49 -43.20 -17.43 -33.28
N HIS H 50 -42.37 -18.19 -33.99
CA HIS H 50 -42.79 -19.43 -34.65
C HIS H 50 -42.40 -20.72 -33.91
N ARG H 51 -41.99 -20.57 -32.65
CA ARG H 51 -41.54 -21.70 -31.83
C ARG H 51 -42.48 -22.91 -31.77
N GLU H 52 -43.77 -22.70 -32.02
CA GLU H 52 -44.70 -23.83 -31.97
C GLU H 52 -44.52 -24.73 -33.19
N LYS H 53 -43.80 -24.23 -34.19
CA LYS H 53 -43.54 -24.99 -35.39
C LYS H 53 -42.21 -25.74 -35.33
N LEU H 54 -41.40 -25.43 -34.32
CA LEU H 54 -40.08 -26.06 -34.16
C LEU H 54 -39.97 -27.13 -33.07
N ALA H 55 -39.32 -28.23 -33.40
CA ALA H 55 -39.14 -29.32 -32.46
C ALA H 55 -37.72 -29.86 -32.48
N ILE H 56 -37.31 -30.46 -31.36
CA ILE H 56 -36.00 -31.07 -31.20
C ILE H 56 -36.22 -32.43 -30.57
N LEU H 57 -35.13 -33.12 -30.26
CA LEU H 57 -35.22 -34.43 -29.62
C LEU H 57 -34.58 -34.30 -28.26
N HIS H 58 -34.76 -35.29 -27.41
CA HIS H 58 -34.13 -35.24 -26.11
C HIS H 58 -32.62 -35.25 -26.36
N LEU H 59 -32.20 -35.88 -27.46
CA LEU H 59 -30.80 -35.97 -27.84
C LEU H 59 -30.20 -34.58 -28.04
N THR H 60 -30.96 -33.71 -28.70
CA THR H 60 -30.51 -32.35 -29.00
C THR H 60 -29.95 -31.61 -27.80
N ILE H 61 -30.49 -31.88 -26.63
CA ILE H 61 -30.01 -31.22 -25.42
C ILE H 61 -28.55 -31.56 -25.10
N TYR H 62 -28.25 -32.86 -25.07
CA TYR H 62 -26.91 -33.32 -24.76
C TYR H 62 -25.90 -32.96 -25.85
N GLU H 63 -26.32 -33.01 -27.11
CA GLU H 63 -25.43 -32.68 -28.20
C GLU H 63 -25.06 -31.21 -28.12
N ALA H 64 -26.02 -30.37 -27.77
CA ALA H 64 -25.71 -28.95 -27.64
C ALA H 64 -24.78 -28.78 -26.45
N GLY H 65 -25.11 -29.47 -25.36
CA GLY H 65 -24.29 -29.38 -24.17
C GLY H 65 -22.87 -29.82 -24.41
N ASN H 66 -22.68 -30.91 -25.13
CA ASN H 66 -21.32 -31.39 -25.36
C ASN H 66 -20.51 -30.41 -26.22
N ALA H 67 -21.20 -29.76 -27.15
CA ALA H 67 -20.56 -28.80 -28.04
C ALA H 67 -20.08 -27.58 -27.25
N LEU H 68 -20.88 -27.13 -26.29
CA LEU H 68 -20.50 -25.97 -25.50
C LEU H 68 -19.37 -26.35 -24.56
N TRP H 69 -19.43 -27.59 -24.08
CA TRP H 69 -18.45 -28.14 -23.17
C TRP H 69 -17.09 -28.12 -23.82
N LYS H 70 -17.06 -28.40 -25.13
CA LYS H 70 -15.82 -28.42 -25.90
C LYS H 70 -15.17 -27.05 -25.99
N GLU H 71 -15.98 -26.00 -26.01
CA GLU H 71 -15.44 -24.66 -26.09
C GLU H 71 -14.89 -24.30 -24.71
N ALA H 72 -15.60 -24.72 -23.67
CA ALA H 72 -15.15 -24.46 -22.31
C ALA H 72 -13.80 -25.11 -22.13
N ARG H 73 -13.68 -26.34 -22.62
CA ARG H 73 -12.45 -27.11 -22.55
C ARG H 73 -11.31 -26.43 -23.31
N LEU H 74 -11.66 -25.67 -24.34
CA LEU H 74 -10.67 -25.00 -25.18
C LEU H 74 -10.45 -23.53 -24.84
N GLY H 75 -10.93 -23.08 -23.69
CA GLY H 75 -10.69 -21.72 -23.30
C GLY H 75 -11.81 -20.70 -23.30
N ARG H 76 -13.02 -21.08 -23.66
CA ARG H 76 -14.09 -20.08 -23.65
C ARG H 76 -14.37 -19.67 -22.22
N VAL H 77 -14.20 -18.36 -21.95
CA VAL H 77 -14.37 -17.80 -20.61
C VAL H 77 -15.84 -17.67 -20.13
N ASP H 78 -16.73 -17.25 -21.02
CA ASP H 78 -18.14 -17.06 -20.68
C ASP H 78 -19.05 -18.28 -20.83
N TRP H 79 -18.54 -19.47 -20.56
CA TRP H 79 -19.35 -20.68 -20.71
C TRP H 79 -20.51 -20.77 -19.74
N ALA H 80 -20.32 -20.28 -18.51
CA ALA H 80 -21.40 -20.31 -17.51
C ALA H 80 -22.58 -19.50 -18.04
N ALA H 81 -22.31 -18.29 -18.51
CA ALA H 81 -23.35 -17.45 -19.06
C ALA H 81 -23.89 -18.04 -20.36
N ALA H 82 -22.99 -18.43 -21.25
CA ALA H 82 -23.41 -18.99 -22.51
C ALA H 82 -24.24 -20.24 -22.28
N SER H 83 -24.05 -20.89 -21.13
CA SER H 83 -24.82 -22.10 -20.86
C SER H 83 -26.28 -21.73 -20.53
N ARG H 84 -26.47 -20.64 -19.81
CA ARG H 84 -27.81 -20.21 -19.45
C ARG H 84 -28.60 -19.79 -20.70
N HIS H 85 -27.93 -19.10 -21.61
CA HIS H 85 -28.57 -18.67 -22.84
C HIS H 85 -29.00 -19.92 -23.61
N LEU H 86 -28.10 -20.90 -23.71
CA LEU H 86 -28.40 -22.15 -24.41
C LEU H 86 -29.59 -22.86 -23.76
N LYS H 87 -29.61 -22.86 -22.43
CA LYS H 87 -30.70 -23.50 -21.69
C LYS H 87 -32.02 -22.86 -22.10
N LYS H 88 -32.05 -21.53 -22.07
CA LYS H 88 -33.22 -20.79 -22.46
C LYS H 88 -33.60 -21.12 -23.90
N VAL H 89 -32.63 -21.06 -24.81
CA VAL H 89 -32.91 -21.35 -26.21
C VAL H 89 -33.58 -22.72 -26.35
N LEU H 90 -32.94 -23.75 -25.80
CA LEU H 90 -33.47 -25.11 -25.87
C LEU H 90 -34.88 -25.26 -25.29
N SER H 91 -35.18 -24.55 -24.21
CA SER H 91 -36.48 -24.65 -23.57
C SER H 91 -37.64 -24.18 -24.47
N SER H 92 -37.33 -23.41 -25.49
CA SER H 92 -38.33 -22.89 -26.40
C SER H 92 -38.89 -23.93 -27.38
N PHE H 93 -38.21 -25.07 -27.51
CA PHE H 93 -38.65 -26.07 -28.46
C PHE H 93 -39.49 -27.18 -27.87
N LYS H 94 -40.35 -27.73 -28.71
CA LYS H 94 -41.18 -28.84 -28.28
C LYS H 94 -40.29 -30.05 -28.50
N VAL H 95 -40.25 -30.95 -27.54
CA VAL H 95 -39.42 -32.12 -27.67
C VAL H 95 -40.27 -33.32 -28.08
N LEU H 96 -39.82 -34.04 -29.10
CA LEU H 96 -40.55 -35.20 -29.58
C LEU H 96 -40.11 -36.48 -28.89
N GLU H 97 -40.96 -37.50 -28.96
CA GLU H 97 -40.69 -38.80 -28.38
C GLU H 97 -39.50 -39.43 -29.07
N ASP H 98 -38.74 -40.20 -28.30
CA ASP H 98 -37.59 -40.90 -28.83
C ASP H 98 -38.06 -41.93 -29.87
N PRO H 99 -37.29 -42.08 -30.95
CA PRO H 99 -37.61 -43.01 -32.02
C PRO H 99 -37.32 -44.44 -31.58
N PRO H 100 -37.79 -45.42 -32.35
CA PRO H 100 -37.51 -46.80 -31.97
C PRO H 100 -36.07 -47.04 -32.40
N LEU H 101 -35.21 -47.42 -31.44
CA LEU H 101 -33.80 -47.69 -31.71
C LEU H 101 -33.70 -48.60 -32.92
N ASP H 102 -34.74 -49.43 -33.03
CA ASP H 102 -34.98 -50.41 -34.07
C ASP H 102 -34.81 -49.80 -35.47
N GLU H 103 -35.76 -48.92 -35.78
CA GLU H 103 -35.86 -48.19 -37.04
C GLU H 103 -34.63 -47.34 -37.37
N VAL H 104 -34.18 -46.57 -36.39
CA VAL H 104 -33.04 -45.68 -36.52
C VAL H 104 -31.79 -46.41 -36.99
N LEU H 105 -31.48 -47.54 -36.35
CA LEU H 105 -30.30 -48.32 -36.71
C LEU H 105 -30.33 -48.71 -38.19
N ARG H 106 -31.50 -49.09 -38.67
CA ARG H 106 -31.66 -49.49 -40.07
C ARG H 106 -31.31 -48.34 -40.99
N VAL H 107 -31.87 -47.17 -40.68
CA VAL H 107 -31.63 -45.96 -41.45
C VAL H 107 -30.15 -45.63 -41.45
N ALA H 108 -29.50 -45.81 -40.31
CA ALA H 108 -28.09 -45.50 -40.19
C ALA H 108 -27.25 -46.45 -41.00
N VAL H 109 -27.63 -47.72 -41.01
CA VAL H 109 -26.87 -48.72 -41.74
C VAL H 109 -27.01 -48.53 -43.24
N GLU H 110 -28.23 -48.26 -43.67
CA GLU H 110 -28.51 -48.08 -45.07
C GLU H 110 -27.95 -46.79 -45.67
N ARG H 111 -28.13 -45.66 -44.98
CA ARG H 111 -27.65 -44.39 -45.50
C ARG H 111 -26.24 -43.96 -45.08
N GLY H 112 -25.53 -44.86 -44.40
CA GLY H 112 -24.18 -44.51 -43.97
C GLY H 112 -24.12 -43.31 -43.04
N LEU H 113 -25.07 -43.24 -42.12
CA LEU H 113 -25.12 -42.17 -41.14
C LEU H 113 -24.78 -42.73 -39.76
N THR H 114 -24.64 -41.84 -38.79
CA THR H 114 -24.36 -42.27 -37.42
C THR H 114 -25.73 -42.45 -36.80
N PHE H 115 -25.81 -43.26 -35.74
CA PHE H 115 -27.08 -43.46 -35.05
C PHE H 115 -27.63 -42.09 -34.65
N TYR H 116 -26.75 -41.19 -34.26
CA TYR H 116 -27.18 -39.87 -33.87
C TYR H 116 -27.84 -39.13 -35.02
N ASP H 117 -27.13 -39.00 -36.14
CA ASP H 117 -27.67 -38.29 -37.30
C ASP H 117 -28.92 -38.97 -37.85
N ALA H 118 -28.90 -40.29 -37.94
CA ALA H 118 -30.03 -41.05 -38.44
C ALA H 118 -31.29 -40.86 -37.61
N SER H 119 -31.16 -40.56 -36.32
CA SER H 119 -32.35 -40.36 -35.49
C SER H 119 -33.17 -39.18 -36.00
N TYR H 120 -32.47 -38.11 -36.36
CA TYR H 120 -33.08 -36.90 -36.87
C TYR H 120 -33.73 -37.16 -38.23
N ALA H 121 -33.01 -37.87 -39.09
CA ALA H 121 -33.52 -38.19 -40.41
C ALA H 121 -34.77 -39.07 -40.30
N TYR H 122 -34.70 -40.09 -39.44
CA TYR H 122 -35.83 -41.00 -39.26
C TYR H 122 -37.08 -40.31 -38.74
N VAL H 123 -36.93 -39.47 -37.73
CA VAL H 123 -38.08 -38.79 -37.17
C VAL H 123 -38.70 -37.81 -38.15
N ALA H 124 -37.87 -36.96 -38.74
CA ALA H 124 -38.33 -35.97 -39.71
C ALA H 124 -39.18 -36.60 -40.82
N GLU H 125 -38.63 -37.65 -41.42
CA GLU H 125 -39.32 -38.34 -42.48
C GLU H 125 -40.57 -39.05 -41.97
N SER H 126 -40.39 -39.94 -40.99
CA SER H 126 -41.51 -40.71 -40.43
C SER H 126 -42.63 -39.83 -39.90
N SER H 127 -42.33 -38.58 -39.58
CA SER H 127 -43.33 -37.67 -39.04
C SER H 127 -43.70 -36.59 -40.04
N GLY H 128 -43.20 -36.72 -41.28
CA GLY H 128 -43.49 -35.74 -42.31
C GLY H 128 -43.08 -34.32 -41.92
N LEU H 129 -41.85 -34.16 -41.41
CA LEU H 129 -41.34 -32.85 -41.01
C LEU H 129 -40.12 -32.45 -41.84
N VAL H 130 -39.72 -31.18 -41.74
CA VAL H 130 -38.55 -30.69 -42.46
C VAL H 130 -37.37 -30.58 -41.50
N LEU H 131 -36.36 -31.42 -41.75
CA LEU H 131 -35.15 -31.47 -40.93
C LEU H 131 -34.36 -30.21 -41.17
N VAL H 132 -34.08 -29.47 -40.11
CA VAL H 132 -33.26 -28.27 -40.25
C VAL H 132 -31.92 -28.70 -39.68
N THR H 133 -30.88 -28.65 -40.50
CA THR H 133 -29.55 -29.06 -40.08
C THR H 133 -28.46 -28.33 -40.82
N GLN H 134 -27.31 -28.19 -40.19
CA GLN H 134 -26.20 -27.51 -40.84
C GLN H 134 -25.22 -28.54 -41.39
N ASP H 135 -25.55 -29.81 -41.21
CA ASP H 135 -24.72 -30.91 -41.67
C ASP H 135 -25.00 -31.27 -43.12
N ARG H 136 -24.00 -31.06 -43.96
CA ARG H 136 -24.07 -31.33 -45.40
C ARG H 136 -24.48 -32.76 -45.71
N GLU H 137 -23.96 -33.71 -44.95
CA GLU H 137 -24.26 -35.12 -45.15
C GLU H 137 -25.73 -35.46 -44.85
N LEU H 138 -26.30 -34.84 -43.82
CA LEU H 138 -27.71 -35.08 -43.50
C LEU H 138 -28.60 -34.32 -44.48
N LEU H 139 -28.16 -33.14 -44.92
CA LEU H 139 -28.93 -32.36 -45.88
C LEU H 139 -29.15 -33.18 -47.14
N ALA H 140 -28.07 -33.77 -47.63
CA ALA H 140 -28.12 -34.58 -48.83
C ALA H 140 -28.80 -35.93 -48.62
N LYS H 141 -28.85 -36.41 -47.38
CA LYS H 141 -29.45 -37.71 -47.13
C LYS H 141 -30.82 -37.75 -46.46
N THR H 142 -31.46 -36.59 -46.34
CA THR H 142 -32.77 -36.52 -45.73
C THR H 142 -33.72 -35.73 -46.64
N LYS H 143 -34.72 -36.42 -47.16
CA LYS H 143 -35.70 -35.82 -48.05
C LYS H 143 -36.37 -34.60 -47.44
N GLY H 144 -36.25 -33.46 -48.15
CA GLY H 144 -36.85 -32.22 -47.69
C GLY H 144 -36.05 -31.41 -46.70
N ALA H 145 -34.87 -31.90 -46.31
CA ALA H 145 -34.02 -31.20 -45.34
C ALA H 145 -33.49 -29.85 -45.84
N ILE H 146 -33.47 -28.86 -44.96
CA ILE H 146 -32.96 -27.51 -45.28
C ILE H 146 -31.99 -27.05 -44.18
N ASP H 147 -31.16 -26.04 -44.47
CA ASP H 147 -30.23 -25.53 -43.47
C ASP H 147 -30.81 -24.34 -42.74
N VAL H 148 -30.06 -23.84 -41.75
CA VAL H 148 -30.54 -22.72 -40.97
C VAL H 148 -30.90 -21.51 -41.83
N GLU H 149 -29.97 -21.06 -42.66
CA GLU H 149 -30.23 -19.90 -43.51
C GLU H 149 -31.59 -20.00 -44.19
N THR H 150 -31.81 -21.12 -44.87
CA THR H 150 -33.07 -21.37 -45.56
C THR H 150 -34.23 -21.26 -44.56
N LEU H 151 -34.09 -21.92 -43.42
CA LEU H 151 -35.15 -21.90 -42.40
C LEU H 151 -35.52 -20.49 -42.03
N LEU H 152 -34.53 -19.62 -41.86
CA LEU H 152 -34.81 -18.25 -41.50
C LEU H 152 -35.56 -17.50 -42.60
N VAL H 153 -35.12 -17.62 -43.84
CA VAL H 153 -35.79 -16.91 -44.93
C VAL H 153 -37.28 -17.23 -44.99
N ARG H 154 -37.63 -18.47 -44.66
CA ARG H 154 -39.03 -18.89 -44.67
C ARG H 154 -39.83 -18.18 -43.59
N LEU H 155 -39.42 -18.37 -42.34
CA LEU H 155 -40.09 -17.76 -41.20
C LEU H 155 -40.22 -16.25 -41.33
N ALA H 156 -39.31 -15.63 -42.07
CA ALA H 156 -39.36 -14.18 -42.27
C ALA H 156 -40.57 -13.87 -43.16
N ALA H 157 -40.76 -14.67 -44.20
CA ALA H 157 -41.89 -14.51 -45.11
C ALA H 157 -43.20 -14.63 -44.33
N GLN H 158 -43.22 -15.52 -43.33
CA GLN H 158 -44.41 -15.71 -42.52
C GLN H 158 -44.38 -14.78 -41.31
N ALA I 27 -13.66 54.71 28.15
CA ALA I 27 -13.20 53.32 27.86
C ALA I 27 -11.79 53.29 27.30
N VAL I 28 -11.05 52.24 27.68
CA VAL I 28 -9.67 52.03 27.26
C VAL I 28 -9.54 51.72 25.77
N GLU I 29 -8.58 52.37 25.12
CA GLU I 29 -8.33 52.17 23.68
C GLU I 29 -6.94 51.60 23.37
N TYR I 30 -5.93 52.11 24.06
CA TYR I 30 -4.57 51.68 23.82
C TYR I 30 -3.86 50.96 24.97
N LEU I 31 -3.16 49.87 24.64
CA LEU I 31 -2.38 49.15 25.63
C LEU I 31 -0.97 49.59 25.35
N VAL I 32 -0.34 50.19 26.34
CA VAL I 32 1.01 50.68 26.18
C VAL I 32 1.98 49.72 26.82
N ASP I 33 3.09 49.43 26.12
CA ASP I 33 4.10 48.54 26.68
C ASP I 33 5.19 49.40 27.33
N ALA I 34 6.28 48.77 27.77
CA ALA I 34 7.35 49.50 28.46
C ALA I 34 8.18 50.47 27.63
N SER I 35 8.57 50.07 26.42
CA SER I 35 9.35 50.94 25.54
C SER I 35 8.57 52.22 25.24
N ALA I 36 7.28 52.06 24.94
CA ALA I 36 6.39 53.17 24.63
C ALA I 36 6.27 54.05 25.88
N LEU I 37 5.85 53.42 26.97
CA LEU I 37 5.67 54.07 28.29
C LEU I 37 6.88 54.93 28.64
N TYR I 38 8.07 54.40 28.42
CA TYR I 38 9.31 55.12 28.72
C TYR I 38 9.44 56.36 27.87
N ALA I 39 9.09 56.25 26.59
CA ALA I 39 9.18 57.40 25.70
C ALA I 39 8.15 58.46 26.11
N LEU I 40 6.92 58.00 26.37
CA LEU I 40 5.81 58.87 26.75
C LEU I 40 6.05 59.61 28.07
N ALA I 41 7.04 59.16 28.84
CA ALA I 41 7.32 59.82 30.10
C ALA I 41 8.05 61.14 29.86
N ALA I 42 8.41 61.38 28.60
CA ALA I 42 9.10 62.61 28.25
C ALA I 42 8.17 63.60 27.57
N HIS I 43 6.91 63.18 27.37
CA HIS I 43 5.90 64.03 26.73
C HIS I 43 4.60 63.96 27.50
N TYR I 44 4.66 64.24 28.80
CA TYR I 44 3.48 64.20 29.64
C TYR I 44 2.33 65.01 29.06
N ASP I 45 2.59 66.32 28.93
CA ASP I 45 1.62 67.30 28.42
C ASP I 45 0.69 66.83 27.32
N LYS I 46 1.29 66.19 26.31
CA LYS I 46 0.53 65.73 25.17
C LYS I 46 -0.49 64.60 25.37
N TRP I 47 -0.35 63.77 26.41
CA TRP I 47 -1.29 62.66 26.56
C TRP I 47 -2.11 62.53 27.84
N ILE I 48 -1.63 63.05 28.97
CA ILE I 48 -2.40 62.92 30.21
C ILE I 48 -3.86 63.29 29.98
N LYS I 49 -4.10 64.16 29.01
CA LYS I 49 -5.46 64.57 28.69
C LYS I 49 -6.30 63.36 28.30
N HIS I 50 -5.65 62.39 27.63
CA HIS I 50 -6.30 61.19 27.16
C HIS I 50 -5.94 59.92 27.94
N ARG I 51 -5.64 60.07 29.22
CA ARG I 51 -5.26 58.93 30.06
C ARG I 51 -6.29 57.78 30.15
N GLU I 52 -7.58 58.10 30.27
CA GLU I 52 -8.59 57.04 30.41
C GLU I 52 -8.72 56.14 29.20
N LYS I 53 -7.94 56.41 28.17
CA LYS I 53 -7.97 55.58 26.97
C LYS I 53 -6.72 54.72 26.97
N LEU I 54 -5.75 55.13 27.80
CA LEU I 54 -4.46 54.47 27.95
C LEU I 54 -4.41 53.51 29.14
N ALA I 55 -3.96 52.28 28.86
CA ALA I 55 -3.83 51.22 29.86
C ALA I 55 -2.44 50.57 29.76
N ILE I 56 -2.06 49.78 30.77
CA ILE I 56 -0.79 49.06 30.78
C ILE I 56 -1.00 47.77 31.52
N LEU I 57 0.06 46.97 31.61
CA LEU I 57 -0.02 45.70 32.31
C LEU I 57 0.73 45.81 33.63
N HIS I 58 0.38 44.95 34.58
CA HIS I 58 1.10 44.93 35.84
C HIS I 58 2.59 44.79 35.53
N LEU I 59 2.89 44.11 34.42
CA LEU I 59 4.24 43.85 33.92
C LEU I 59 5.02 45.12 33.57
N THR I 60 4.32 46.11 33.02
CA THR I 60 4.93 47.36 32.58
C THR I 60 5.63 48.14 33.69
N ILE I 61 5.11 47.99 34.91
CA ILE I 61 5.67 48.68 36.07
C ILE I 61 7.04 48.13 36.40
N TYR I 62 7.16 46.80 36.45
CA TYR I 62 8.44 46.19 36.75
C TYR I 62 9.43 46.40 35.61
N GLU I 63 8.96 46.28 34.37
CA GLU I 63 9.85 46.49 33.24
C GLU I 63 10.42 47.91 33.30
N ALA I 64 9.54 48.90 33.49
CA ALA I 64 9.94 50.31 33.58
C ALA I 64 10.97 50.53 34.68
N GLY I 65 10.67 50.04 35.88
CA GLY I 65 11.59 50.18 36.99
C GLY I 65 12.93 49.48 36.78
N ASN I 66 12.94 48.32 36.11
CA ASN I 66 14.21 47.64 35.89
C ASN I 66 15.08 48.45 34.93
N ALA I 67 14.44 49.06 33.95
CA ALA I 67 15.13 49.90 32.97
C ALA I 67 15.84 51.05 33.68
N LEU I 68 15.11 51.70 34.61
CA LEU I 68 15.65 52.82 35.39
C LEU I 68 16.73 52.25 36.30
N TRP I 69 16.44 51.09 36.88
CA TRP I 69 17.41 50.46 37.77
C TRP I 69 18.72 50.29 37.00
N LYS I 70 18.63 50.05 35.70
CA LYS I 70 19.83 49.88 34.89
C LYS I 70 20.55 51.21 34.83
N GLU I 71 19.83 52.24 34.40
CA GLU I 71 20.40 53.58 34.31
C GLU I 71 21.09 53.94 35.61
N ALA I 72 20.44 53.64 36.72
CA ALA I 72 20.99 53.90 38.04
C ALA I 72 22.33 53.18 38.18
N ARG I 73 22.38 51.95 37.67
CA ARG I 73 23.60 51.14 37.74
C ARG I 73 24.71 51.74 36.88
N LEU I 74 24.35 52.26 35.72
CA LEU I 74 25.35 52.82 34.82
C LEU I 74 25.65 54.29 35.08
N GLY I 75 25.43 54.72 36.32
CA GLY I 75 25.75 56.09 36.68
C GLY I 75 24.71 57.19 36.81
N ARG I 76 23.53 57.08 36.20
CA ARG I 76 22.55 58.17 36.33
C ARG I 76 22.49 58.62 37.79
N VAL I 77 22.86 59.89 38.02
CA VAL I 77 22.89 60.44 39.37
C VAL I 77 21.54 60.88 39.92
N ASP I 78 20.64 61.28 39.04
CA ASP I 78 19.33 61.72 39.51
C ASP I 78 18.29 60.60 39.41
N TRP I 79 18.63 59.41 39.90
CA TRP I 79 17.68 58.30 39.83
C TRP I 79 16.52 58.43 40.80
N ALA I 80 16.84 58.77 42.04
CA ALA I 80 15.80 58.95 43.07
C ALA I 80 14.70 59.83 42.49
N ALA I 81 15.09 60.98 41.95
CA ALA I 81 14.14 61.91 41.34
C ALA I 81 13.41 61.25 40.19
N ALA I 82 14.18 60.60 39.32
CA ALA I 82 13.61 59.92 38.16
C ALA I 82 12.53 58.94 38.60
N SER I 83 12.88 58.05 39.53
CA SER I 83 11.95 57.05 40.02
C SER I 83 10.59 57.65 40.35
N ARG I 84 10.59 58.85 40.95
CA ARG I 84 9.33 59.49 41.32
C ARG I 84 8.56 60.01 40.13
N HIS I 85 9.27 60.60 39.18
CA HIS I 85 8.57 61.08 38.00
C HIS I 85 7.89 59.87 37.35
N LEU I 86 8.69 58.81 37.20
CA LEU I 86 8.24 57.55 36.59
C LEU I 86 7.04 56.98 37.33
N LYS I 87 7.13 56.98 38.66
CA LYS I 87 6.06 56.46 39.52
C LYS I 87 4.75 57.20 39.27
N LYS I 88 4.86 58.49 39.00
CA LYS I 88 3.70 59.34 38.75
C LYS I 88 3.07 59.05 37.38
N VAL I 89 3.91 58.88 36.36
CA VAL I 89 3.41 58.61 35.03
C VAL I 89 2.65 57.28 35.00
N LEU I 90 3.19 56.26 35.64
CA LEU I 90 2.57 54.93 35.69
C LEU I 90 1.18 54.96 36.32
N SER I 91 1.01 55.82 37.32
CA SER I 91 -0.25 55.98 38.05
C SER I 91 -1.36 56.57 37.16
N SER I 92 -0.95 57.22 36.08
CA SER I 92 -1.86 57.83 35.13
C SER I 92 -2.65 56.82 34.27
N PHE I 93 -2.07 55.63 34.04
CA PHE I 93 -2.74 54.62 33.21
C PHE I 93 -3.47 53.56 34.01
N LYS I 94 -4.48 52.97 33.41
CA LYS I 94 -5.21 51.90 34.07
C LYS I 94 -4.31 50.67 33.98
N VAL I 95 -4.69 49.61 34.66
CA VAL I 95 -3.92 48.38 34.65
C VAL I 95 -4.85 47.24 34.25
N LEU I 96 -4.53 46.58 33.15
CA LEU I 96 -5.36 45.49 32.69
C LEU I 96 -5.03 44.22 33.46
N GLU I 97 -6.01 43.33 33.59
CA GLU I 97 -5.78 42.06 34.28
C GLU I 97 -4.73 41.28 33.52
N ASP I 98 -4.00 40.44 34.24
CA ASP I 98 -2.96 39.60 33.66
C ASP I 98 -3.62 38.54 32.77
N PRO I 99 -3.00 38.22 31.64
CA PRO I 99 -3.57 37.22 30.73
C PRO I 99 -3.32 35.81 31.21
N PRO I 100 -3.94 34.82 30.56
CA PRO I 100 -3.71 33.43 30.99
C PRO I 100 -2.33 33.09 30.45
N LEU I 101 -1.40 32.70 31.32
CA LEU I 101 -0.04 32.35 30.89
C LEU I 101 -0.18 31.38 29.71
N ASP I 102 -1.24 30.57 29.82
CA ASP I 102 -1.68 29.57 28.86
C ASP I 102 -1.61 30.10 27.42
N GLU I 103 -2.36 31.18 27.16
CA GLU I 103 -2.45 31.84 25.86
C GLU I 103 -1.20 32.59 25.43
N VAL I 104 -0.73 33.49 26.29
CA VAL I 104 0.48 34.28 26.02
C VAL I 104 1.65 33.43 25.52
N LEU I 105 1.84 32.28 26.16
CA LEU I 105 2.93 31.38 25.79
C LEU I 105 2.78 30.95 24.33
N ARG I 106 1.58 30.47 24.00
CA ARG I 106 1.27 30.03 22.65
C ARG I 106 1.69 31.12 21.66
N VAL I 107 1.24 32.35 21.91
CA VAL I 107 1.58 33.47 21.05
C VAL I 107 3.09 33.63 20.88
N ALA I 108 3.82 33.49 21.98
CA ALA I 108 5.28 33.62 21.99
C ALA I 108 5.96 32.66 21.03
N VAL I 109 5.58 31.39 21.14
CA VAL I 109 6.13 30.32 20.32
C VAL I 109 5.85 30.55 18.83
N GLU I 110 4.58 30.67 18.47
CA GLU I 110 4.16 30.86 17.08
C GLU I 110 4.72 32.10 16.38
N ARG I 111 4.91 33.18 17.13
CA ARG I 111 5.38 34.42 16.53
C ARG I 111 6.85 34.74 16.74
N GLY I 112 7.54 33.97 17.57
CA GLY I 112 8.94 34.24 17.80
C GLY I 112 9.16 35.47 18.66
N LEU I 113 8.41 35.53 19.77
CA LEU I 113 8.47 36.64 20.70
C LEU I 113 8.80 36.14 22.10
N THR I 114 9.34 37.03 22.94
CA THR I 114 9.64 36.65 24.31
C THR I 114 8.27 36.56 24.96
N PHE I 115 8.19 35.89 26.10
CA PHE I 115 6.90 35.75 26.77
C PHE I 115 6.42 37.13 27.13
N TYR I 116 7.38 38.01 27.44
CA TYR I 116 7.06 39.36 27.83
C TYR I 116 6.36 40.07 26.70
N ASP I 117 7.06 40.22 25.56
CA ASP I 117 6.50 40.86 24.37
C ASP I 117 5.13 40.23 24.02
N ALA I 118 5.08 38.90 24.02
CA ALA I 118 3.85 38.19 23.69
C ALA I 118 2.71 38.51 24.65
N SER I 119 3.03 39.00 25.84
CA SER I 119 1.99 39.35 26.80
C SER I 119 1.21 40.52 26.26
N TYR I 120 1.92 41.49 25.71
CA TYR I 120 1.28 42.67 25.15
C TYR I 120 0.43 42.33 23.93
N ALA I 121 1.05 41.67 22.96
CA ALA I 121 0.35 41.28 21.74
C ALA I 121 -0.92 40.48 22.04
N TYR I 122 -0.87 39.55 22.99
CA TYR I 122 -2.05 38.75 23.30
C TYR I 122 -3.17 39.57 23.93
N VAL I 123 -2.83 40.45 24.85
CA VAL I 123 -3.83 41.27 25.50
C VAL I 123 -4.43 42.30 24.55
N ALA I 124 -3.58 43.06 23.85
CA ALA I 124 -4.07 44.05 22.89
C ALA I 124 -5.15 43.40 22.01
N GLU I 125 -4.74 42.39 21.24
CA GLU I 125 -5.64 41.69 20.35
C GLU I 125 -6.91 41.13 21.00
N SER I 126 -6.76 40.19 21.93
CA SER I 126 -7.91 39.54 22.58
C SER I 126 -8.86 40.53 23.24
N SER I 127 -8.33 41.71 23.58
CA SER I 127 -9.13 42.76 24.23
C SER I 127 -9.65 43.74 23.17
N GLY I 128 -9.14 43.57 21.94
CA GLY I 128 -9.52 44.44 20.84
C GLY I 128 -9.05 45.86 21.04
N LEU I 129 -7.76 46.02 21.34
CA LEU I 129 -7.18 47.34 21.56
C LEU I 129 -5.96 47.53 20.68
N VAL I 130 -5.55 48.78 20.50
CA VAL I 130 -4.37 49.09 19.70
C VAL I 130 -3.16 49.09 20.61
N LEU I 131 -2.20 48.22 20.31
CA LEU I 131 -0.96 48.13 21.09
C LEU I 131 -0.05 49.27 20.69
N VAL I 132 0.55 49.92 21.67
CA VAL I 132 1.48 51.01 21.42
C VAL I 132 2.84 50.57 21.92
N THR I 133 3.78 50.40 20.98
CA THR I 133 5.12 49.97 21.33
C THR I 133 6.19 50.67 20.52
N GLN I 134 7.42 50.63 21.02
CA GLN I 134 8.53 51.26 20.34
C GLN I 134 9.40 50.11 19.81
N ASP I 135 8.83 48.91 19.84
CA ASP I 135 9.51 47.69 19.42
C ASP I 135 9.15 47.31 17.98
N ARG I 136 10.07 47.57 17.04
CA ARG I 136 9.87 47.26 15.62
C ARG I 136 9.29 45.86 15.45
N GLU I 137 9.86 44.92 16.21
CA GLU I 137 9.45 43.52 16.22
C GLU I 137 7.96 43.40 16.62
N LEU I 138 7.61 43.86 17.82
CA LEU I 138 6.23 43.79 18.31
C LEU I 138 5.28 44.52 17.36
N LEU I 139 5.77 45.63 16.79
CA LEU I 139 5.01 46.43 15.84
C LEU I 139 4.51 45.55 14.70
N ALA I 140 5.46 44.88 14.05
CA ALA I 140 5.20 44.00 12.91
C ALA I 140 4.47 42.69 13.22
N LYS I 141 4.57 42.20 14.45
CA LYS I 141 3.92 40.95 14.80
C LYS I 141 2.62 41.08 15.59
N THR I 142 2.11 42.31 15.70
CA THR I 142 0.85 42.55 16.41
C THR I 142 -0.14 43.31 15.52
N LYS I 143 -1.30 42.70 15.30
CA LYS I 143 -2.36 43.29 14.47
C LYS I 143 -2.81 44.64 14.97
N GLY I 144 -2.62 45.68 14.15
CA GLY I 144 -3.03 47.02 14.51
C GLY I 144 -2.12 47.81 15.42
N ALA I 145 -0.92 47.31 15.70
CA ALA I 145 0.00 48.02 16.58
C ALA I 145 0.56 49.30 15.96
N ILE I 146 0.84 50.28 16.80
CA ILE I 146 1.38 51.55 16.33
C ILE I 146 2.47 51.98 17.30
N ASP I 147 3.34 52.91 16.87
CA ASP I 147 4.41 53.39 17.73
C ASP I 147 3.96 54.65 18.49
N VAL I 148 4.84 55.17 19.34
CA VAL I 148 4.55 56.36 20.15
C VAL I 148 4.27 57.61 19.32
N GLU I 149 5.16 57.93 18.38
CA GLU I 149 4.97 59.10 17.53
C GLU I 149 3.56 59.05 16.89
N THR I 150 3.20 57.90 16.34
CA THR I 150 1.88 57.69 15.70
C THR I 150 0.74 57.82 16.72
N LEU I 151 1.00 57.46 17.98
CA LEU I 151 -0.03 57.57 19.01
C LEU I 151 -0.26 59.01 19.40
N LEU I 152 0.80 59.81 19.40
CA LEU I 152 0.70 61.21 19.76
C LEU I 152 -0.06 62.05 18.73
N VAL I 153 0.26 61.86 17.46
CA VAL I 153 -0.41 62.61 16.40
C VAL I 153 -1.89 62.24 16.33
N ARG I 154 -2.24 61.07 16.86
CA ARG I 154 -3.65 60.66 16.88
C ARG I 154 -4.38 61.43 17.98
N LEU I 155 -3.72 61.58 19.12
CA LEU I 155 -4.28 62.28 20.26
C LEU I 155 -4.36 63.79 20.01
N ALA I 156 -3.47 64.29 19.14
CA ALA I 156 -3.44 65.71 18.80
C ALA I 156 -4.77 66.12 18.18
N ALA I 157 -5.21 65.33 17.20
CA ALA I 157 -6.48 65.58 16.53
C ALA I 157 -7.66 65.27 17.44
N GLN I 158 -7.44 64.42 18.44
CA GLN I 158 -8.47 64.02 19.40
C GLN I 158 -9.05 65.23 20.15
N ALA J 27 -4.45 36.61 56.01
CA ALA J 27 -4.19 35.15 56.26
C ALA J 27 -2.87 34.75 55.63
N VAL J 28 -2.36 35.58 54.72
CA VAL J 28 -1.11 35.29 54.03
C VAL J 28 0.09 35.37 54.97
N GLU J 29 0.98 34.40 54.86
CA GLU J 29 2.18 34.34 55.69
C GLU J 29 3.46 34.31 54.86
N TYR J 30 3.35 33.85 53.62
CA TYR J 30 4.53 33.77 52.76
C TYR J 30 4.35 34.39 51.38
N LEU J 31 5.42 35.00 50.88
CA LEU J 31 5.44 35.59 49.55
C LEU J 31 6.33 34.66 48.73
N VAL J 32 5.80 34.15 47.62
CA VAL J 32 6.54 33.24 46.76
C VAL J 32 7.04 33.89 45.47
N ASP J 33 8.34 33.75 45.19
CA ASP J 33 8.93 34.33 43.99
C ASP J 33 8.93 33.33 42.82
N ALA J 34 9.40 33.75 41.65
CA ALA J 34 9.38 32.86 40.48
C ALA J 34 10.09 31.51 40.61
N SER J 35 11.31 31.48 41.14
CA SER J 35 12.00 30.20 41.30
C SER J 35 11.32 29.27 42.31
N ALA J 36 10.71 29.84 43.35
CA ALA J 36 10.03 29.04 44.37
C ALA J 36 8.75 28.49 43.78
N LEU J 37 8.08 29.31 42.99
CA LEU J 37 6.84 28.94 42.35
C LEU J 37 7.12 27.73 41.46
N TYR J 38 8.02 27.91 40.52
CA TYR J 38 8.40 26.86 39.60
C TYR J 38 8.63 25.54 40.36
N ALA J 39 9.47 25.59 41.39
CA ALA J 39 9.78 24.41 42.20
C ALA J 39 8.55 23.83 42.90
N LEU J 40 7.66 24.69 43.37
CA LEU J 40 6.46 24.21 44.05
C LEU J 40 5.48 23.52 43.09
N ALA J 41 5.60 23.82 41.80
CA ALA J 41 4.71 23.24 40.79
C ALA J 41 4.74 21.71 40.79
N ALA J 42 5.83 21.14 41.31
CA ALA J 42 6.00 19.69 41.36
C ALA J 42 5.83 19.11 42.77
N HIS J 43 4.91 19.69 43.54
CA HIS J 43 4.63 19.26 44.92
C HIS J 43 3.24 19.77 45.27
N TYR J 44 2.49 20.13 44.24
CA TYR J 44 1.13 20.66 44.37
C TYR J 44 0.37 20.19 45.61
N ASP J 45 0.41 18.88 45.85
CA ASP J 45 -0.29 18.24 46.99
C ASP J 45 0.21 18.74 48.36
N LYS J 46 1.53 18.73 48.53
CA LYS J 46 2.15 19.16 49.78
C LYS J 46 1.74 20.54 50.28
N TRP J 47 1.28 21.44 49.40
CA TRP J 47 0.89 22.76 49.85
C TRP J 47 -0.52 23.24 49.57
N ILE J 48 -1.09 22.82 48.46
CA ILE J 48 -2.43 23.26 48.07
C ILE J 48 -3.45 23.50 49.20
N LYS J 49 -3.25 22.87 50.37
CA LYS J 49 -4.17 23.04 51.50
C LYS J 49 -3.90 24.29 52.31
N HIS J 50 -2.63 24.72 52.33
CA HIS J 50 -2.20 25.91 53.07
C HIS J 50 -2.20 27.12 52.11
N ARG J 51 -2.67 26.88 50.88
CA ARG J 51 -2.67 27.91 49.85
C ARG J 51 -3.08 29.31 50.32
N GLU J 52 -4.07 29.41 51.19
CA GLU J 52 -4.51 30.72 51.66
C GLU J 52 -3.41 31.47 52.42
N LYS J 53 -2.31 30.80 52.71
CA LYS J 53 -1.20 31.43 53.43
C LYS J 53 -0.08 31.76 52.43
N LEU J 54 -0.33 31.51 51.16
CA LEU J 54 0.65 31.74 50.09
C LEU J 54 0.25 32.82 49.07
N ALA J 55 1.21 33.67 48.70
CA ALA J 55 0.93 34.73 47.74
C ALA J 55 2.13 35.09 46.84
N ILE J 56 1.81 35.60 45.64
CA ILE J 56 2.82 36.01 44.67
C ILE J 56 2.56 37.44 44.23
N LEU J 57 3.44 37.96 43.38
CA LEU J 57 3.31 39.31 42.85
C LEU J 57 2.80 39.11 41.42
N HIS J 58 2.26 40.16 40.82
CA HIS J 58 1.77 40.06 39.45
C HIS J 58 2.97 39.73 38.55
N LEU J 59 4.14 40.17 38.99
CA LEU J 59 5.37 39.94 38.24
C LEU J 59 5.62 38.43 38.15
N THR J 60 5.28 37.73 39.22
CA THR J 60 5.50 36.30 39.31
C THR J 60 4.92 35.52 38.13
N ILE J 61 3.79 35.99 37.62
CA ILE J 61 3.18 35.33 36.47
C ILE J 61 4.06 35.45 35.23
N TYR J 62 4.50 36.67 34.93
CA TYR J 62 5.32 36.86 33.74
C TYR J 62 6.67 36.15 33.82
N GLU J 63 7.36 36.29 34.96
CA GLU J 63 8.66 35.65 35.14
C GLU J 63 8.51 34.16 34.92
N ALA J 64 7.46 33.58 35.49
CA ALA J 64 7.21 32.15 35.33
C ALA J 64 7.02 31.83 33.86
N GLY J 65 6.17 32.62 33.20
CA GLY J 65 5.90 32.43 31.79
C GLY J 65 7.13 32.48 30.90
N ASN J 66 8.09 33.35 31.25
CA ASN J 66 9.31 33.49 30.47
C ASN J 66 10.22 32.28 30.67
N ALA J 67 10.31 31.79 31.90
CA ALA J 67 11.14 30.64 32.20
C ALA J 67 10.69 29.43 31.37
N LEU J 68 9.38 29.24 31.27
CA LEU J 68 8.81 28.14 30.51
C LEU J 68 8.99 28.37 29.00
N TRP J 69 8.93 29.63 28.59
CA TRP J 69 9.11 29.99 27.20
C TRP J 69 10.54 29.71 26.79
N LYS J 70 11.49 30.01 27.67
CA LYS J 70 12.91 29.78 27.38
C LYS J 70 13.15 28.31 27.11
N GLU J 71 12.47 27.45 27.88
CA GLU J 71 12.60 26.00 27.73
C GLU J 71 11.98 25.58 26.39
N ALA J 72 10.81 26.11 26.09
CA ALA J 72 10.15 25.81 24.83
C ALA J 72 11.08 26.19 23.68
N ARG J 73 11.76 27.32 23.84
CA ARG J 73 12.71 27.81 22.84
C ARG J 73 13.90 26.89 22.64
N LEU J 74 14.13 26.00 23.60
CA LEU J 74 15.25 25.07 23.53
C LEU J 74 14.81 23.64 23.27
N GLY J 75 13.55 23.47 22.91
CA GLY J 75 13.08 22.13 22.57
C GLY J 75 12.13 21.39 23.47
N ARG J 76 11.75 21.92 24.63
CA ARG J 76 10.83 21.19 25.48
C ARG J 76 9.60 20.89 24.63
N VAL J 77 9.25 19.61 24.54
CA VAL J 77 8.11 19.17 23.73
C VAL J 77 6.74 19.39 24.36
N ASP J 78 6.60 19.10 25.65
CA ASP J 78 5.33 19.25 26.31
C ASP J 78 5.01 20.64 26.88
N TRP J 79 5.53 21.70 26.25
CA TRP J 79 5.26 23.04 26.77
C TRP J 79 3.78 23.40 26.80
N ALA J 80 3.05 22.97 25.78
CA ALA J 80 1.62 23.26 25.74
C ALA J 80 1.01 22.86 27.06
N ALA J 81 1.04 21.56 27.37
CA ALA J 81 0.48 21.06 28.63
C ALA J 81 1.15 21.72 29.83
N ALA J 82 2.48 21.65 29.86
CA ALA J 82 3.24 22.25 30.95
C ALA J 82 2.70 23.64 31.27
N SER J 83 2.27 24.39 30.25
CA SER J 83 1.75 25.73 30.48
C SER J 83 0.43 25.70 31.24
N ARG J 84 -0.44 24.77 30.88
CA ARG J 84 -1.73 24.64 31.54
C ARG J 84 -1.59 24.27 33.01
N HIS J 85 -0.61 23.44 33.34
CA HIS J 85 -0.38 23.06 34.72
C HIS J 85 0.11 24.26 35.52
N LEU J 86 1.03 25.01 34.93
CA LEU J 86 1.60 26.21 35.56
C LEU J 86 0.46 27.21 35.80
N LYS J 87 -0.42 27.36 34.80
CA LYS J 87 -1.56 28.26 34.90
C LYS J 87 -2.37 27.94 36.14
N LYS J 88 -2.71 26.66 36.26
CA LYS J 88 -3.48 26.13 37.38
C LYS J 88 -2.77 26.45 38.70
N VAL J 89 -1.49 26.13 38.79
CA VAL J 89 -0.73 26.38 40.00
C VAL J 89 -0.74 27.87 40.36
N LEU J 90 -0.39 28.71 39.40
CA LEU J 90 -0.37 30.15 39.68
C LEU J 90 -1.71 30.66 40.18
N SER J 91 -2.79 29.97 39.83
CA SER J 91 -4.11 30.44 40.27
C SER J 91 -4.42 30.03 41.70
N SER J 92 -3.60 29.15 42.25
CA SER J 92 -3.77 28.68 43.62
C SER J 92 -3.34 29.77 44.61
N PHE J 93 -2.56 30.73 44.11
CA PHE J 93 -2.02 31.81 44.93
C PHE J 93 -2.75 33.13 44.89
N LYS J 94 -2.83 33.78 46.06
CA LYS J 94 -3.42 35.11 46.16
C LYS J 94 -2.33 35.98 45.56
N VAL J 95 -2.72 37.13 45.01
CA VAL J 95 -1.75 38.05 44.40
C VAL J 95 -1.73 39.38 45.12
N LEU J 96 -0.59 39.70 45.71
CA LEU J 96 -0.45 40.97 46.42
C LEU J 96 -0.52 42.10 45.42
N GLU J 97 -0.66 43.32 45.92
CA GLU J 97 -0.72 44.49 45.06
C GLU J 97 0.69 44.84 44.70
N ASP J 98 0.85 45.70 43.70
CA ASP J 98 2.18 46.11 43.26
C ASP J 98 2.78 47.10 44.27
N PRO J 99 4.10 46.99 44.52
CA PRO J 99 4.89 47.82 45.43
C PRO J 99 5.23 49.16 44.77
N PRO J 100 5.51 50.20 45.56
CA PRO J 100 5.85 51.52 45.01
C PRO J 100 7.20 51.38 44.32
N LEU J 101 7.27 51.80 43.06
CA LEU J 101 8.50 51.71 42.29
C LEU J 101 9.67 52.40 42.96
N ASP J 102 9.45 53.62 43.45
CA ASP J 102 10.55 54.37 44.09
C ASP J 102 11.16 53.65 45.28
N GLU J 103 10.31 52.99 46.08
CA GLU J 103 10.76 52.24 47.26
C GLU J 103 11.56 51.01 46.84
N VAL J 104 11.01 50.27 45.89
CA VAL J 104 11.65 49.07 45.38
C VAL J 104 13.01 49.40 44.77
N LEU J 105 13.08 50.52 44.06
CA LEU J 105 14.34 50.93 43.42
C LEU J 105 15.37 51.32 44.48
N ARG J 106 14.91 51.78 45.63
CA ARG J 106 15.84 52.15 46.68
C ARG J 106 16.49 50.86 47.13
N VAL J 107 15.65 49.90 47.53
CA VAL J 107 16.09 48.60 47.98
C VAL J 107 17.03 47.96 46.99
N ALA J 108 16.71 48.10 45.71
CA ALA J 108 17.54 47.51 44.66
C ALA J 108 18.94 48.14 44.62
N VAL J 109 18.99 49.48 44.64
CA VAL J 109 20.24 50.22 44.60
C VAL J 109 21.09 49.99 45.84
N GLU J 110 20.44 49.91 47.00
CA GLU J 110 21.14 49.72 48.27
C GLU J 110 21.60 48.29 48.56
N ARG J 111 20.81 47.30 48.14
CA ARG J 111 21.22 45.93 48.42
C ARG J 111 21.97 45.24 47.30
N GLY J 112 22.07 45.88 46.14
CA GLY J 112 22.78 45.26 45.03
C GLY J 112 21.98 44.13 44.42
N LEU J 113 20.69 44.40 44.20
CA LEU J 113 19.78 43.43 43.60
C LEU J 113 19.20 44.06 42.36
N THR J 114 18.51 43.26 41.55
CA THR J 114 17.86 43.78 40.35
C THR J 114 16.59 44.41 40.87
N PHE J 115 15.88 45.13 40.02
CA PHE J 115 14.63 45.75 40.43
C PHE J 115 13.64 44.61 40.71
N TYR J 116 13.72 43.59 39.87
CA TYR J 116 12.81 42.47 40.00
C TYR J 116 13.00 41.77 41.32
N ASP J 117 14.24 41.41 41.64
CA ASP J 117 14.49 40.73 42.92
C ASP J 117 14.15 41.68 44.07
N ALA J 118 14.41 42.97 43.88
CA ALA J 118 14.12 43.94 44.93
C ALA J 118 12.62 43.97 45.27
N SER J 119 11.77 43.82 44.26
CA SER J 119 10.33 43.85 44.50
C SER J 119 9.94 42.84 45.54
N TYR J 120 10.47 41.64 45.39
CA TYR J 120 10.18 40.54 46.31
C TYR J 120 10.72 40.85 47.70
N ALA J 121 11.95 41.33 47.78
CA ALA J 121 12.52 41.64 49.08
C ALA J 121 11.71 42.75 49.76
N TYR J 122 11.34 43.77 48.98
CA TYR J 122 10.60 44.88 49.54
C TYR J 122 9.25 44.54 50.13
N VAL J 123 8.44 43.84 49.35
CA VAL J 123 7.11 43.47 49.81
C VAL J 123 7.14 42.57 51.04
N ALA J 124 7.78 41.41 50.92
CA ALA J 124 7.85 40.49 52.05
C ALA J 124 8.21 41.20 53.35
N GLU J 125 9.30 41.96 53.33
CA GLU J 125 9.73 42.67 54.53
C GLU J 125 8.74 43.75 54.92
N SER J 126 8.24 44.45 53.91
CA SER J 126 7.28 45.54 54.11
C SER J 126 5.96 45.05 54.71
N SER J 127 5.54 43.85 54.32
CA SER J 127 4.29 43.28 54.82
C SER J 127 4.55 42.31 55.97
N GLY J 128 5.80 42.15 56.35
CA GLY J 128 6.13 41.24 57.43
C GLY J 128 5.74 39.81 57.06
N LEU J 129 6.08 39.40 55.84
CA LEU J 129 5.78 38.06 55.35
C LEU J 129 7.06 37.25 55.23
N VAL J 130 6.91 35.95 54.97
CA VAL J 130 8.09 35.10 54.82
C VAL J 130 8.35 34.85 53.34
N LEU J 131 9.40 35.50 52.82
CA LEU J 131 9.76 35.35 51.43
C LEU J 131 10.25 33.92 51.20
N VAL J 132 9.71 33.26 50.18
CA VAL J 132 10.15 31.91 49.85
C VAL J 132 10.81 31.99 48.47
N THR J 133 12.13 31.82 48.43
CA THR J 133 12.87 31.87 47.18
C THR J 133 13.91 30.75 47.08
N GLN J 134 14.32 30.43 45.86
CA GLN J 134 15.32 29.40 45.68
C GLN J 134 16.64 30.09 45.30
N ASP J 135 16.62 31.42 45.28
CA ASP J 135 17.79 32.21 44.94
C ASP J 135 18.67 32.55 46.15
N ARG J 136 19.86 31.96 46.22
CA ARG J 136 20.80 32.18 47.32
C ARG J 136 20.93 33.67 47.65
N GLU J 137 21.06 34.49 46.60
CA GLU J 137 21.18 35.93 46.78
C GLU J 137 20.01 36.45 47.61
N LEU J 138 18.82 36.46 47.02
CA LEU J 138 17.64 36.94 47.73
C LEU J 138 17.56 36.44 49.17
N LEU J 139 17.79 35.15 49.37
CA LEU J 139 17.74 34.59 50.72
C LEU J 139 18.62 35.38 51.67
N ALA J 140 19.90 35.50 51.31
CA ALA J 140 20.87 36.21 52.12
C ALA J 140 20.55 37.70 52.35
N LYS J 141 19.81 38.30 51.43
CA LYS J 141 19.50 39.72 51.57
C LYS J 141 18.04 40.01 51.93
N THR J 142 17.36 38.99 52.44
CA THR J 142 15.97 39.14 52.81
C THR J 142 15.70 38.55 54.17
N LYS J 143 15.46 39.41 55.15
CA LYS J 143 15.21 38.98 56.50
C LYS J 143 14.14 37.91 56.59
N GLY J 144 14.52 36.76 57.15
CA GLY J 144 13.59 35.65 57.34
C GLY J 144 13.19 34.83 56.13
N ALA J 145 13.93 34.94 55.03
CA ALA J 145 13.60 34.20 53.82
C ALA J 145 14.06 32.73 53.91
N ILE J 146 13.21 31.81 53.47
CA ILE J 146 13.58 30.39 53.47
C ILE J 146 13.31 29.81 52.07
N ASP J 147 13.93 28.68 51.74
CA ASP J 147 13.70 28.09 50.41
C ASP J 147 12.52 27.11 50.39
N VAL J 148 12.26 26.57 49.20
CA VAL J 148 11.14 25.66 49.00
C VAL J 148 11.23 24.44 49.90
N GLU J 149 12.44 23.90 50.06
CA GLU J 149 12.64 22.74 50.91
C GLU J 149 12.05 23.03 52.30
N THR J 150 12.54 24.10 52.92
CA THR J 150 12.09 24.51 54.24
C THR J 150 10.59 24.79 54.29
N LEU J 151 10.09 25.52 53.30
CA LEU J 151 8.67 25.84 53.28
C LEU J 151 7.82 24.59 53.45
N LEU J 152 8.10 23.57 52.66
CA LEU J 152 7.35 22.32 52.72
C LEU J 152 7.40 21.67 54.12
N VAL J 153 8.60 21.55 54.69
CA VAL J 153 8.70 20.94 56.01
C VAL J 153 7.91 21.78 57.01
N ARG J 154 7.79 23.08 56.75
CA ARG J 154 7.00 23.95 57.63
C ARG J 154 5.52 23.63 57.44
N LEU J 155 5.15 23.34 56.20
CA LEU J 155 3.76 23.02 55.88
C LEU J 155 3.40 21.62 56.35
N ALA J 156 4.41 20.78 56.54
CA ALA J 156 4.20 19.41 57.00
C ALA J 156 3.64 19.46 58.42
N ALA J 157 4.41 20.09 59.32
CA ALA J 157 4.03 20.22 60.73
C ALA J 157 2.73 21.03 60.89
N GLN J 158 1.94 21.10 59.82
CA GLN J 158 0.67 21.83 59.85
C GLN J 158 -0.36 21.08 59.02
N ALA K 27 52.47 47.07 27.70
CA ALA K 27 51.83 48.41 27.93
C ALA K 27 50.30 48.33 28.12
N VAL K 28 49.83 47.28 28.79
CA VAL K 28 48.41 47.12 29.06
C VAL K 28 48.16 47.36 30.55
N GLU K 29 47.36 48.39 30.85
CA GLU K 29 47.08 48.75 32.24
C GLU K 29 45.59 48.77 32.56
N TYR K 30 44.81 49.29 31.61
CA TYR K 30 43.36 49.42 31.78
C TYR K 30 42.52 48.41 31.01
N LEU K 31 41.42 47.97 31.63
CA LEU K 31 40.49 47.03 31.03
C LEU K 31 39.14 47.74 30.87
N VAL K 32 38.83 48.14 29.63
CA VAL K 32 37.57 48.81 29.33
C VAL K 32 36.46 47.75 29.16
N ASP K 33 35.41 47.81 29.99
CA ASP K 33 34.34 46.84 29.85
C ASP K 33 33.28 47.38 28.90
N ALA K 34 32.30 46.55 28.55
CA ALA K 34 31.22 46.93 27.64
C ALA K 34 30.59 48.29 27.93
N SER K 35 30.35 48.59 29.22
CA SER K 35 29.73 49.85 29.61
C SER K 35 30.66 51.04 29.31
N ALA K 36 31.91 50.95 29.76
CA ALA K 36 32.89 52.01 29.53
C ALA K 36 33.13 52.23 28.03
N LEU K 37 33.37 51.14 27.31
CA LEU K 37 33.61 51.17 25.87
C LEU K 37 32.51 51.93 25.12
N TYR K 38 31.26 51.65 25.48
CA TYR K 38 30.11 52.29 24.86
C TYR K 38 30.13 53.78 25.16
N ALA K 39 30.64 54.12 26.35
CA ALA K 39 30.75 55.50 26.80
C ALA K 39 31.89 56.21 26.05
N LEU K 40 33.11 55.68 26.18
CA LEU K 40 34.27 56.23 25.51
C LEU K 40 34.06 56.25 24.00
N ALA K 41 33.12 55.42 23.53
CA ALA K 41 32.77 55.32 22.12
C ALA K 41 32.25 56.65 21.60
N ALA K 42 32.20 57.65 22.47
CA ALA K 42 31.74 58.97 22.10
C ALA K 42 32.89 59.97 22.14
N HIS K 43 34.05 59.50 22.59
CA HIS K 43 35.25 60.34 22.67
C HIS K 43 36.45 59.67 21.97
N TYR K 44 36.39 59.65 20.64
CA TYR K 44 37.45 59.07 19.80
C TYR K 44 38.76 59.85 19.94
N ASP K 45 38.66 61.17 19.69
CA ASP K 45 39.81 62.08 19.79
C ASP K 45 40.46 62.03 21.16
N LYS K 46 39.61 62.13 22.18
CA LYS K 46 40.03 62.13 23.57
C LYS K 46 41.06 61.06 23.96
N TRP K 47 41.06 59.91 23.29
CA TRP K 47 42.01 58.85 23.66
C TRP K 47 42.52 57.91 22.58
N ILE K 48 42.17 58.15 21.31
CA ILE K 48 42.61 57.27 20.25
C ILE K 48 44.12 57.43 20.05
N LYS K 49 44.85 57.10 21.10
CA LYS K 49 46.30 57.17 21.12
C LYS K 49 46.81 56.40 22.33
N HIS K 50 46.24 56.74 23.48
CA HIS K 50 46.62 56.11 24.73
C HIS K 50 46.21 54.64 24.69
N ARG K 51 45.76 54.20 23.52
CA ARG K 51 45.36 52.81 23.32
C ARG K 51 46.56 51.93 23.64
N GLU K 52 46.62 50.72 23.10
CA GLU K 52 47.74 49.82 23.40
C GLU K 52 48.09 49.86 24.89
N LYS K 53 47.10 50.26 25.68
CA LYS K 53 47.21 50.36 27.13
C LYS K 53 45.78 50.08 27.61
N LEU K 54 44.86 50.16 26.66
CA LEU K 54 43.42 49.94 26.86
C LEU K 54 42.96 48.67 26.15
N ALA K 55 42.73 47.60 26.90
CA ALA K 55 42.27 46.36 26.31
C ALA K 55 40.82 46.07 26.69
N ILE K 56 40.32 44.92 26.23
CA ILE K 56 38.97 44.49 26.54
C ILE K 56 38.99 42.97 26.58
N LEU K 57 37.81 42.38 26.55
CA LEU K 57 37.68 40.93 26.53
C LEU K 57 36.94 40.67 25.23
N HIS K 58 36.91 39.41 24.80
CA HIS K 58 36.19 39.09 23.59
C HIS K 58 34.72 39.40 23.91
N LEU K 59 34.33 39.09 25.15
CA LEU K 59 32.96 39.33 25.63
C LEU K 59 32.48 40.71 25.23
N THR K 60 33.35 41.70 25.47
CA THR K 60 33.08 43.10 25.17
C THR K 60 32.42 43.35 23.82
N ILE K 61 32.97 42.76 22.76
CA ILE K 61 32.43 42.94 21.42
C ILE K 61 30.94 42.58 21.37
N TYR K 62 30.60 41.48 22.03
CA TYR K 62 29.24 40.98 22.04
C TYR K 62 28.30 41.79 22.92
N GLU K 63 28.76 42.20 24.10
CA GLU K 63 27.93 43.02 24.97
C GLU K 63 27.68 44.30 24.19
N ALA K 64 28.75 44.84 23.61
CA ALA K 64 28.65 46.05 22.82
C ALA K 64 27.64 45.92 21.70
N GLY K 65 27.81 44.91 20.85
CA GLY K 65 26.90 44.72 19.74
C GLY K 65 25.45 44.58 20.15
N ASN K 66 25.24 44.07 21.36
CA ASN K 66 23.91 43.85 21.89
C ASN K 66 23.20 45.17 22.20
N ALA K 67 23.89 46.05 22.92
CA ALA K 67 23.35 47.35 23.30
C ALA K 67 22.91 48.12 22.07
N LEU K 68 23.70 48.02 21.02
CA LEU K 68 23.39 48.71 19.77
C LEU K 68 22.17 48.07 19.14
N TRP K 69 22.08 46.74 19.24
CA TRP K 69 20.96 46.03 18.68
C TRP K 69 19.67 46.43 19.42
N LYS K 70 19.77 46.60 20.75
CA LYS K 70 18.61 46.99 21.54
C LYS K 70 18.09 48.38 21.15
N GLU K 71 18.98 49.27 20.74
CA GLU K 71 18.54 50.60 20.30
C GLU K 71 17.82 50.43 18.97
N ALA K 72 18.44 49.67 18.07
CA ALA K 72 17.87 49.40 16.76
C ALA K 72 16.48 48.77 16.91
N ARG K 73 16.34 47.88 17.87
CA ARG K 73 15.08 47.20 18.13
C ARG K 73 14.00 48.22 18.52
N LEU K 74 14.45 49.28 19.17
CA LEU K 74 13.54 50.31 19.65
C LEU K 74 13.34 51.53 18.76
N GLY K 75 13.86 51.48 17.54
CA GLY K 75 13.64 52.60 16.64
C GLY K 75 14.78 53.42 16.08
N ARG K 76 15.99 53.31 16.63
CA ARG K 76 17.11 54.11 16.12
C ARG K 76 17.26 53.91 14.62
N VAL K 77 17.07 54.98 13.86
CA VAL K 77 17.13 54.95 12.40
C VAL K 77 18.53 54.81 11.77
N ASP K 78 19.57 55.09 12.53
CA ASP K 78 20.95 55.02 12.04
C ASP K 78 21.75 53.86 12.65
N TRP K 79 21.12 52.71 12.82
CA TRP K 79 21.82 51.57 13.40
C TRP K 79 22.98 51.11 12.54
N ALA K 80 22.85 51.28 11.22
CA ALA K 80 23.89 50.88 10.27
C ALA K 80 25.16 51.71 10.41
N ALA K 81 25.06 53.02 10.21
CA ALA K 81 26.22 53.90 10.35
C ALA K 81 26.75 53.73 11.77
N ALA K 82 25.81 53.74 12.72
CA ALA K 82 26.14 53.60 14.13
C ALA K 82 27.00 52.36 14.35
N SER K 83 26.68 51.28 13.65
CA SER K 83 27.43 50.05 13.81
C SER K 83 28.86 50.18 13.28
N ARG K 84 29.02 50.87 12.15
CA ARG K 84 30.34 51.05 11.57
C ARG K 84 31.24 51.86 12.49
N HIS K 85 30.66 52.86 13.15
CA HIS K 85 31.42 53.66 14.07
C HIS K 85 31.94 52.75 15.17
N LEU K 86 31.00 52.01 15.78
CA LEU K 86 31.30 51.08 16.87
C LEU K 86 32.35 50.06 16.45
N LYS K 87 32.31 49.72 15.17
CA LYS K 87 33.26 48.77 14.58
C LYS K 87 34.70 49.26 14.80
N LYS K 88 35.02 50.42 14.23
CA LYS K 88 36.35 51.02 14.36
C LYS K 88 36.78 51.17 15.81
N VAL K 89 35.89 51.71 16.64
CA VAL K 89 36.19 51.94 18.04
C VAL K 89 36.66 50.68 18.77
N LEU K 90 35.92 49.59 18.60
CA LEU K 90 36.27 48.33 19.23
C LEU K 90 37.64 47.85 18.76
N SER K 91 37.95 48.14 17.50
CA SER K 91 39.22 47.75 16.90
C SER K 91 40.41 48.26 17.72
N SER K 92 40.41 49.57 17.95
CA SER K 92 41.46 50.25 18.67
C SER K 92 41.88 49.60 20.00
N PHE K 93 41.33 48.44 20.31
CA PHE K 93 41.64 47.77 21.57
C PHE K 93 42.31 46.41 21.44
N LYS K 94 43.10 46.06 22.45
CA LYS K 94 43.79 44.78 22.54
C LYS K 94 42.74 43.81 23.08
N VAL K 95 42.93 42.52 22.90
CA VAL K 95 41.98 41.55 23.41
C VAL K 95 42.69 40.47 24.23
N LEU K 96 42.40 40.41 25.52
CA LEU K 96 43.03 39.43 26.39
C LEU K 96 42.45 38.03 26.20
N GLU K 97 43.03 37.05 26.90
CA GLU K 97 42.59 35.66 26.77
C GLU K 97 41.29 35.41 27.52
N ASP K 98 40.51 34.46 27.03
CA ASP K 98 39.27 34.13 27.71
C ASP K 98 39.65 33.53 29.07
N PRO K 99 39.21 34.16 30.15
CA PRO K 99 39.50 33.68 31.51
C PRO K 99 39.07 32.24 31.75
N PRO K 100 39.62 31.61 32.79
CA PRO K 100 39.31 30.23 33.18
C PRO K 100 37.90 30.15 33.70
N LEU K 101 36.96 29.73 32.87
CA LEU K 101 35.56 29.63 33.29
C LEU K 101 35.51 29.07 34.71
N ASP K 102 36.45 28.19 35.00
CA ASP K 102 36.55 27.56 36.31
C ASP K 102 36.41 28.58 37.46
N GLU K 103 37.27 29.58 37.42
CA GLU K 103 37.31 30.59 38.46
C GLU K 103 36.42 31.80 38.31
N VAL K 104 36.24 32.30 37.10
CA VAL K 104 35.37 33.46 36.93
C VAL K 104 34.02 33.19 37.59
N LEU K 105 33.66 31.91 37.68
CA LEU K 105 32.40 31.51 38.27
C LEU K 105 32.50 31.55 39.79
N ARG K 106 33.66 31.17 40.31
CA ARG K 106 33.92 31.17 41.76
C ARG K 106 33.73 32.58 42.32
N VAL K 107 34.25 33.56 41.57
CA VAL K 107 34.15 34.97 41.93
C VAL K 107 32.67 35.34 42.13
N ALA K 108 31.90 35.17 41.06
CA ALA K 108 30.47 35.47 41.09
C ALA K 108 29.78 34.87 42.31
N VAL K 109 29.84 33.54 42.46
CA VAL K 109 29.20 32.89 43.60
C VAL K 109 29.58 33.51 44.95
N GLU K 110 30.83 33.95 45.07
CA GLU K 110 31.33 34.56 46.30
C GLU K 110 31.03 36.06 46.36
N ARG K 111 31.17 36.74 45.23
CA ARG K 111 30.93 38.18 45.17
C ARG K 111 29.53 38.59 44.70
N GLY K 112 28.61 37.63 44.67
CA GLY K 112 27.24 37.90 44.23
C GLY K 112 27.10 38.64 42.92
N LEU K 113 28.03 38.41 41.99
CA LEU K 113 27.99 39.06 40.69
C LEU K 113 27.49 38.08 39.64
N THR K 114 27.33 38.58 38.41
CA THR K 114 26.90 37.72 37.31
C THR K 114 28.19 37.19 36.72
N PHE K 115 28.11 36.10 35.97
CA PHE K 115 29.30 35.54 35.37
C PHE K 115 29.99 36.57 34.46
N TYR K 116 29.20 37.30 33.67
CA TYR K 116 29.74 38.31 32.76
C TYR K 116 30.60 39.38 33.43
N ASP K 117 30.14 39.90 34.56
CA ASP K 117 30.88 40.94 35.28
C ASP K 117 32.00 40.29 36.06
N ALA K 118 31.68 39.20 36.75
CA ALA K 118 32.66 38.45 37.54
C ALA K 118 33.81 38.02 36.66
N SER K 119 33.70 38.28 35.36
CA SER K 119 34.75 37.91 34.42
C SER K 119 35.78 39.02 34.43
N TYR K 120 35.31 40.26 34.33
CA TYR K 120 36.22 41.40 34.35
C TYR K 120 36.87 41.57 35.72
N ALA K 121 36.27 40.97 36.74
CA ALA K 121 36.81 41.03 38.08
C ALA K 121 38.01 40.11 38.17
N TYR K 122 37.82 38.86 37.77
CA TYR K 122 38.89 37.87 37.83
C TYR K 122 40.07 38.22 36.93
N VAL K 123 39.78 38.73 35.74
CA VAL K 123 40.83 39.10 34.81
C VAL K 123 41.63 40.23 35.37
N ALA K 124 40.95 41.34 35.66
CA ALA K 124 41.60 42.53 36.20
C ALA K 124 42.45 42.24 37.46
N GLU K 125 41.94 41.39 38.35
CA GLU K 125 42.67 41.04 39.58
C GLU K 125 43.86 40.08 39.46
N SER K 126 43.74 39.03 38.65
CA SER K 126 44.85 38.08 38.50
C SER K 126 45.90 38.66 37.54
N SER K 127 45.47 39.65 36.78
CA SER K 127 46.35 40.31 35.81
C SER K 127 46.66 41.74 36.24
N GLY K 128 46.43 42.03 37.52
CA GLY K 128 46.68 43.35 38.06
C GLY K 128 46.39 44.48 37.09
N LEU K 129 45.13 44.65 36.74
CA LEU K 129 44.74 45.71 35.83
C LEU K 129 43.77 46.65 36.50
N VAL K 130 43.43 47.75 35.81
CA VAL K 130 42.52 48.74 36.34
C VAL K 130 41.24 48.81 35.53
N LEU K 131 40.23 48.06 35.97
CA LEU K 131 38.95 47.99 35.29
C LEU K 131 38.28 49.36 35.16
N VAL K 132 37.82 49.67 33.95
CA VAL K 132 37.13 50.92 33.67
C VAL K 132 35.63 50.57 33.50
N THR K 133 34.94 50.41 34.62
CA THR K 133 33.52 50.06 34.63
C THR K 133 32.56 51.19 34.99
N GLN K 134 31.53 51.35 34.17
CA GLN K 134 30.50 52.36 34.39
C GLN K 134 29.42 51.76 35.30
N ASP K 135 29.67 50.54 35.74
CA ASP K 135 28.75 49.79 36.60
C ASP K 135 29.16 49.95 38.07
N ARG K 136 28.41 50.78 38.78
CA ARG K 136 28.67 51.08 40.18
C ARG K 136 28.87 49.87 41.09
N GLU K 137 28.04 48.85 40.96
CA GLU K 137 28.13 47.64 41.79
C GLU K 137 29.44 46.88 41.54
N LEU K 138 29.95 46.98 40.31
CA LEU K 138 31.19 46.30 39.98
C LEU K 138 32.32 47.25 40.27
N LEU K 139 32.09 48.52 39.97
CA LEU K 139 33.08 49.56 40.18
C LEU K 139 33.52 49.50 41.64
N ALA K 140 32.66 48.94 42.48
CA ALA K 140 32.94 48.84 43.90
C ALA K 140 33.41 47.47 44.39
N LYS K 141 33.41 46.48 43.51
CA LYS K 141 33.85 45.15 43.89
C LYS K 141 35.15 44.78 43.17
N THR K 142 35.52 45.63 42.21
CA THR K 142 36.72 45.46 41.41
C THR K 142 37.83 46.42 41.86
N LYS K 143 38.59 45.98 42.86
CA LYS K 143 39.71 46.75 43.42
C LYS K 143 40.43 47.55 42.34
N GLY K 144 40.71 48.81 42.62
CA GLY K 144 41.40 49.63 41.65
C GLY K 144 40.54 50.14 40.50
N ALA K 145 39.27 49.76 40.49
CA ALA K 145 38.39 50.21 39.43
C ALA K 145 38.07 51.69 39.51
N ILE K 146 37.99 52.33 38.35
CA ILE K 146 37.67 53.75 38.25
C ILE K 146 36.67 53.76 37.11
N ASP K 147 36.18 54.93 36.74
CA ASP K 147 35.22 55.00 35.66
C ASP K 147 35.78 55.72 34.45
N VAL K 148 34.91 55.95 33.47
CA VAL K 148 35.27 56.63 32.23
C VAL K 148 35.57 58.11 32.44
N GLU K 149 34.84 58.74 33.36
CA GLU K 149 35.06 60.14 33.64
C GLU K 149 36.49 60.27 34.16
N THR K 150 36.84 59.38 35.08
CA THR K 150 38.16 59.33 35.70
C THR K 150 39.27 58.96 34.70
N LEU K 151 38.93 58.14 33.70
CA LEU K 151 39.91 57.73 32.70
C LEU K 151 40.39 58.91 31.83
N LEU K 152 39.48 59.48 31.05
CA LEU K 152 39.81 60.59 30.16
C LEU K 152 40.77 61.62 30.74
N VAL K 153 40.51 62.04 31.98
CA VAL K 153 41.37 63.02 32.61
C VAL K 153 42.67 62.37 33.12
N ARG K 154 42.56 61.15 33.65
CA ARG K 154 43.72 60.43 34.17
C ARG K 154 44.76 60.18 33.08
N LEU K 155 44.37 60.40 31.83
CA LEU K 155 45.28 60.19 30.70
C LEU K 155 45.91 61.52 30.28
N ALA K 156 45.47 62.62 30.91
CA ALA K 156 45.99 63.95 30.61
C ALA K 156 47.45 64.07 31.03
N ALA K 157 47.74 63.61 32.25
CA ALA K 157 49.08 63.64 32.82
C ALA K 157 49.98 62.58 32.18
N GLN K 158 49.97 62.54 30.85
CA GLN K 158 50.80 61.59 30.09
C GLN K 158 50.88 62.00 28.64
N ALA L 27 39.44 19.65 8.99
CA ALA L 27 39.03 21.05 9.28
C ALA L 27 37.69 21.11 10.02
N VAL L 28 37.39 22.28 10.57
CA VAL L 28 36.15 22.48 11.29
C VAL L 28 34.97 22.37 10.30
N GLU L 29 33.94 21.64 10.74
CA GLU L 29 32.73 21.42 9.94
C GLU L 29 31.50 21.95 10.67
N TYR L 30 31.55 22.00 12.00
CA TYR L 30 30.41 22.49 12.79
C TYR L 30 30.74 23.60 13.78
N LEU L 31 29.90 24.63 13.80
CA LEU L 31 30.03 25.72 14.76
C LEU L 31 28.98 25.39 15.84
N VAL L 32 29.41 25.26 17.07
CA VAL L 32 28.51 24.93 18.16
C VAL L 32 28.20 26.18 18.99
N ASP L 33 26.96 26.33 19.44
CA ASP L 33 26.63 27.47 20.27
C ASP L 33 26.51 26.99 21.71
N ALA L 34 26.19 27.90 22.61
CA ALA L 34 26.13 27.55 24.01
C ALA L 34 25.08 26.52 24.40
N SER L 35 23.88 26.60 23.83
CA SER L 35 22.86 25.62 24.20
C SER L 35 23.23 24.21 23.74
N ALA L 36 23.93 24.12 22.61
CA ALA L 36 24.35 22.83 22.08
C ALA L 36 25.45 22.27 22.95
N LEU L 37 26.39 23.15 23.28
CA LEU L 37 27.54 22.83 24.12
C LEU L 37 27.04 22.22 25.43
N TYR L 38 26.08 22.90 26.04
CA TYR L 38 25.50 22.45 27.30
C TYR L 38 24.95 21.02 27.23
N ALA L 39 24.24 20.73 26.15
CA ALA L 39 23.68 19.40 25.96
C ALA L 39 24.80 18.41 25.62
N LEU L 40 25.69 18.81 24.73
CA LEU L 40 26.79 17.94 24.32
C LEU L 40 27.62 17.47 25.51
N ALA L 41 27.78 18.34 26.51
CA ALA L 41 28.56 18.04 27.71
C ALA L 41 28.16 16.75 28.42
N ALA L 42 26.96 16.23 28.12
CA ALA L 42 26.51 15.01 28.76
C ALA L 42 26.66 13.82 27.82
N HIS L 43 27.51 13.98 26.81
CA HIS L 43 27.73 12.94 25.83
C HIS L 43 29.18 12.98 25.40
N TYR L 44 30.06 13.45 26.27
CA TYR L 44 31.49 13.56 25.96
C TYR L 44 32.03 12.46 25.01
N ASP L 45 32.00 11.21 25.46
CA ASP L 45 32.51 10.06 24.70
C ASP L 45 32.08 10.02 23.24
N LYS L 46 30.80 10.25 23.02
CA LYS L 46 30.23 10.22 21.69
C LYS L 46 30.82 11.20 20.68
N TRP L 47 31.43 12.29 21.13
CA TRP L 47 31.96 13.25 20.16
C TRP L 47 33.43 13.68 20.27
N ILE L 48 34.09 13.39 21.39
CA ILE L 48 35.49 13.79 21.54
C ILE L 48 36.41 13.40 20.41
N LYS L 49 36.25 12.18 19.91
CA LYS L 49 37.09 11.70 18.81
C LYS L 49 36.89 12.56 17.56
N HIS L 50 35.74 13.22 17.46
CA HIS L 50 35.42 14.08 16.31
C HIS L 50 35.73 15.54 16.57
N ARG L 51 36.27 15.83 17.76
CA ARG L 51 36.60 17.20 18.16
C ARG L 51 37.24 18.12 17.11
N GLU L 52 38.05 17.56 16.20
CA GLU L 52 38.69 18.38 15.18
C GLU L 52 37.66 19.05 14.28
N LYS L 53 36.48 18.44 14.16
CA LYS L 53 35.42 18.98 13.33
C LYS L 53 34.61 20.09 14.00
N LEU L 54 34.54 20.04 15.33
CA LEU L 54 33.79 20.99 16.17
C LEU L 54 34.48 22.31 16.55
N ALA L 55 33.79 23.42 16.34
CA ALA L 55 34.33 24.73 16.71
C ALA L 55 33.29 25.61 17.44
N ILE L 56 33.77 26.55 18.27
CA ILE L 56 32.89 27.47 18.99
C ILE L 56 33.40 28.89 18.86
N LEU L 57 32.61 29.85 19.34
CA LEU L 57 33.02 31.26 19.32
C LEU L 57 33.51 31.61 20.73
N HIS L 58 34.19 32.74 20.90
CA HIS L 58 34.66 33.17 22.22
C HIS L 58 33.45 33.43 23.14
N LEU L 59 32.43 34.03 22.55
CA LEU L 59 31.20 34.33 23.27
C LEU L 59 30.74 33.09 24.02
N THR L 60 30.78 31.95 23.35
CA THR L 60 30.33 30.68 23.92
C THR L 60 30.80 30.38 25.35
N ILE L 61 32.06 30.67 25.65
CA ILE L 61 32.58 30.39 26.98
C ILE L 61 31.81 31.15 28.06
N TYR L 62 31.49 32.41 27.79
CA TYR L 62 30.76 33.20 28.76
C TYR L 62 29.32 32.74 28.88
N GLU L 63 28.67 32.55 27.74
CA GLU L 63 27.29 32.07 27.76
C GLU L 63 27.17 30.75 28.53
N ALA L 64 28.13 29.85 28.36
CA ALA L 64 28.07 28.58 29.07
C ALA L 64 28.24 28.86 30.54
N GLY L 65 29.19 29.73 30.85
CA GLY L 65 29.43 30.08 32.25
C GLY L 65 28.19 30.66 32.88
N ASN L 66 27.65 31.71 32.26
CA ASN L 66 26.45 32.37 32.77
C ASN L 66 25.32 31.38 33.07
N ALA L 67 25.14 30.42 32.18
CA ALA L 67 24.11 29.41 32.36
C ALA L 67 24.38 28.54 33.58
N LEU L 68 25.66 28.23 33.83
CA LEU L 68 25.98 27.39 34.99
C LEU L 68 25.85 28.28 36.22
N TRP L 69 26.19 29.55 36.07
CA TRP L 69 26.07 30.49 37.17
C TRP L 69 24.62 30.51 37.69
N LYS L 70 23.66 30.62 36.77
CA LYS L 70 22.25 30.67 37.16
C LYS L 70 21.78 29.46 37.96
N GLU L 71 22.34 28.29 37.67
CA GLU L 71 21.98 27.10 38.40
C GLU L 71 22.63 27.14 39.77
N ALA L 72 23.79 27.78 39.86
CA ALA L 72 24.47 27.91 41.16
C ALA L 72 23.53 28.76 42.01
N ARG L 73 23.28 29.98 41.52
CA ARG L 73 22.39 30.92 42.17
C ARG L 73 21.11 30.25 42.67
N LEU L 74 20.59 29.32 41.86
CA LEU L 74 19.35 28.64 42.21
C LEU L 74 19.43 27.44 43.15
N GLY L 75 20.60 27.21 43.73
CA GLY L 75 20.75 26.14 44.69
C GLY L 75 21.51 24.89 44.30
N ARG L 76 22.08 24.88 43.10
CA ARG L 76 22.83 23.72 42.67
C ARG L 76 24.08 23.58 43.52
N VAL L 77 24.10 22.50 44.29
CA VAL L 77 25.18 22.16 45.21
C VAL L 77 26.57 21.90 44.62
N ASP L 78 26.64 21.11 43.55
CA ASP L 78 27.92 20.77 42.91
C ASP L 78 28.37 21.73 41.82
N TRP L 79 27.99 23.00 41.94
CA TRP L 79 28.37 23.97 40.92
C TRP L 79 29.87 24.00 40.71
N ALA L 80 30.62 23.80 41.79
CA ALA L 80 32.08 23.80 41.72
C ALA L 80 32.63 22.67 40.82
N ALA L 81 32.20 21.45 41.11
CA ALA L 81 32.61 20.30 40.33
C ALA L 81 32.20 20.50 38.87
N ALA L 82 30.91 20.77 38.68
CA ALA L 82 30.33 21.00 37.38
C ALA L 82 31.11 21.98 36.54
N SER L 83 31.51 23.10 37.15
CA SER L 83 32.25 24.13 36.42
C SER L 83 33.54 23.59 35.82
N ARG L 84 34.19 22.68 36.55
CA ARG L 84 35.43 22.07 36.11
C ARG L 84 35.17 21.19 34.89
N HIS L 85 34.14 20.34 35.01
CA HIS L 85 33.75 19.45 33.92
C HIS L 85 33.37 20.27 32.69
N LEU L 86 32.76 21.43 32.93
CA LEU L 86 32.34 22.32 31.85
C LEU L 86 33.58 22.95 31.20
N LYS L 87 34.60 23.21 32.01
CA LYS L 87 35.85 23.79 31.53
C LYS L 87 36.56 22.79 30.63
N LYS L 88 36.48 21.52 31.04
CA LYS L 88 37.09 20.44 30.28
C LYS L 88 36.39 20.40 28.92
N VAL L 89 35.08 20.17 28.93
CA VAL L 89 34.29 20.11 27.71
C VAL L 89 34.63 21.31 26.82
N LEU L 90 34.54 22.51 27.39
CA LEU L 90 34.83 23.71 26.63
C LEU L 90 36.20 23.74 25.94
N SER L 91 37.22 23.19 26.58
CA SER L 91 38.58 23.18 26.03
C SER L 91 38.77 22.32 24.80
N SER L 92 37.94 21.29 24.65
CA SER L 92 38.03 20.38 23.51
C SER L 92 37.72 21.02 22.16
N PHE L 93 36.99 22.14 22.17
CA PHE L 93 36.61 22.76 20.92
C PHE L 93 37.58 23.78 20.38
N LYS L 94 37.61 23.89 19.05
CA LYS L 94 38.44 24.87 18.38
C LYS L 94 37.69 26.17 18.59
N VAL L 95 38.40 27.31 18.54
CA VAL L 95 37.74 28.59 18.75
C VAL L 95 37.98 29.56 17.61
N LEU L 96 36.96 29.75 16.77
CA LEU L 96 37.06 30.65 15.63
C LEU L 96 37.23 32.10 16.05
N GLU L 97 37.48 32.96 15.05
CA GLU L 97 37.68 34.38 15.26
C GLU L 97 36.36 35.07 15.55
N ASP L 98 36.42 36.25 16.16
CA ASP L 98 35.23 37.02 16.43
C ASP L 98 34.86 37.67 15.10
N PRO L 99 33.57 37.64 14.76
CA PRO L 99 33.06 38.21 13.51
C PRO L 99 33.20 39.74 13.48
N PRO L 100 32.65 40.36 12.43
CA PRO L 100 32.69 41.83 12.30
C PRO L 100 31.38 42.35 12.88
N LEU L 101 31.41 42.92 14.09
CA LEU L 101 30.21 43.47 14.74
C LEU L 101 29.25 43.99 13.68
N ASP L 102 29.87 44.64 12.71
CA ASP L 102 29.25 45.22 11.54
C ASP L 102 28.14 44.34 10.92
N GLU L 103 28.52 43.14 10.49
CA GLU L 103 27.61 42.21 9.83
C GLU L 103 26.63 41.47 10.75
N VAL L 104 27.10 41.03 11.91
CA VAL L 104 26.23 40.33 12.85
C VAL L 104 24.97 41.13 13.13
N LEU L 105 25.14 42.44 13.30
CA LEU L 105 24.03 43.32 13.62
C LEU L 105 23.02 43.42 12.48
N ARG L 106 23.50 43.25 11.25
CA ARG L 106 22.62 43.34 10.09
C ARG L 106 21.72 42.10 9.97
N VAL L 107 22.24 40.96 10.43
CA VAL L 107 21.47 39.72 10.36
C VAL L 107 20.45 39.76 11.48
N ALA L 108 20.90 40.19 12.66
CA ALA L 108 20.03 40.29 13.83
C ALA L 108 18.80 41.09 13.44
N VAL L 109 19.06 42.27 12.87
CA VAL L 109 18.01 43.18 12.43
C VAL L 109 17.12 42.56 11.34
N GLU L 110 17.75 42.03 10.30
CA GLU L 110 16.98 41.47 9.21
C GLU L 110 16.23 40.21 9.58
N ARG L 111 16.78 39.39 10.47
CA ARG L 111 16.09 38.16 10.84
C ARG L 111 15.40 38.16 12.20
N GLY L 112 15.55 39.24 12.96
CA GLY L 112 14.91 39.27 14.27
C GLY L 112 15.56 38.32 15.26
N LEU L 113 16.88 38.47 15.40
CA LEU L 113 17.69 37.67 16.30
C LEU L 113 18.46 38.62 17.19
N THR L 114 18.65 38.26 18.44
CA THR L 114 19.41 39.14 19.33
C THR L 114 20.80 39.18 18.71
N PHE L 115 21.67 40.07 19.17
CA PHE L 115 23.01 40.13 18.60
C PHE L 115 23.74 38.79 18.84
N TYR L 116 23.65 38.27 20.06
CA TYR L 116 24.29 37.01 20.41
C TYR L 116 23.94 35.89 19.44
N ASP L 117 22.66 35.65 19.23
CA ASP L 117 22.23 34.59 18.34
C ASP L 117 22.56 34.81 16.88
N ALA L 118 22.58 36.07 16.48
CA ALA L 118 22.88 36.40 15.09
C ALA L 118 24.37 36.19 14.86
N SER L 119 25.15 36.19 15.94
CA SER L 119 26.58 35.97 15.79
C SER L 119 26.81 34.61 15.17
N TYR L 120 26.33 33.57 15.84
CA TYR L 120 26.48 32.21 15.34
C TYR L 120 25.91 32.05 13.94
N ALA L 121 24.71 32.58 13.69
CA ALA L 121 24.12 32.45 12.36
C ALA L 121 25.06 33.01 11.31
N TYR L 122 25.60 34.20 11.56
CA TYR L 122 26.52 34.83 10.61
C TYR L 122 27.77 34.01 10.30
N VAL L 123 28.53 33.66 11.34
CA VAL L 123 29.75 32.87 11.16
C VAL L 123 29.47 31.52 10.48
N ALA L 124 28.44 30.82 10.94
CA ALA L 124 28.11 29.52 10.35
C ALA L 124 27.84 29.67 8.85
N GLU L 125 27.07 30.69 8.47
CA GLU L 125 26.76 30.90 7.07
C GLU L 125 27.93 31.49 6.27
N SER L 126 28.53 32.56 6.76
CA SER L 126 29.63 33.17 6.02
C SER L 126 30.83 32.24 5.90
N SER L 127 30.98 31.31 6.85
CA SER L 127 32.11 30.37 6.82
C SER L 127 31.74 28.99 6.27
N GLY L 128 30.51 28.86 5.77
CA GLY L 128 30.07 27.59 5.23
C GLY L 128 30.15 26.45 6.23
N LEU L 129 29.74 26.71 7.47
CA LEU L 129 29.74 25.68 8.51
C LEU L 129 28.30 25.37 8.87
N VAL L 130 28.10 24.23 9.51
CA VAL L 130 26.77 23.84 9.95
C VAL L 130 26.71 24.22 11.42
N LEU L 131 25.76 25.09 11.75
CA LEU L 131 25.58 25.54 13.11
C LEU L 131 24.90 24.41 13.88
N VAL L 132 25.34 24.17 15.11
CA VAL L 132 24.69 23.16 15.94
C VAL L 132 24.11 23.97 17.10
N THR L 133 22.78 24.06 17.13
CA THR L 133 22.09 24.83 18.14
C THR L 133 20.90 24.07 18.68
N GLN L 134 20.48 24.47 19.87
CA GLN L 134 19.36 23.84 20.53
C GLN L 134 18.16 24.77 20.44
N ASP L 135 18.45 25.99 20.00
CA ASP L 135 17.44 27.03 19.88
C ASP L 135 16.60 26.86 18.60
N ARG L 136 15.30 26.61 18.76
CA ARG L 136 14.40 26.43 17.63
C ARG L 136 14.39 27.64 16.70
N GLU L 137 14.58 28.83 17.28
CA GLU L 137 14.60 30.07 16.53
C GLU L 137 15.80 30.08 15.59
N LEU L 138 16.99 29.89 16.16
CA LEU L 138 18.20 29.88 15.35
C LEU L 138 18.14 28.77 14.32
N LEU L 139 17.63 27.61 14.71
CA LEU L 139 17.52 26.49 13.78
C LEU L 139 16.81 26.94 12.53
N ALA L 140 15.61 27.48 12.71
CA ALA L 140 14.79 27.93 11.60
C ALA L 140 15.28 29.17 10.86
N LYS L 141 16.22 29.91 11.41
CA LYS L 141 16.66 31.11 10.72
C LYS L 141 18.10 31.07 10.23
N THR L 142 18.77 29.95 10.50
CA THR L 142 20.14 29.75 10.06
C THR L 142 20.14 28.63 9.01
N LYS L 143 20.69 28.88 7.84
CA LYS L 143 20.72 27.88 6.78
C LYS L 143 21.51 26.61 7.12
N GLY L 144 20.81 25.48 7.09
CA GLY L 144 21.42 24.19 7.35
C GLY L 144 21.76 23.87 8.78
N ALA L 145 21.25 24.67 9.72
CA ALA L 145 21.52 24.48 11.14
C ALA L 145 20.87 23.19 11.62
N ILE L 146 21.47 22.55 12.62
CA ILE L 146 20.93 21.30 13.15
C ILE L 146 21.01 21.30 14.68
N ASP L 147 20.25 20.43 15.31
CA ASP L 147 20.27 20.35 16.77
C ASP L 147 21.34 19.35 17.22
N VAL L 148 21.46 19.12 18.52
CA VAL L 148 22.50 18.20 19.01
C VAL L 148 22.26 16.75 18.64
N GLU L 149 21.00 16.34 18.64
CA GLU L 149 20.64 14.98 18.30
C GLU L 149 21.07 14.67 16.86
N THR L 150 21.05 15.69 16.01
CA THR L 150 21.41 15.52 14.61
C THR L 150 22.91 15.53 14.33
N LEU L 151 23.67 16.09 15.27
CA LEU L 151 25.11 16.12 15.12
C LEU L 151 25.61 14.71 15.44
N LEU L 152 25.12 14.21 16.57
CA LEU L 152 25.48 12.88 17.04
C LEU L 152 25.26 11.80 15.99
N VAL L 153 24.13 11.82 15.28
CA VAL L 153 23.91 10.80 14.26
C VAL L 153 24.84 11.03 13.07
N ARG L 154 25.08 12.28 12.68
CA ARG L 154 25.97 12.50 11.56
C ARG L 154 27.39 12.03 11.89
N LEU L 155 27.76 12.13 13.17
CA LEU L 155 29.08 11.72 13.64
C LEU L 155 29.23 10.21 13.82
N ALA L 156 28.15 9.53 14.18
CA ALA L 156 28.19 8.09 14.39
C ALA L 156 28.15 7.31 13.08
N ALA L 157 27.98 8.03 11.97
CA ALA L 157 27.92 7.41 10.65
C ALA L 157 29.30 7.52 9.99
N GLN L 158 30.07 8.51 10.42
CA GLN L 158 31.41 8.75 9.90
C GLN L 158 32.36 7.63 10.34
#